data_2M4H
#
_entry.id   2M4H
#
_entity_poly.entity_id   1
_entity_poly.type   'polypeptide(L)'
_entity_poly.pdbx_seq_one_letter_code
;IGTYRGRGVALTDDEYDEWREHNASRKLDLSVEDFLMLRHRAALGADDNDAVKFRSWWNSRTKMANDYEDV
;
_entity_poly.pdbx_strand_id   A
#
# COMPACT_ATOMS: atom_id res chain seq x y z
N GLY A 2 -3.54 -8.46 8.68
CA GLY A 2 -2.95 -7.16 8.27
C GLY A 2 -3.18 -6.08 9.31
N THR A 3 -2.78 -4.85 9.01
CA THR A 3 -2.96 -3.74 9.93
C THR A 3 -4.43 -3.32 10.06
N TYR A 4 -4.75 -2.13 9.55
CA TYR A 4 -6.02 -1.48 9.82
C TYR A 4 -6.22 -0.40 8.78
N ARG A 5 -7.11 0.54 9.07
CA ARG A 5 -7.20 1.79 8.33
C ARG A 5 -8.00 2.81 9.11
N GLY A 6 -7.60 4.08 9.01
CA GLY A 6 -8.35 5.15 9.63
C GLY A 6 -8.05 5.33 11.11
N ARG A 7 -7.77 4.23 11.79
CA ARG A 7 -7.57 4.24 13.24
C ARG A 7 -6.17 4.72 13.62
N GLY A 8 -5.72 5.79 13.00
CA GLY A 8 -4.40 6.29 13.28
C GLY A 8 -3.33 5.33 12.79
N VAL A 9 -3.69 4.57 11.75
CA VAL A 9 -2.81 3.54 11.22
C VAL A 9 -1.38 3.99 11.03
N ALA A 10 -0.49 3.18 11.53
CA ALA A 10 0.93 3.39 11.40
C ALA A 10 1.50 2.40 10.40
N LEU A 11 0.73 1.31 10.17
CA LEU A 11 1.07 0.33 9.14
C LEU A 11 2.42 -0.33 9.50
N THR A 12 2.81 -1.39 8.78
CA THR A 12 4.13 -1.95 9.00
C THR A 12 5.22 -0.91 8.72
N ASP A 13 6.42 -1.17 9.21
CA ASP A 13 7.46 -0.16 9.25
C ASP A 13 7.82 0.36 7.87
N ASP A 14 8.08 -0.55 6.95
CA ASP A 14 8.55 -0.17 5.61
C ASP A 14 7.46 0.50 4.81
N GLU A 15 6.41 -0.25 4.53
CA GLU A 15 5.32 0.18 3.63
C GLU A 15 4.79 1.58 3.91
N TYR A 16 4.73 1.99 5.18
CA TYR A 16 4.23 3.32 5.51
C TYR A 16 5.19 4.37 4.95
N ASP A 17 6.46 4.24 5.30
CA ASP A 17 7.52 5.04 4.71
C ASP A 17 7.51 4.92 3.17
N GLU A 18 7.32 3.70 2.69
CA GLU A 18 7.30 3.43 1.26
C GLU A 18 6.04 4.00 0.60
N TRP A 19 5.02 4.29 1.40
CA TRP A 19 3.82 4.96 0.92
C TRP A 19 4.14 6.37 0.50
N ARG A 20 5.03 6.99 1.25
CA ARG A 20 5.52 8.32 0.92
C ARG A 20 6.22 8.28 -0.43
N GLU A 21 6.85 7.14 -0.72
CA GLU A 21 7.44 6.89 -2.03
C GLU A 21 6.35 6.59 -3.08
N HIS A 22 5.36 5.80 -2.68
CA HIS A 22 4.17 5.54 -3.50
C HIS A 22 3.57 6.86 -3.97
N ASN A 23 3.48 7.82 -3.06
CA ASN A 23 2.99 9.15 -3.36
C ASN A 23 3.78 9.76 -4.50
N ALA A 24 5.09 9.66 -4.39
CA ALA A 24 6.01 10.18 -5.38
C ALA A 24 5.89 9.43 -6.70
N SER A 25 6.13 8.12 -6.66
CA SER A 25 6.21 7.31 -7.86
C SER A 25 4.91 7.31 -8.67
N ARG A 26 3.77 7.18 -8.00
CA ARG A 26 2.49 7.11 -8.71
C ARG A 26 1.94 8.49 -9.02
N LYS A 27 2.72 9.52 -8.67
CA LYS A 27 2.45 10.89 -9.07
C LYS A 27 1.11 11.37 -8.52
N LEU A 28 0.70 10.77 -7.42
CA LEU A 28 -0.54 11.13 -6.77
C LEU A 28 -0.25 11.84 -5.46
N ASP A 29 -1.28 12.03 -4.67
CA ASP A 29 -1.18 12.69 -3.39
C ASP A 29 -2.15 12.01 -2.45
N LEU A 30 -1.84 10.76 -2.17
CA LEU A 30 -2.75 9.87 -1.48
C LEU A 30 -2.40 9.80 0.00
N SER A 31 -3.40 9.56 0.83
CA SER A 31 -3.16 9.40 2.24
C SER A 31 -2.79 7.96 2.53
N VAL A 32 -2.29 7.69 3.73
CA VAL A 32 -1.79 6.38 4.04
C VAL A 32 -2.90 5.35 3.99
N GLU A 33 -4.04 5.71 4.55
CA GLU A 33 -5.20 4.85 4.59
C GLU A 33 -5.43 4.21 3.22
N ASP A 34 -5.52 5.05 2.20
CA ASP A 34 -5.67 4.60 0.81
C ASP A 34 -4.59 3.61 0.43
N PHE A 35 -3.34 3.92 0.77
CA PHE A 35 -2.22 3.02 0.50
C PHE A 35 -2.45 1.70 1.17
N LEU A 36 -2.70 1.77 2.47
CA LEU A 36 -2.89 0.60 3.32
C LEU A 36 -3.97 -0.29 2.73
N MET A 37 -4.98 0.33 2.13
CA MET A 37 -6.03 -0.42 1.42
C MET A 37 -5.45 -1.16 0.23
N LEU A 38 -4.84 -0.38 -0.68
CA LEU A 38 -4.21 -0.93 -1.88
C LEU A 38 -3.34 -2.13 -1.56
N ARG A 39 -2.46 -1.98 -0.60
CA ARG A 39 -1.56 -3.06 -0.22
C ARG A 39 -2.32 -4.16 0.51
N HIS A 40 -3.17 -3.78 1.44
CA HIS A 40 -4.06 -4.71 2.13
C HIS A 40 -4.68 -5.69 1.13
N ARG A 41 -5.41 -5.18 0.17
CA ARG A 41 -6.13 -6.04 -0.76
C ARG A 41 -5.16 -6.94 -1.52
N ALA A 42 -4.11 -6.33 -2.05
CA ALA A 42 -3.07 -7.05 -2.79
C ALA A 42 -2.45 -8.15 -1.94
N ALA A 43 -1.92 -7.77 -0.79
CA ALA A 43 -1.31 -8.68 0.16
C ALA A 43 -2.27 -9.75 0.63
N LEU A 44 -3.47 -9.34 1.05
CA LEU A 44 -4.39 -10.27 1.71
C LEU A 44 -5.07 -11.15 0.67
N GLY A 45 -5.99 -10.59 -0.10
CA GLY A 45 -6.63 -11.34 -1.16
C GLY A 45 -7.85 -10.67 -1.74
N ALA A 46 -7.76 -9.37 -1.97
CA ALA A 46 -8.84 -8.61 -2.59
C ALA A 46 -8.33 -7.93 -3.85
N ASP A 47 -9.14 -7.91 -4.88
CA ASP A 47 -8.66 -7.48 -6.19
C ASP A 47 -9.42 -6.26 -6.71
N ASP A 48 -9.62 -5.27 -5.85
CA ASP A 48 -10.13 -3.97 -6.30
C ASP A 48 -9.09 -3.27 -7.16
N ASN A 49 -9.49 -2.82 -8.34
CA ASN A 49 -8.56 -2.31 -9.36
C ASN A 49 -7.49 -1.36 -8.83
N ASP A 50 -7.82 -0.46 -7.90
CA ASP A 50 -6.83 0.47 -7.38
C ASP A 50 -5.72 -0.31 -6.71
N ALA A 51 -6.15 -1.30 -5.97
CA ALA A 51 -5.26 -2.21 -5.29
C ALA A 51 -4.46 -3.06 -6.27
N VAL A 52 -5.07 -3.44 -7.39
CA VAL A 52 -4.39 -4.31 -8.34
C VAL A 52 -3.35 -3.53 -9.13
N LYS A 53 -3.70 -2.30 -9.49
CA LYS A 53 -2.77 -1.41 -10.16
C LYS A 53 -1.65 -1.00 -9.22
N PHE A 54 -1.98 -0.93 -7.93
CA PHE A 54 -0.98 -0.73 -6.90
C PHE A 54 -0.03 -1.92 -6.90
N ARG A 55 -0.62 -3.10 -6.80
CA ARG A 55 0.10 -4.35 -6.86
C ARG A 55 1.06 -4.37 -8.04
N SER A 56 0.51 -4.26 -9.24
CA SER A 56 1.31 -4.27 -10.47
C SER A 56 2.52 -3.34 -10.39
N TRP A 57 2.30 -2.09 -10.03
CA TRP A 57 3.39 -1.12 -9.92
C TRP A 57 4.36 -1.50 -8.80
N TRP A 58 3.82 -1.73 -7.62
CA TRP A 58 4.63 -1.94 -6.42
C TRP A 58 5.33 -3.30 -6.44
N ASN A 59 4.79 -4.24 -7.20
CA ASN A 59 5.34 -5.60 -7.23
C ASN A 59 6.32 -5.79 -8.37
N SER A 60 6.53 -4.76 -9.15
CA SER A 60 7.54 -4.82 -10.19
C SER A 60 8.84 -4.24 -9.64
N ARG A 61 8.69 -3.51 -8.55
CA ARG A 61 9.78 -2.74 -7.97
C ARG A 61 10.18 -3.29 -6.61
N THR A 62 9.21 -3.32 -5.72
CA THR A 62 9.43 -3.68 -4.33
C THR A 62 8.89 -5.05 -4.02
N LYS A 63 7.58 -5.20 -4.21
CA LYS A 63 6.83 -6.39 -3.84
C LYS A 63 6.61 -6.41 -2.34
N MET A 64 6.65 -5.20 -1.80
CA MET A 64 6.30 -4.89 -0.42
C MET A 64 6.92 -5.78 0.64
N ALA A 65 6.32 -5.63 1.79
CA ALA A 65 6.58 -6.40 2.97
C ALA A 65 5.23 -6.60 3.64
N ASN A 66 4.43 -7.43 2.97
CA ASN A 66 2.99 -7.63 3.25
C ASN A 66 2.67 -7.68 4.74
N ASP A 67 2.60 -6.50 5.35
CA ASP A 67 2.32 -6.35 6.77
C ASP A 67 3.33 -7.10 7.62
N TYR A 68 4.55 -7.29 7.10
CA TYR A 68 5.61 -7.89 7.88
C TYR A 68 6.49 -6.80 8.49
N GLY A 2 -1.99 -8.97 9.73
CA GLY A 2 -2.92 -7.92 9.29
C GLY A 2 -2.53 -6.55 9.81
N THR A 3 -3.27 -5.54 9.41
CA THR A 3 -3.09 -4.20 9.95
C THR A 3 -4.45 -3.55 10.13
N TYR A 4 -4.54 -2.27 9.86
CA TYR A 4 -5.77 -1.52 10.09
C TYR A 4 -5.90 -0.44 9.03
N ARG A 5 -6.85 0.47 9.24
CA ARG A 5 -6.94 1.69 8.47
C ARG A 5 -7.75 2.72 9.23
N GLY A 6 -7.31 3.98 9.18
CA GLY A 6 -8.06 5.06 9.81
C GLY A 6 -7.78 5.21 11.29
N ARG A 7 -7.52 4.10 11.97
CA ARG A 7 -7.33 4.12 13.43
C ARG A 7 -5.94 4.60 13.84
N GLY A 8 -5.49 5.71 13.27
CA GLY A 8 -4.17 6.20 13.57
C GLY A 8 -3.10 5.28 13.03
N VAL A 9 -3.46 4.55 11.98
CA VAL A 9 -2.57 3.56 11.38
C VAL A 9 -1.18 4.07 11.11
N ALA A 10 -0.23 3.28 11.54
CA ALA A 10 1.17 3.52 11.27
C ALA A 10 1.67 2.46 10.32
N LEU A 11 0.81 1.47 10.09
CA LEU A 11 1.08 0.37 9.16
C LEU A 11 2.36 -0.39 9.56
N THR A 12 2.72 -1.39 8.79
CA THR A 12 3.99 -2.06 8.98
C THR A 12 5.14 -1.09 8.67
N ASP A 13 6.35 -1.45 9.04
CA ASP A 13 7.46 -0.49 9.11
C ASP A 13 7.80 0.13 7.76
N ASP A 14 8.16 -0.69 6.80
CA ASP A 14 8.68 -0.19 5.53
C ASP A 14 7.56 0.37 4.66
N GLU A 15 6.51 -0.41 4.52
CA GLU A 15 5.36 -0.07 3.68
C GLU A 15 4.87 1.37 3.89
N TYR A 16 4.81 1.81 5.14
CA TYR A 16 4.31 3.16 5.44
C TYR A 16 5.25 4.22 4.88
N ASP A 17 6.51 4.17 5.30
CA ASP A 17 7.55 5.04 4.75
C ASP A 17 7.58 4.97 3.22
N GLU A 18 7.42 3.77 2.70
CA GLU A 18 7.48 3.57 1.26
C GLU A 18 6.17 4.01 0.59
N TRP A 19 5.10 4.17 1.38
CA TRP A 19 3.87 4.81 0.90
C TRP A 19 4.18 6.25 0.51
N ARG A 20 5.11 6.85 1.25
CA ARG A 20 5.57 8.18 0.93
C ARG A 20 6.24 8.17 -0.44
N GLU A 21 6.85 7.03 -0.77
CA GLU A 21 7.34 6.81 -2.14
C GLU A 21 6.20 6.48 -3.11
N HIS A 22 5.18 5.76 -2.63
CA HIS A 22 3.98 5.54 -3.46
C HIS A 22 3.43 6.89 -3.91
N ASN A 23 3.45 7.85 -2.99
CA ASN A 23 3.11 9.24 -3.28
C ASN A 23 3.95 9.75 -4.45
N ALA A 24 5.24 9.51 -4.35
CA ALA A 24 6.21 9.98 -5.34
C ALA A 24 6.06 9.25 -6.67
N SER A 25 6.23 7.94 -6.63
CA SER A 25 6.28 7.13 -7.83
C SER A 25 5.02 7.21 -8.68
N ARG A 26 3.86 7.31 -8.04
CA ARG A 26 2.61 7.30 -8.79
C ARG A 26 2.07 8.71 -9.04
N LYS A 27 2.84 9.71 -8.63
CA LYS A 27 2.53 11.13 -8.91
C LYS A 27 1.19 11.53 -8.32
N LEU A 28 0.77 10.82 -7.29
CA LEU A 28 -0.45 11.12 -6.59
C LEU A 28 -0.10 11.77 -5.25
N ASP A 29 -1.10 11.97 -4.43
CA ASP A 29 -0.91 12.63 -3.15
C ASP A 29 -1.77 11.91 -2.12
N LEU A 30 -1.90 10.62 -2.35
CA LEU A 30 -2.76 9.76 -1.56
C LEU A 30 -2.34 9.77 -0.09
N SER A 31 -3.30 9.60 0.78
CA SER A 31 -3.03 9.50 2.20
C SER A 31 -2.74 8.05 2.56
N VAL A 32 -2.31 7.79 3.78
CA VAL A 32 -1.84 6.46 4.12
C VAL A 32 -2.96 5.44 4.09
N GLU A 33 -4.12 5.82 4.62
CA GLU A 33 -5.26 4.90 4.66
C GLU A 33 -5.49 4.28 3.29
N ASP A 34 -5.56 5.13 2.27
CA ASP A 34 -5.69 4.69 0.89
C ASP A 34 -4.58 3.70 0.49
N PHE A 35 -3.34 3.98 0.91
CA PHE A 35 -2.23 3.06 0.63
C PHE A 35 -2.49 1.73 1.30
N LEU A 36 -2.80 1.81 2.59
CA LEU A 36 -3.00 0.65 3.42
C LEU A 36 -4.07 -0.22 2.81
N MET A 37 -5.07 0.39 2.18
CA MET A 37 -6.09 -0.36 1.45
C MET A 37 -5.48 -1.12 0.27
N LEU A 38 -4.86 -0.38 -0.64
CA LEU A 38 -4.22 -0.96 -1.82
C LEU A 38 -3.31 -2.12 -1.45
N ARG A 39 -2.41 -1.87 -0.52
CA ARG A 39 -1.46 -2.89 -0.11
C ARG A 39 -2.20 -4.03 0.59
N HIS A 40 -3.16 -3.67 1.43
CA HIS A 40 -4.06 -4.64 2.05
C HIS A 40 -4.62 -5.60 1.03
N ARG A 41 -5.42 -5.09 0.10
CA ARG A 41 -6.13 -5.98 -0.80
C ARG A 41 -5.13 -6.85 -1.56
N ALA A 42 -4.16 -6.20 -2.16
CA ALA A 42 -3.12 -6.84 -2.94
C ALA A 42 -2.41 -7.91 -2.13
N ALA A 43 -1.84 -7.53 -0.99
CA ALA A 43 -1.10 -8.45 -0.16
C ALA A 43 -1.97 -9.55 0.44
N LEU A 44 -3.21 -9.22 0.81
CA LEU A 44 -4.06 -10.18 1.51
C LEU A 44 -4.70 -11.15 0.53
N GLY A 45 -5.66 -10.66 -0.24
CA GLY A 45 -6.32 -11.50 -1.23
C GLY A 45 -7.55 -10.85 -1.82
N ALA A 46 -7.43 -9.57 -2.15
CA ALA A 46 -8.52 -8.83 -2.77
C ALA A 46 -8.00 -8.12 -4.02
N ASP A 47 -8.81 -8.11 -5.06
CA ASP A 47 -8.36 -7.64 -6.36
C ASP A 47 -9.20 -6.47 -6.88
N ASP A 48 -9.50 -5.52 -6.00
CA ASP A 48 -10.13 -4.27 -6.42
C ASP A 48 -9.13 -3.45 -7.22
N ASN A 49 -9.58 -2.90 -8.34
CA ASN A 49 -8.70 -2.27 -9.33
C ASN A 49 -7.62 -1.34 -8.75
N ASP A 50 -7.95 -0.49 -7.80
CA ASP A 50 -6.95 0.45 -7.29
C ASP A 50 -5.80 -0.34 -6.66
N ALA A 51 -6.18 -1.39 -5.98
CA ALA A 51 -5.25 -2.31 -5.38
C ALA A 51 -4.49 -3.12 -6.41
N VAL A 52 -5.11 -3.40 -7.57
CA VAL A 52 -4.43 -4.22 -8.56
C VAL A 52 -3.42 -3.38 -9.33
N LYS A 53 -3.77 -2.12 -9.56
CA LYS A 53 -2.87 -1.18 -10.18
C LYS A 53 -1.76 -0.82 -9.21
N PHE A 54 -2.05 -0.98 -7.93
CA PHE A 54 -1.04 -0.90 -6.89
C PHE A 54 -0.12 -2.10 -7.04
N ARG A 55 -0.71 -3.28 -6.95
CA ARG A 55 0.00 -4.54 -7.08
C ARG A 55 0.92 -4.56 -8.30
N SER A 56 0.35 -4.39 -9.49
CA SER A 56 1.11 -4.36 -10.74
C SER A 56 2.40 -3.54 -10.65
N TRP A 57 2.29 -2.27 -10.26
CA TRP A 57 3.45 -1.38 -10.16
C TRP A 57 4.32 -1.72 -8.96
N TRP A 58 3.69 -1.87 -7.81
CA TRP A 58 4.40 -2.01 -6.54
C TRP A 58 5.19 -3.30 -6.48
N ASN A 59 4.65 -4.35 -7.07
CA ASN A 59 5.29 -5.66 -7.04
C ASN A 59 6.32 -5.78 -8.14
N SER A 60 6.47 -4.72 -8.90
CA SER A 60 7.46 -4.69 -9.95
C SER A 60 8.72 -4.04 -9.40
N ARG A 61 8.53 -3.29 -8.33
CA ARG A 61 9.57 -2.46 -7.76
C ARG A 61 9.94 -2.91 -6.35
N THR A 62 8.97 -2.84 -5.46
CA THR A 62 9.17 -3.09 -4.04
C THR A 62 8.80 -4.51 -3.67
N LYS A 63 7.51 -4.81 -3.82
CA LYS A 63 6.94 -6.12 -3.49
C LYS A 63 6.73 -6.30 -2.00
N MET A 64 7.07 -5.25 -1.24
CA MET A 64 6.72 -5.09 0.18
C MET A 64 6.99 -6.31 1.06
N ALA A 65 6.40 -6.26 2.25
CA ALA A 65 6.50 -7.32 3.22
C ALA A 65 5.17 -7.49 3.91
N ASN A 66 4.13 -7.29 3.11
CA ASN A 66 2.73 -7.36 3.56
C ASN A 66 2.54 -6.65 4.91
N ASP A 67 2.75 -7.38 5.99
CA ASP A 67 2.79 -6.80 7.31
C ASP A 67 3.72 -7.62 8.20
N TYR A 68 4.77 -8.17 7.61
CA TYR A 68 5.70 -8.99 8.36
C TYR A 68 6.77 -8.12 9.02
N GLY A 2 -0.69 -9.02 9.25
CA GLY A 2 -1.17 -7.86 8.46
C GLY A 2 -1.12 -6.57 9.25
N THR A 3 -2.04 -5.66 8.96
CA THR A 3 -2.13 -4.40 9.67
C THR A 3 -3.59 -3.94 9.67
N TYR A 4 -3.81 -2.64 9.56
CA TYR A 4 -5.15 -2.05 9.71
C TYR A 4 -5.34 -0.92 8.73
N ARG A 5 -6.39 -0.15 8.93
CA ARG A 5 -6.58 1.12 8.25
C ARG A 5 -7.61 1.93 9.02
N GLY A 6 -7.45 3.26 9.01
CA GLY A 6 -8.39 4.13 9.71
C GLY A 6 -8.44 3.86 11.20
N ARG A 7 -7.28 3.86 11.85
CA ARG A 7 -7.21 3.63 13.29
C ARG A 7 -5.88 4.10 13.85
N GLY A 8 -5.38 5.20 13.32
CA GLY A 8 -4.08 5.68 13.71
C GLY A 8 -3.00 4.79 13.13
N VAL A 9 -3.32 4.20 11.98
CA VAL A 9 -2.41 3.25 11.33
C VAL A 9 -1.03 3.79 11.11
N ALA A 10 -0.08 3.01 11.55
CA ALA A 10 1.32 3.29 11.30
C ALA A 10 1.84 2.29 10.30
N LEU A 11 1.00 1.28 10.02
CA LEU A 11 1.29 0.27 9.02
C LEU A 11 2.59 -0.47 9.41
N THR A 12 3.02 -1.48 8.68
CA THR A 12 4.32 -2.06 8.94
C THR A 12 5.43 -1.05 8.63
N ASP A 13 6.64 -1.40 8.97
CA ASP A 13 7.77 -0.47 8.93
C ASP A 13 8.02 0.10 7.54
N ASP A 14 8.27 -0.77 6.59
CA ASP A 14 8.68 -0.35 5.26
C ASP A 14 7.57 0.42 4.54
N GLU A 15 6.46 -0.26 4.31
CA GLU A 15 5.42 0.23 3.41
C GLU A 15 4.85 1.60 3.78
N TYR A 16 4.84 1.96 5.06
CA TYR A 16 4.38 3.27 5.45
C TYR A 16 5.32 4.36 4.90
N ASP A 17 6.58 4.26 5.27
CA ASP A 17 7.63 5.09 4.69
C ASP A 17 7.62 5.01 3.16
N GLU A 18 7.47 3.79 2.65
CA GLU A 18 7.43 3.54 1.22
C GLU A 18 6.16 4.11 0.58
N TRP A 19 5.12 4.31 1.37
CA TRP A 19 3.88 4.95 0.89
C TRP A 19 4.18 6.38 0.50
N ARG A 20 5.07 7.00 1.25
CA ARG A 20 5.50 8.34 0.94
C ARG A 20 6.21 8.35 -0.41
N GLU A 21 6.88 7.25 -0.74
CA GLU A 21 7.43 7.08 -2.08
C GLU A 21 6.34 6.75 -3.09
N HIS A 22 5.38 5.92 -2.69
CA HIS A 22 4.18 5.66 -3.50
C HIS A 22 3.54 6.97 -3.94
N ASN A 23 3.56 7.95 -3.06
CA ASN A 23 3.08 9.29 -3.37
C ASN A 23 3.84 9.84 -4.57
N ALA A 24 5.15 9.79 -4.48
CA ALA A 24 6.02 10.27 -5.56
C ALA A 24 5.86 9.45 -6.83
N SER A 25 6.17 8.16 -6.75
CA SER A 25 6.25 7.29 -7.93
C SER A 25 4.95 7.23 -8.71
N ARG A 26 3.81 7.17 -8.03
CA ARG A 26 2.54 7.00 -8.73
C ARG A 26 1.89 8.33 -9.06
N LYS A 27 2.56 9.40 -8.66
CA LYS A 27 2.15 10.76 -9.00
C LYS A 27 0.73 11.04 -8.54
N LEU A 28 0.51 10.87 -7.24
CA LEU A 28 -0.80 11.02 -6.65
C LEU A 28 -0.65 11.73 -5.32
N ASP A 29 -1.74 11.85 -4.59
CA ASP A 29 -1.74 12.57 -3.34
C ASP A 29 -2.53 11.76 -2.33
N LEU A 30 -2.35 10.46 -2.42
CA LEU A 30 -3.08 9.51 -1.61
C LEU A 30 -2.65 9.60 -0.15
N SER A 31 -3.59 9.32 0.74
CA SER A 31 -3.29 9.27 2.16
C SER A 31 -2.78 7.89 2.53
N VAL A 32 -2.37 7.69 3.77
CA VAL A 32 -1.81 6.42 4.17
C VAL A 32 -2.88 5.35 4.14
N GLU A 33 -4.03 5.66 4.70
CA GLU A 33 -5.14 4.73 4.71
C GLU A 33 -5.40 4.21 3.31
N ASP A 34 -5.37 5.11 2.32
CA ASP A 34 -5.53 4.73 0.92
C ASP A 34 -4.46 3.73 0.49
N PHE A 35 -3.22 3.97 0.89
CA PHE A 35 -2.14 3.02 0.60
C PHE A 35 -2.48 1.69 1.24
N LEU A 36 -2.79 1.76 2.51
CA LEU A 36 -3.03 0.59 3.32
C LEU A 36 -4.19 -0.21 2.75
N MET A 37 -5.08 0.46 2.03
CA MET A 37 -6.16 -0.23 1.28
C MET A 37 -5.57 -1.07 0.16
N LEU A 38 -4.89 -0.39 -0.74
CA LEU A 38 -4.30 -1.01 -1.93
C LEU A 38 -3.45 -2.19 -1.55
N ARG A 39 -2.52 -1.95 -0.64
CA ARG A 39 -1.65 -2.98 -0.13
C ARG A 39 -2.44 -4.10 0.56
N HIS A 40 -3.33 -3.72 1.48
CA HIS A 40 -4.28 -4.65 2.10
C HIS A 40 -4.81 -5.63 1.08
N ARG A 41 -5.48 -5.14 0.07
CA ARG A 41 -6.19 -6.00 -0.84
C ARG A 41 -5.22 -6.93 -1.58
N ALA A 42 -4.02 -6.43 -1.82
CA ALA A 42 -2.96 -7.25 -2.42
C ALA A 42 -2.51 -8.35 -1.45
N ALA A 43 -2.05 -7.95 -0.27
CA ALA A 43 -1.64 -8.89 0.77
C ALA A 43 -2.74 -9.89 1.12
N LEU A 44 -3.94 -9.38 1.33
CA LEU A 44 -5.05 -10.21 1.80
C LEU A 44 -5.58 -11.08 0.66
N GLY A 45 -6.22 -10.45 -0.33
CA GLY A 45 -6.61 -11.17 -1.52
C GLY A 45 -7.82 -10.58 -2.23
N ALA A 46 -7.87 -9.26 -2.33
CA ALA A 46 -8.95 -8.59 -3.04
C ALA A 46 -8.42 -7.91 -4.30
N ASP A 47 -9.21 -7.98 -5.36
CA ASP A 47 -8.78 -7.47 -6.66
C ASP A 47 -9.52 -6.20 -7.04
N ASP A 48 -9.67 -5.30 -6.08
CA ASP A 48 -10.15 -3.97 -6.36
C ASP A 48 -9.10 -3.24 -7.20
N ASN A 49 -9.49 -2.82 -8.40
CA ASN A 49 -8.56 -2.24 -9.38
C ASN A 49 -7.50 -1.30 -8.79
N ASP A 50 -7.87 -0.43 -7.86
CA ASP A 50 -6.88 0.50 -7.30
C ASP A 50 -5.76 -0.29 -6.65
N ALA A 51 -6.17 -1.33 -5.96
CA ALA A 51 -5.26 -2.23 -5.30
C ALA A 51 -4.47 -3.07 -6.30
N VAL A 52 -5.10 -3.44 -7.41
CA VAL A 52 -4.44 -4.32 -8.36
C VAL A 52 -3.38 -3.56 -9.14
N LYS A 53 -3.68 -2.31 -9.47
CA LYS A 53 -2.71 -1.45 -10.12
C LYS A 53 -1.59 -1.11 -9.16
N PHE A 54 -1.94 -0.97 -7.89
CA PHE A 54 -0.93 -0.80 -6.84
C PHE A 54 -0.01 -1.99 -6.84
N ARG A 55 -0.60 -3.17 -6.68
CA ARG A 55 0.12 -4.43 -6.78
C ARG A 55 1.02 -4.44 -8.01
N SER A 56 0.41 -4.29 -9.17
CA SER A 56 1.13 -4.21 -10.44
C SER A 56 2.40 -3.35 -10.33
N TRP A 57 2.25 -2.11 -9.93
CA TRP A 57 3.37 -1.17 -9.83
C TRP A 57 4.33 -1.55 -8.71
N TRP A 58 3.79 -1.78 -7.53
CA TRP A 58 4.58 -1.93 -6.32
C TRP A 58 5.31 -3.27 -6.28
N ASN A 59 4.79 -4.26 -7.01
CA ASN A 59 5.37 -5.59 -7.00
C ASN A 59 6.32 -5.76 -8.16
N SER A 60 6.52 -4.69 -8.90
CA SER A 60 7.52 -4.70 -9.93
C SER A 60 8.84 -4.19 -9.37
N ARG A 61 8.73 -3.46 -8.28
CA ARG A 61 9.86 -2.79 -7.68
C ARG A 61 10.18 -3.38 -6.31
N THR A 62 9.23 -3.21 -5.40
CA THR A 62 9.40 -3.62 -4.01
C THR A 62 8.88 -5.02 -3.78
N LYS A 63 7.60 -5.20 -4.08
CA LYS A 63 6.88 -6.42 -3.78
C LYS A 63 6.60 -6.51 -2.29
N MET A 64 6.62 -5.33 -1.67
CA MET A 64 6.20 -5.09 -0.28
C MET A 64 6.71 -6.12 0.74
N ALA A 65 6.08 -6.08 1.92
CA ALA A 65 6.45 -6.91 3.04
C ALA A 65 5.33 -6.84 4.07
N ASN A 66 4.28 -7.63 3.82
CA ASN A 66 3.01 -7.61 4.57
C ASN A 66 3.16 -6.96 5.94
N ASP A 67 3.87 -7.60 6.84
CA ASP A 67 4.26 -6.95 8.09
C ASP A 67 5.57 -7.54 8.56
N TYR A 68 6.46 -7.78 7.60
CA TYR A 68 7.73 -8.39 7.88
C TYR A 68 8.84 -7.35 7.87
N GLY A 2 -1.37 -8.71 10.65
CA GLY A 2 -1.32 -7.59 9.68
C GLY A 2 -1.49 -6.25 10.36
N THR A 3 -2.08 -5.29 9.66
CA THR A 3 -2.33 -3.99 10.23
C THR A 3 -3.77 -3.58 9.99
N TYR A 4 -4.01 -2.30 9.83
CA TYR A 4 -5.36 -1.75 9.85
C TYR A 4 -5.49 -0.59 8.89
N ARG A 5 -6.49 0.25 9.19
CA ARG A 5 -6.71 1.50 8.53
C ARG A 5 -7.67 2.32 9.36
N GLY A 6 -7.51 3.63 9.38
CA GLY A 6 -8.43 4.46 10.13
C GLY A 6 -8.17 4.49 11.61
N ARG A 7 -6.97 4.91 12.00
CA ARG A 7 -6.58 4.92 13.41
C ARG A 7 -5.17 5.45 13.59
N GLY A 8 -4.80 6.40 12.75
CA GLY A 8 -3.43 6.85 12.74
C GLY A 8 -2.50 5.71 12.42
N VAL A 9 -3.03 4.77 11.62
CA VAL A 9 -2.33 3.55 11.25
C VAL A 9 -0.87 3.78 10.94
N ALA A 10 -0.05 2.99 11.59
CA ALA A 10 1.37 3.04 11.38
C ALA A 10 1.76 2.04 10.31
N LEU A 11 0.82 1.13 10.00
CA LEU A 11 1.02 0.14 8.95
C LEU A 11 2.24 -0.71 9.34
N THR A 12 2.73 -1.59 8.48
CA THR A 12 4.03 -2.18 8.73
C THR A 12 5.11 -1.11 8.53
N ASP A 13 6.30 -1.37 9.05
CA ASP A 13 7.33 -0.34 9.15
C ASP A 13 7.70 0.28 7.79
N ASP A 14 8.13 -0.56 6.87
CA ASP A 14 8.69 -0.08 5.61
C ASP A 14 7.63 0.55 4.70
N GLU A 15 6.61 -0.24 4.39
CA GLU A 15 5.54 0.16 3.47
C GLU A 15 4.97 1.56 3.74
N TYR A 16 4.84 1.92 5.00
CA TYR A 16 4.29 3.21 5.37
C TYR A 16 5.17 4.35 4.82
N ASP A 17 6.43 4.36 5.21
CA ASP A 17 7.41 5.28 4.64
C ASP A 17 7.40 5.17 3.11
N GLU A 18 7.29 3.95 2.62
CA GLU A 18 7.26 3.67 1.19
C GLU A 18 5.98 4.21 0.53
N TRP A 19 4.93 4.43 1.32
CA TRP A 19 3.71 5.06 0.82
C TRP A 19 4.01 6.48 0.40
N ARG A 20 4.86 7.13 1.17
CA ARG A 20 5.31 8.48 0.84
C ARG A 20 6.01 8.46 -0.52
N GLU A 21 6.72 7.38 -0.80
CA GLU A 21 7.32 7.19 -2.12
C GLU A 21 6.26 6.82 -3.15
N HIS A 22 5.27 6.02 -2.72
CA HIS A 22 4.11 5.69 -3.56
C HIS A 22 3.46 6.96 -4.09
N ASN A 23 3.37 7.98 -3.24
CA ASN A 23 2.89 9.30 -3.65
C ASN A 23 3.69 9.78 -4.85
N ALA A 24 5.00 9.73 -4.71
CA ALA A 24 5.91 10.18 -5.77
C ALA A 24 5.84 9.29 -7.01
N SER A 25 6.16 8.01 -6.84
CA SER A 25 6.33 7.09 -7.97
C SER A 25 5.07 6.96 -8.82
N ARG A 26 3.90 6.93 -8.19
CA ARG A 26 2.66 6.77 -8.94
C ARG A 26 2.07 8.12 -9.31
N LYS A 27 2.80 9.18 -8.97
CA LYS A 27 2.45 10.54 -9.35
C LYS A 27 1.04 10.90 -8.91
N LEU A 28 0.70 10.50 -7.70
CA LEU A 28 -0.63 10.71 -7.14
C LEU A 28 -0.50 11.34 -5.77
N ASP A 29 -1.61 11.51 -5.11
CA ASP A 29 -1.64 12.07 -3.78
C ASP A 29 -2.69 11.35 -2.96
N LEU A 30 -2.24 10.49 -2.07
CA LEU A 30 -3.13 9.72 -1.25
C LEU A 30 -2.64 9.70 0.16
N SER A 31 -3.56 9.48 1.06
CA SER A 31 -3.22 9.36 2.45
C SER A 31 -2.93 7.90 2.77
N VAL A 32 -2.37 7.66 3.93
CA VAL A 32 -1.85 6.33 4.22
C VAL A 32 -2.95 5.29 4.17
N GLU A 33 -4.09 5.64 4.77
CA GLU A 33 -5.24 4.74 4.80
C GLU A 33 -5.48 4.10 3.44
N ASP A 34 -5.59 4.93 2.40
CA ASP A 34 -5.79 4.46 1.04
C ASP A 34 -4.67 3.53 0.59
N PHE A 35 -3.43 3.89 0.92
CA PHE A 35 -2.29 3.05 0.60
C PHE A 35 -2.47 1.69 1.26
N LEU A 36 -2.69 1.75 2.57
CA LEU A 36 -2.85 0.56 3.40
C LEU A 36 -3.95 -0.32 2.82
N MET A 37 -4.95 0.30 2.22
CA MET A 37 -6.00 -0.45 1.53
C MET A 37 -5.45 -1.17 0.31
N LEU A 38 -4.84 -0.40 -0.58
CA LEU A 38 -4.23 -0.94 -1.81
C LEU A 38 -3.38 -2.17 -1.53
N ARG A 39 -2.48 -2.05 -0.56
CA ARG A 39 -1.64 -3.18 -0.19
C ARG A 39 -2.45 -4.26 0.49
N HIS A 40 -3.30 -3.85 1.43
CA HIS A 40 -4.19 -4.75 2.13
C HIS A 40 -4.87 -5.70 1.16
N ARG A 41 -5.66 -5.17 0.25
CA ARG A 41 -6.45 -6.01 -0.63
C ARG A 41 -5.57 -7.04 -1.34
N ALA A 42 -4.51 -6.55 -1.97
CA ALA A 42 -3.50 -7.39 -2.62
C ALA A 42 -2.97 -8.46 -1.66
N ALA A 43 -2.46 -8.02 -0.51
CA ALA A 43 -1.93 -8.89 0.53
C ALA A 43 -2.96 -9.91 1.01
N LEU A 44 -4.21 -9.48 1.14
CA LEU A 44 -5.22 -10.30 1.77
C LEU A 44 -5.92 -11.18 0.74
N GLY A 45 -6.76 -10.58 -0.10
CA GLY A 45 -7.35 -11.33 -1.18
C GLY A 45 -8.44 -10.57 -1.92
N ALA A 46 -8.25 -9.27 -2.10
CA ALA A 46 -9.21 -8.46 -2.83
C ALA A 46 -8.51 -7.78 -4.02
N ASP A 47 -9.19 -7.76 -5.15
CA ASP A 47 -8.59 -7.28 -6.39
C ASP A 47 -9.34 -6.08 -6.94
N ASP A 48 -9.58 -5.09 -6.08
CA ASP A 48 -10.11 -3.82 -6.54
C ASP A 48 -9.03 -3.08 -7.32
N ASN A 49 -9.37 -2.59 -8.51
CA ASN A 49 -8.40 -2.06 -9.46
C ASN A 49 -7.36 -1.12 -8.86
N ASP A 50 -7.73 -0.27 -7.91
CA ASP A 50 -6.74 0.64 -7.32
C ASP A 50 -5.66 -0.17 -6.63
N ALA A 51 -6.12 -1.18 -5.93
CA ALA A 51 -5.24 -2.12 -5.25
C ALA A 51 -4.43 -2.94 -6.25
N VAL A 52 -5.02 -3.28 -7.40
CA VAL A 52 -4.31 -4.11 -8.35
C VAL A 52 -3.25 -3.30 -9.10
N LYS A 53 -3.58 -2.05 -9.42
CA LYS A 53 -2.64 -1.15 -10.05
C LYS A 53 -1.55 -0.75 -9.07
N PHE A 54 -1.87 -0.84 -7.78
CA PHE A 54 -0.88 -0.70 -6.74
C PHE A 54 0.06 -1.88 -6.79
N ARG A 55 -0.53 -3.06 -6.74
CA ARG A 55 0.20 -4.32 -6.83
C ARG A 55 1.12 -4.34 -8.04
N SER A 56 0.52 -4.22 -9.22
CA SER A 56 1.25 -4.26 -10.49
C SER A 56 2.48 -3.35 -10.51
N TRP A 57 2.38 -2.19 -9.88
CA TRP A 57 3.51 -1.26 -9.79
C TRP A 57 4.45 -1.65 -8.66
N TRP A 58 3.91 -1.80 -7.47
CA TRP A 58 4.68 -1.99 -6.25
C TRP A 58 5.41 -3.32 -6.24
N ASN A 59 4.85 -4.29 -6.96
CA ASN A 59 5.41 -5.65 -6.98
C ASN A 59 6.35 -5.85 -8.14
N SER A 60 6.56 -4.82 -8.92
CA SER A 60 7.54 -4.87 -9.98
C SER A 60 8.86 -4.32 -9.48
N ARG A 61 8.78 -3.60 -8.38
CA ARG A 61 9.91 -2.90 -7.82
C ARG A 61 10.28 -3.49 -6.46
N THR A 62 9.40 -3.24 -5.50
CA THR A 62 9.58 -3.66 -4.13
C THR A 62 9.11 -5.07 -3.90
N LYS A 63 7.84 -5.30 -4.23
CA LYS A 63 7.14 -6.54 -3.93
C LYS A 63 6.81 -6.60 -2.45
N MET A 64 6.78 -5.39 -1.88
CA MET A 64 6.27 -5.08 -0.55
C MET A 64 6.68 -6.06 0.56
N ALA A 65 5.95 -5.97 1.64
CA ALA A 65 6.13 -6.77 2.82
C ALA A 65 4.81 -6.78 3.57
N ASN A 66 3.95 -7.70 3.15
CA ASN A 66 2.56 -7.84 3.64
C ASN A 66 2.37 -7.29 5.05
N ASP A 67 3.16 -7.77 6.00
CA ASP A 67 3.14 -7.21 7.34
C ASP A 67 4.42 -7.56 8.07
N TYR A 68 5.50 -7.69 7.32
CA TYR A 68 6.78 -8.08 7.89
C TYR A 68 7.63 -6.86 8.21
N GLY A 2 -1.21 -8.30 10.67
CA GLY A 2 -2.27 -7.56 9.97
C GLY A 2 -2.50 -6.19 10.57
N THR A 3 -2.73 -5.20 9.73
CA THR A 3 -2.96 -3.85 10.21
C THR A 3 -4.40 -3.44 9.96
N TYR A 4 -4.59 -2.14 9.87
CA TYR A 4 -5.91 -1.54 9.76
C TYR A 4 -5.88 -0.51 8.64
N ARG A 5 -6.78 0.46 8.73
CA ARG A 5 -6.76 1.61 7.83
C ARG A 5 -7.73 2.67 8.31
N GLY A 6 -7.20 3.82 8.68
CA GLY A 6 -8.04 4.90 9.15
C GLY A 6 -7.84 5.19 10.61
N ARG A 7 -7.79 4.14 11.41
CA ARG A 7 -7.76 4.25 12.86
C ARG A 7 -6.38 4.62 13.40
N GLY A 8 -5.82 5.71 12.90
CA GLY A 8 -4.50 6.13 13.35
C GLY A 8 -3.45 5.13 12.94
N VAL A 9 -3.69 4.49 11.80
CA VAL A 9 -2.81 3.44 11.31
C VAL A 9 -1.37 3.87 11.17
N ALA A 10 -0.52 3.03 11.69
CA ALA A 10 0.90 3.21 11.58
C ALA A 10 1.46 2.26 10.55
N LEU A 11 0.62 1.26 10.18
CA LEU A 11 0.96 0.31 9.13
C LEU A 11 2.21 -0.50 9.58
N THR A 12 2.68 -1.46 8.79
CA THR A 12 3.96 -2.07 9.09
C THR A 12 5.09 -1.04 8.86
N ASP A 13 6.32 -1.43 9.13
CA ASP A 13 7.43 -0.46 9.10
C ASP A 13 7.70 0.06 7.70
N ASP A 14 7.90 -0.85 6.76
CA ASP A 14 8.35 -0.49 5.42
C ASP A 14 7.27 0.24 4.61
N GLU A 15 6.17 -0.46 4.36
CA GLU A 15 5.12 0.05 3.47
C GLU A 15 4.69 1.48 3.78
N TYR A 16 4.73 1.88 5.04
CA TYR A 16 4.32 3.22 5.42
C TYR A 16 5.29 4.25 4.85
N ASP A 17 6.56 4.09 5.18
CA ASP A 17 7.64 4.86 4.54
C ASP A 17 7.54 4.78 3.02
N GLU A 18 7.32 3.56 2.54
CA GLU A 18 7.24 3.32 1.11
C GLU A 18 5.98 3.91 0.49
N TRP A 19 4.98 4.20 1.32
CA TRP A 19 3.78 4.89 0.88
C TRP A 19 4.12 6.31 0.45
N ARG A 20 5.04 6.92 1.20
CA ARG A 20 5.51 8.24 0.88
C ARG A 20 6.14 8.23 -0.51
N GLU A 21 6.76 7.10 -0.85
CA GLU A 21 7.30 6.92 -2.19
C GLU A 21 6.19 6.58 -3.19
N HIS A 22 5.23 5.75 -2.77
CA HIS A 22 4.03 5.48 -3.58
C HIS A 22 3.39 6.79 -4.04
N ASN A 23 3.36 7.76 -3.15
CA ASN A 23 2.84 9.09 -3.48
C ASN A 23 3.63 9.68 -4.63
N ALA A 24 4.95 9.59 -4.51
CA ALA A 24 5.86 10.12 -5.51
C ALA A 24 5.80 9.33 -6.82
N SER A 25 6.13 8.04 -6.75
CA SER A 25 6.26 7.20 -7.93
C SER A 25 4.99 7.17 -8.79
N ARG A 26 3.84 7.03 -8.15
CA ARG A 26 2.59 6.95 -8.88
C ARG A 26 2.04 8.34 -9.20
N LYS A 27 2.76 9.35 -8.73
CA LYS A 27 2.48 10.75 -9.05
C LYS A 27 1.06 11.14 -8.64
N LEU A 28 0.59 10.54 -7.57
CA LEU A 28 -0.73 10.79 -7.06
C LEU A 28 -0.66 11.55 -5.75
N ASP A 29 -1.80 11.65 -5.08
CA ASP A 29 -1.89 12.34 -3.82
C ASP A 29 -2.81 11.57 -2.91
N LEU A 30 -2.25 10.83 -1.97
CA LEU A 30 -3.04 10.00 -1.10
C LEU A 30 -2.55 10.11 0.33
N SER A 31 -3.42 9.71 1.23
CA SER A 31 -3.04 9.58 2.61
C SER A 31 -2.83 8.10 2.89
N VAL A 32 -2.01 7.80 3.89
CA VAL A 32 -1.58 6.42 4.15
C VAL A 32 -2.72 5.43 4.09
N GLU A 33 -3.88 5.80 4.62
CA GLU A 33 -5.04 4.93 4.64
C GLU A 33 -5.28 4.31 3.26
N ASP A 34 -5.42 5.16 2.24
CA ASP A 34 -5.66 4.70 0.89
C ASP A 34 -4.56 3.77 0.40
N PHE A 35 -3.33 4.03 0.84
CA PHE A 35 -2.23 3.11 0.55
C PHE A 35 -2.50 1.78 1.22
N LEU A 36 -2.76 1.85 2.52
CA LEU A 36 -2.95 0.68 3.34
C LEU A 36 -4.06 -0.18 2.79
N MET A 37 -5.03 0.47 2.15
CA MET A 37 -6.11 -0.23 1.45
C MET A 37 -5.55 -1.03 0.28
N LEU A 38 -4.90 -0.32 -0.65
CA LEU A 38 -4.28 -0.94 -1.82
C LEU A 38 -3.41 -2.12 -1.43
N ARG A 39 -2.48 -1.87 -0.53
CA ARG A 39 -1.60 -2.90 -0.02
C ARG A 39 -2.40 -4.02 0.64
N HIS A 40 -3.29 -3.64 1.55
CA HIS A 40 -4.22 -4.57 2.18
C HIS A 40 -4.79 -5.55 1.18
N ARG A 41 -5.51 -5.05 0.20
CA ARG A 41 -6.25 -5.91 -0.70
C ARG A 41 -5.33 -6.92 -1.38
N ALA A 42 -4.18 -6.45 -1.81
CA ALA A 42 -3.16 -7.32 -2.40
C ALA A 42 -2.70 -8.37 -1.38
N ALA A 43 -2.23 -7.91 -0.23
CA ALA A 43 -1.79 -8.79 0.85
C ALA A 43 -2.87 -9.77 1.30
N LEU A 44 -4.10 -9.29 1.39
CA LEU A 44 -5.20 -10.08 1.92
C LEU A 44 -5.78 -10.98 0.84
N GLY A 45 -6.58 -10.41 -0.07
CA GLY A 45 -7.08 -11.20 -1.19
C GLY A 45 -8.08 -10.47 -2.06
N ALA A 46 -8.17 -9.15 -1.93
CA ALA A 46 -9.12 -8.37 -2.71
C ALA A 46 -8.47 -7.80 -3.97
N ASP A 47 -9.16 -7.93 -5.09
CA ASP A 47 -8.65 -7.49 -6.37
C ASP A 47 -9.39 -6.26 -6.86
N ASP A 48 -9.55 -5.29 -5.99
CA ASP A 48 -10.05 -3.97 -6.38
C ASP A 48 -8.99 -3.26 -7.21
N ASN A 49 -9.34 -2.89 -8.44
CA ASN A 49 -8.41 -2.32 -9.41
C ASN A 49 -7.35 -1.37 -8.84
N ASP A 50 -7.70 -0.47 -7.92
CA ASP A 50 -6.71 0.47 -7.39
C ASP A 50 -5.62 -0.31 -6.68
N ALA A 51 -6.04 -1.35 -6.00
CA ALA A 51 -5.14 -2.24 -5.30
C ALA A 51 -4.36 -3.11 -6.26
N VAL A 52 -4.97 -3.48 -7.38
CA VAL A 52 -4.32 -4.39 -8.31
C VAL A 52 -3.26 -3.63 -9.12
N LYS A 53 -3.59 -2.39 -9.46
CA LYS A 53 -2.64 -1.53 -10.13
C LYS A 53 -1.54 -1.11 -9.17
N PHE A 54 -1.90 -1.01 -7.89
CA PHE A 54 -0.92 -0.82 -6.85
C PHE A 54 0.03 -1.99 -6.85
N ARG A 55 -0.52 -3.18 -6.70
CA ARG A 55 0.23 -4.42 -6.77
C ARG A 55 1.13 -4.44 -8.00
N SER A 56 0.51 -4.36 -9.16
CA SER A 56 1.21 -4.33 -10.44
C SER A 56 2.45 -3.42 -10.40
N TRP A 57 2.26 -2.15 -10.04
CA TRP A 57 3.36 -1.19 -9.97
C TRP A 57 4.33 -1.55 -8.86
N TRP A 58 3.80 -1.79 -7.66
CA TRP A 58 4.61 -1.94 -6.45
C TRP A 58 5.40 -3.24 -6.47
N ASN A 59 4.92 -4.22 -7.22
CA ASN A 59 5.53 -5.54 -7.24
C ASN A 59 6.49 -5.67 -8.39
N SER A 60 6.65 -4.60 -9.11
CA SER A 60 7.64 -4.55 -10.17
C SER A 60 8.94 -4.00 -9.63
N ARG A 61 8.82 -3.28 -8.52
CA ARG A 61 9.92 -2.58 -7.91
C ARG A 61 10.29 -3.19 -6.56
N THR A 62 9.37 -3.02 -5.62
CA THR A 62 9.56 -3.42 -4.24
C THR A 62 9.07 -4.82 -3.99
N LYS A 63 7.77 -5.01 -4.27
CA LYS A 63 7.06 -6.25 -3.96
C LYS A 63 6.78 -6.33 -2.48
N MET A 64 6.77 -5.14 -1.86
CA MET A 64 6.36 -4.90 -0.47
C MET A 64 6.89 -5.93 0.53
N ALA A 65 6.28 -5.88 1.70
CA ALA A 65 6.61 -6.72 2.81
C ALA A 65 5.35 -7.04 3.57
N ASN A 66 4.36 -7.47 2.80
CA ASN A 66 3.00 -7.77 3.28
C ASN A 66 2.70 -7.15 4.63
N ASP A 67 2.88 -7.91 5.69
CA ASP A 67 2.77 -7.39 7.03
C ASP A 67 3.96 -7.86 7.85
N TYR A 68 5.12 -7.95 7.19
CA TYR A 68 6.34 -8.36 7.87
C TYR A 68 6.85 -7.24 8.76
N GLY A 2 -0.78 -8.08 10.34
CA GLY A 2 -1.81 -7.22 9.74
C GLY A 2 -1.84 -5.84 10.37
N THR A 3 -2.67 -4.96 9.84
CA THR A 3 -2.80 -3.62 10.35
C THR A 3 -4.25 -3.18 10.31
N TYR A 4 -4.46 -1.90 10.01
CA TYR A 4 -5.78 -1.31 9.96
C TYR A 4 -5.86 -0.34 8.80
N ARG A 5 -6.90 0.46 8.80
CA ARG A 5 -7.03 1.59 7.90
C ARG A 5 -8.30 2.33 8.24
N GLY A 6 -8.26 3.64 8.17
CA GLY A 6 -9.39 4.42 8.62
C GLY A 6 -9.23 4.81 10.06
N ARG A 7 -8.01 5.18 10.41
CA ARG A 7 -7.65 5.43 11.80
C ARG A 7 -6.24 6.01 11.86
N GLY A 8 -5.68 6.03 13.06
CA GLY A 8 -4.31 6.41 13.24
C GLY A 8 -3.35 5.34 12.81
N VAL A 9 -3.56 4.81 11.61
CA VAL A 9 -2.70 3.75 11.09
C VAL A 9 -1.27 4.20 10.94
N ALA A 10 -0.40 3.36 11.41
CA ALA A 10 1.02 3.57 11.25
C ALA A 10 1.56 2.51 10.32
N LEU A 11 0.72 1.53 10.00
CA LEU A 11 1.04 0.48 9.05
C LEU A 11 2.29 -0.27 9.56
N THR A 12 2.78 -1.27 8.86
CA THR A 12 4.06 -1.85 9.21
C THR A 12 5.17 -0.83 8.94
N ASP A 13 6.41 -1.22 9.15
CA ASP A 13 7.52 -0.26 9.12
C ASP A 13 7.84 0.21 7.70
N ASP A 14 8.15 -0.73 6.82
CA ASP A 14 8.61 -0.39 5.47
C ASP A 14 7.52 0.27 4.64
N GLU A 15 6.45 -0.45 4.43
CA GLU A 15 5.33 -0.04 3.59
C GLU A 15 4.85 1.41 3.87
N TYR A 16 4.87 1.85 5.11
CA TYR A 16 4.44 3.21 5.44
C TYR A 16 5.42 4.24 4.85
N ASP A 17 6.70 4.09 5.20
CA ASP A 17 7.77 4.89 4.58
C ASP A 17 7.69 4.82 3.06
N GLU A 18 7.46 3.63 2.55
CA GLU A 18 7.42 3.41 1.11
C GLU A 18 6.11 3.88 0.49
N TRP A 19 5.09 4.09 1.31
CA TRP A 19 3.87 4.77 0.86
C TRP A 19 4.21 6.18 0.43
N ARG A 20 5.15 6.78 1.14
CA ARG A 20 5.63 8.10 0.82
C ARG A 20 6.29 8.07 -0.56
N GLU A 21 6.94 6.95 -0.87
CA GLU A 21 7.45 6.72 -2.22
C GLU A 21 6.30 6.48 -3.22
N HIS A 22 5.31 5.67 -2.79
CA HIS A 22 4.10 5.43 -3.58
C HIS A 22 3.49 6.76 -4.06
N ASN A 23 3.43 7.72 -3.16
CA ASN A 23 2.89 9.04 -3.49
C ASN A 23 3.71 9.67 -4.60
N ALA A 24 5.02 9.56 -4.49
CA ALA A 24 5.94 10.10 -5.47
C ALA A 24 5.84 9.38 -6.81
N SER A 25 6.11 8.09 -6.79
CA SER A 25 6.21 7.28 -8.00
C SER A 25 4.93 7.33 -8.84
N ARG A 26 3.78 7.12 -8.20
CA ARG A 26 2.51 7.04 -8.91
C ARG A 26 1.95 8.44 -9.20
N LYS A 27 2.63 9.45 -8.66
CA LYS A 27 2.32 10.85 -8.94
C LYS A 27 0.90 11.20 -8.50
N LEU A 28 0.42 10.49 -7.50
CA LEU A 28 -0.90 10.69 -6.97
C LEU A 28 -0.83 11.48 -5.67
N ASP A 29 -1.93 11.54 -4.96
CA ASP A 29 -2.01 12.25 -3.70
C ASP A 29 -2.96 11.52 -2.78
N LEU A 30 -2.40 10.69 -1.93
CA LEU A 30 -3.21 9.82 -1.08
C LEU A 30 -2.78 9.95 0.36
N SER A 31 -3.65 9.48 1.22
CA SER A 31 -3.30 9.33 2.60
C SER A 31 -2.79 7.93 2.80
N VAL A 32 -2.00 7.71 3.84
CA VAL A 32 -1.52 6.38 4.09
C VAL A 32 -2.66 5.38 4.10
N GLU A 33 -3.81 5.80 4.62
CA GLU A 33 -4.96 4.94 4.71
C GLU A 33 -5.27 4.34 3.34
N ASP A 34 -5.37 5.20 2.33
CA ASP A 34 -5.60 4.75 0.97
C ASP A 34 -4.55 3.74 0.53
N PHE A 35 -3.29 3.99 0.88
CA PHE A 35 -2.22 3.04 0.57
C PHE A 35 -2.51 1.72 1.24
N LEU A 36 -2.79 1.80 2.54
CA LEU A 36 -2.98 0.63 3.37
C LEU A 36 -4.10 -0.22 2.80
N MET A 37 -5.07 0.44 2.19
CA MET A 37 -6.16 -0.27 1.50
C MET A 37 -5.62 -1.05 0.31
N LEU A 38 -4.99 -0.34 -0.62
CA LEU A 38 -4.38 -0.96 -1.82
C LEU A 38 -3.51 -2.14 -1.43
N ARG A 39 -2.59 -1.87 -0.53
CA ARG A 39 -1.68 -2.88 -0.03
C ARG A 39 -2.46 -4.03 0.61
N HIS A 40 -3.34 -3.68 1.54
CA HIS A 40 -4.24 -4.67 2.17
C HIS A 40 -4.81 -5.61 1.15
N ARG A 41 -5.56 -5.10 0.17
CA ARG A 41 -6.25 -5.96 -0.75
C ARG A 41 -5.27 -6.92 -1.43
N ALA A 42 -4.16 -6.36 -1.88
CA ALA A 42 -3.10 -7.13 -2.52
C ALA A 42 -2.53 -8.19 -1.58
N ALA A 43 -2.01 -7.76 -0.43
CA ALA A 43 -1.43 -8.64 0.57
C ALA A 43 -2.41 -9.72 1.02
N LEU A 44 -3.67 -9.35 1.19
CA LEU A 44 -4.66 -10.26 1.73
C LEU A 44 -5.17 -11.20 0.64
N GLY A 45 -5.94 -10.68 -0.31
CA GLY A 45 -6.35 -11.49 -1.44
C GLY A 45 -7.48 -10.85 -2.24
N ALA A 46 -7.56 -9.53 -2.24
CA ALA A 46 -8.56 -8.82 -3.01
C ALA A 46 -7.94 -8.10 -4.21
N ASP A 47 -8.64 -8.15 -5.32
CA ASP A 47 -8.15 -7.56 -6.56
C ASP A 47 -9.09 -6.47 -7.05
N ASP A 48 -9.40 -5.53 -6.18
CA ASP A 48 -10.11 -4.33 -6.59
C ASP A 48 -9.14 -3.40 -7.32
N ASN A 49 -9.55 -2.91 -8.49
CA ASN A 49 -8.67 -2.20 -9.42
C ASN A 49 -7.67 -1.21 -8.78
N ASP A 50 -8.07 -0.42 -7.80
CA ASP A 50 -7.13 0.54 -7.20
C ASP A 50 -5.97 -0.21 -6.57
N ALA A 51 -6.30 -1.32 -5.96
CA ALA A 51 -5.32 -2.19 -5.36
C ALA A 51 -4.52 -2.95 -6.42
N VAL A 52 -5.14 -3.26 -7.55
CA VAL A 52 -4.45 -4.04 -8.57
C VAL A 52 -3.42 -3.18 -9.27
N LYS A 53 -3.79 -1.93 -9.55
CA LYS A 53 -2.86 -0.97 -10.11
C LYS A 53 -1.74 -0.67 -9.13
N PHE A 54 -2.04 -0.84 -7.85
CA PHE A 54 -1.04 -0.69 -6.81
C PHE A 54 0.00 -1.80 -6.93
N ARG A 55 -0.45 -3.05 -6.83
CA ARG A 55 0.44 -4.19 -6.83
C ARG A 55 1.19 -4.33 -8.15
N SER A 56 0.47 -4.26 -9.25
CA SER A 56 1.09 -4.30 -10.57
C SER A 56 2.31 -3.36 -10.67
N TRP A 57 2.23 -2.20 -10.02
CA TRP A 57 3.34 -1.26 -9.98
C TRP A 57 4.32 -1.57 -8.83
N TRP A 58 3.78 -1.89 -7.66
CA TRP A 58 4.57 -2.05 -6.45
C TRP A 58 5.31 -3.37 -6.42
N ASN A 59 4.81 -4.36 -7.14
CA ASN A 59 5.38 -5.71 -7.13
C ASN A 59 6.51 -5.82 -8.13
N SER A 60 6.71 -4.78 -8.91
CA SER A 60 7.76 -4.78 -9.88
C SER A 60 9.01 -4.12 -9.29
N ARG A 61 8.79 -3.39 -8.19
CA ARG A 61 9.85 -2.62 -7.58
C ARG A 61 10.19 -3.15 -6.19
N THR A 62 9.23 -3.04 -5.29
CA THR A 62 9.41 -3.43 -3.90
C THR A 62 8.84 -4.79 -3.63
N LYS A 63 7.55 -4.92 -3.91
CA LYS A 63 6.77 -6.09 -3.55
C LYS A 63 6.48 -6.06 -2.06
N MET A 64 6.33 -4.81 -1.57
CA MET A 64 5.95 -4.48 -0.20
C MET A 64 6.75 -5.20 0.89
N ALA A 65 6.43 -6.48 1.11
CA ALA A 65 6.77 -7.25 2.32
C ALA A 65 5.57 -7.24 3.22
N ASN A 66 4.60 -8.04 2.81
CA ASN A 66 3.25 -8.05 3.36
C ASN A 66 3.24 -8.07 4.88
N ASP A 67 3.33 -6.88 5.46
CA ASP A 67 3.29 -6.70 6.90
C ASP A 67 4.51 -7.35 7.58
N TYR A 68 5.58 -7.57 6.81
CA TYR A 68 6.80 -8.11 7.38
C TYR A 68 7.72 -7.00 7.87
N GLY A 2 -1.89 -8.56 10.88
CA GLY A 2 -2.50 -7.65 9.90
C GLY A 2 -2.59 -6.22 10.42
N THR A 3 -3.14 -5.33 9.61
CA THR A 3 -3.29 -3.96 10.01
C THR A 3 -4.75 -3.54 9.99
N TYR A 4 -4.94 -2.24 9.85
CA TYR A 4 -6.24 -1.63 9.96
C TYR A 4 -6.34 -0.52 8.92
N ARG A 5 -7.30 0.38 9.11
CA ARG A 5 -7.36 1.61 8.34
C ARG A 5 -8.28 2.60 9.03
N GLY A 6 -7.95 3.88 8.91
CA GLY A 6 -8.78 4.92 9.51
C GLY A 6 -8.85 4.78 11.01
N ARG A 7 -7.73 4.50 11.64
CA ARG A 7 -7.67 4.32 13.08
C ARG A 7 -6.31 4.73 13.61
N GLY A 8 -5.73 5.73 12.99
CA GLY A 8 -4.39 6.13 13.35
C GLY A 8 -3.39 5.12 12.89
N VAL A 9 -3.73 4.39 11.83
CA VAL A 9 -2.87 3.34 11.29
C VAL A 9 -1.46 3.80 11.08
N ALA A 10 -0.56 3.05 11.66
CA ALA A 10 0.85 3.31 11.55
C ALA A 10 1.46 2.37 10.52
N LEU A 11 0.73 1.28 10.26
CA LEU A 11 1.11 0.31 9.26
C LEU A 11 2.47 -0.32 9.63
N THR A 12 2.84 -1.43 9.00
CA THR A 12 4.15 -2.01 9.26
C THR A 12 5.26 -1.02 8.89
N ASP A 13 6.48 -1.31 9.27
CA ASP A 13 7.56 -0.32 9.22
C ASP A 13 7.87 0.16 7.79
N ASP A 14 7.95 -0.77 6.85
CA ASP A 14 8.42 -0.42 5.51
C ASP A 14 7.34 0.25 4.67
N GLU A 15 6.27 -0.48 4.40
CA GLU A 15 5.19 -0.01 3.51
C GLU A 15 4.75 1.43 3.78
N TYR A 16 4.70 1.84 5.05
CA TYR A 16 4.22 3.18 5.40
C TYR A 16 5.16 4.24 4.83
N ASP A 17 6.43 4.17 5.22
CA ASP A 17 7.47 5.01 4.61
C ASP A 17 7.45 4.89 3.08
N GLU A 18 7.26 3.68 2.59
CA GLU A 18 7.24 3.42 1.16
C GLU A 18 5.99 4.03 0.50
N TRP A 19 4.95 4.25 1.28
CA TRP A 19 3.75 4.93 0.80
C TRP A 19 4.08 6.36 0.42
N ARG A 20 4.96 6.97 1.18
CA ARG A 20 5.41 8.30 0.86
C ARG A 20 6.11 8.31 -0.50
N GLU A 21 6.82 7.23 -0.79
CA GLU A 21 7.43 7.05 -2.11
C GLU A 21 6.36 6.76 -3.16
N HIS A 22 5.35 5.98 -2.78
CA HIS A 22 4.18 5.74 -3.63
C HIS A 22 3.60 7.06 -4.12
N ASN A 23 3.53 8.04 -3.22
CA ASN A 23 3.09 9.39 -3.58
C ASN A 23 3.90 9.94 -4.74
N ALA A 24 5.22 9.79 -4.62
CA ALA A 24 6.15 10.28 -5.63
C ALA A 24 6.05 9.48 -6.93
N SER A 25 6.32 8.19 -6.84
CA SER A 25 6.45 7.33 -8.01
C SER A 25 5.20 7.32 -8.89
N ARG A 26 4.03 7.25 -8.28
CA ARG A 26 2.79 7.04 -9.04
C ARG A 26 2.12 8.35 -9.43
N LYS A 27 2.80 9.46 -9.14
CA LYS A 27 2.31 10.79 -9.51
C LYS A 27 0.91 11.04 -8.96
N LEU A 28 0.75 10.85 -7.66
CA LEU A 28 -0.54 10.97 -7.01
C LEU A 28 -0.35 11.59 -5.64
N ASP A 29 -1.43 11.66 -4.89
CA ASP A 29 -1.38 12.22 -3.54
C ASP A 29 -2.43 11.53 -2.70
N LEU A 30 -2.03 10.49 -2.01
CA LEU A 30 -2.96 9.70 -1.22
C LEU A 30 -2.52 9.64 0.21
N SER A 31 -3.48 9.44 1.08
CA SER A 31 -3.21 9.31 2.49
C SER A 31 -2.81 7.88 2.78
N VAL A 32 -2.30 7.61 3.96
CA VAL A 32 -1.80 6.29 4.24
C VAL A 32 -2.91 5.27 4.18
N GLU A 33 -4.07 5.62 4.73
CA GLU A 33 -5.23 4.73 4.71
C GLU A 33 -5.42 4.15 3.32
N ASP A 34 -5.50 5.04 2.32
CA ASP A 34 -5.66 4.66 0.93
C ASP A 34 -4.56 3.71 0.48
N PHE A 35 -3.32 3.97 0.89
CA PHE A 35 -2.22 3.07 0.59
C PHE A 35 -2.48 1.71 1.21
N LEU A 36 -2.72 1.75 2.51
CA LEU A 36 -2.91 0.56 3.31
C LEU A 36 -4.01 -0.29 2.70
N MET A 37 -5.01 0.35 2.10
CA MET A 37 -6.07 -0.35 1.36
C MET A 37 -5.49 -1.14 0.20
N LEU A 38 -4.82 -0.41 -0.70
CA LEU A 38 -4.18 -1.00 -1.87
C LEU A 38 -3.33 -2.21 -1.51
N ARG A 39 -2.43 -2.05 -0.54
CA ARG A 39 -1.57 -3.14 -0.13
C ARG A 39 -2.38 -4.22 0.59
N HIS A 40 -3.30 -3.78 1.45
CA HIS A 40 -4.20 -4.68 2.16
C HIS A 40 -4.83 -5.67 1.21
N ARG A 41 -5.62 -5.18 0.27
CA ARG A 41 -6.40 -6.07 -0.59
C ARG A 41 -5.49 -7.08 -1.28
N ALA A 42 -4.43 -6.57 -1.90
CA ALA A 42 -3.41 -7.39 -2.54
C ALA A 42 -2.86 -8.45 -1.58
N ALA A 43 -2.40 -8.02 -0.41
CA ALA A 43 -1.87 -8.93 0.61
C ALA A 43 -2.92 -9.89 1.14
N LEU A 44 -4.15 -9.42 1.29
CA LEU A 44 -5.18 -10.21 1.94
C LEU A 44 -5.85 -11.15 0.95
N GLY A 45 -6.68 -10.60 0.07
CA GLY A 45 -7.26 -11.39 -1.00
C GLY A 45 -8.39 -10.67 -1.72
N ALA A 46 -8.21 -9.37 -1.94
CA ALA A 46 -9.21 -8.58 -2.65
C ALA A 46 -8.58 -7.93 -3.88
N ASP A 47 -9.34 -7.88 -4.96
CA ASP A 47 -8.82 -7.42 -6.24
C ASP A 47 -9.49 -6.15 -6.74
N ASP A 48 -9.72 -5.20 -5.85
CA ASP A 48 -10.16 -3.86 -6.27
C ASP A 48 -9.06 -3.23 -7.09
N ASN A 49 -9.42 -2.80 -8.30
CA ASN A 49 -8.47 -2.32 -9.30
C ASN A 49 -7.40 -1.37 -8.78
N ASP A 50 -7.74 -0.48 -7.84
CA ASP A 50 -6.74 0.45 -7.32
C ASP A 50 -5.63 -0.35 -6.65
N ALA A 51 -6.08 -1.33 -5.89
CA ALA A 51 -5.20 -2.25 -5.19
C ALA A 51 -4.40 -3.09 -6.18
N VAL A 52 -5.02 -3.50 -7.27
CA VAL A 52 -4.33 -4.38 -8.22
C VAL A 52 -3.31 -3.60 -9.03
N LYS A 53 -3.66 -2.36 -9.40
CA LYS A 53 -2.75 -1.51 -10.11
C LYS A 53 -1.61 -1.06 -9.20
N PHE A 54 -1.92 -0.92 -7.92
CA PHE A 54 -0.90 -0.70 -6.91
C PHE A 54 0.06 -1.88 -6.92
N ARG A 55 -0.53 -3.06 -6.79
CA ARG A 55 0.20 -4.31 -6.88
C ARG A 55 1.11 -4.34 -8.11
N SER A 56 0.49 -4.19 -9.27
CA SER A 56 1.20 -4.14 -10.55
C SER A 56 2.49 -3.32 -10.46
N TRP A 57 2.35 -2.04 -10.12
CA TRP A 57 3.50 -1.13 -10.04
C TRP A 57 4.43 -1.51 -8.90
N TRP A 58 3.88 -1.64 -7.71
CA TRP A 58 4.67 -1.77 -6.49
C TRP A 58 5.39 -3.12 -6.44
N ASN A 59 4.83 -4.12 -7.10
CA ASN A 59 5.40 -5.46 -7.06
C ASN A 59 6.41 -5.68 -8.17
N SER A 60 6.61 -4.69 -9.00
CA SER A 60 7.62 -4.80 -10.04
C SER A 60 8.92 -4.21 -9.55
N ARG A 61 8.81 -3.46 -8.47
CA ARG A 61 9.93 -2.74 -7.91
C ARG A 61 10.29 -3.28 -6.54
N THR A 62 9.34 -3.13 -5.63
CA THR A 62 9.51 -3.53 -4.25
C THR A 62 8.95 -4.90 -3.99
N LYS A 63 7.64 -5.00 -4.13
CA LYS A 63 6.85 -6.06 -3.55
C LYS A 63 6.96 -5.92 -2.05
N MET A 64 6.06 -5.09 -1.56
CA MET A 64 5.88 -4.74 -0.15
C MET A 64 6.14 -5.85 0.86
N ALA A 65 6.11 -5.45 2.12
CA ALA A 65 6.35 -6.32 3.23
C ALA A 65 5.04 -6.53 3.91
N ASN A 66 4.15 -7.17 3.17
CA ASN A 66 2.76 -7.40 3.53
C ASN A 66 2.58 -7.77 5.00
N ASP A 67 2.50 -6.73 5.84
CA ASP A 67 2.39 -6.89 7.29
C ASP A 67 3.58 -7.64 7.89
N TYR A 68 4.69 -7.68 7.16
CA TYR A 68 5.89 -8.33 7.65
C TYR A 68 6.78 -7.30 8.34
N GLY A 2 -1.02 -8.23 10.43
CA GLY A 2 -2.16 -7.47 9.86
C GLY A 2 -2.37 -6.14 10.54
N THR A 3 -2.71 -5.12 9.76
CA THR A 3 -2.89 -3.79 10.29
C THR A 3 -4.33 -3.34 10.18
N TYR A 4 -4.51 -2.03 10.08
CA TYR A 4 -5.80 -1.40 10.14
C TYR A 4 -5.89 -0.29 9.11
N ARG A 5 -6.79 0.64 9.38
CA ARG A 5 -6.90 1.87 8.63
C ARG A 5 -7.63 2.87 9.51
N GLY A 6 -7.78 4.11 9.06
CA GLY A 6 -8.62 5.03 9.80
C GLY A 6 -7.90 5.78 10.89
N ARG A 7 -7.43 5.00 11.85
CA ARG A 7 -6.77 5.45 13.06
C ARG A 7 -5.43 6.16 12.82
N GLY A 8 -5.27 6.79 11.65
CA GLY A 8 -3.98 7.33 11.29
C GLY A 8 -3.03 6.25 10.81
N VAL A 9 -3.19 5.06 11.42
CA VAL A 9 -2.47 3.83 11.08
C VAL A 9 -0.98 4.00 10.90
N ALA A 10 -0.25 3.35 11.78
CA ALA A 10 1.19 3.44 11.77
C ALA A 10 1.75 2.52 10.72
N LEU A 11 0.98 1.48 10.39
CA LEU A 11 1.36 0.52 9.37
C LEU A 11 2.67 -0.15 9.78
N THR A 12 3.28 -0.94 8.92
CA THR A 12 4.56 -1.51 9.26
C THR A 12 5.67 -0.54 8.88
N ASP A 13 6.90 -0.90 9.17
CA ASP A 13 8.04 0.01 8.96
C ASP A 13 8.23 0.30 7.48
N ASP A 14 8.28 -0.75 6.68
CA ASP A 14 8.53 -0.59 5.25
C ASP A 14 7.37 0.10 4.56
N GLU A 15 6.21 -0.55 4.58
CA GLU A 15 5.02 -0.07 3.86
C GLU A 15 4.75 1.42 4.03
N TYR A 16 4.77 1.91 5.25
CA TYR A 16 4.40 3.30 5.52
C TYR A 16 5.42 4.26 4.90
N ASP A 17 6.68 4.04 5.21
CA ASP A 17 7.78 4.76 4.58
C ASP A 17 7.70 4.67 3.05
N GLU A 18 7.42 3.46 2.57
CA GLU A 18 7.30 3.20 1.15
C GLU A 18 6.06 3.87 0.54
N TRP A 19 5.04 4.10 1.36
CA TRP A 19 3.85 4.83 0.93
C TRP A 19 4.21 6.24 0.51
N ARG A 20 5.14 6.83 1.24
CA ARG A 20 5.60 8.16 0.93
C ARG A 20 6.29 8.16 -0.44
N GLU A 21 6.87 7.02 -0.79
CA GLU A 21 7.41 6.83 -2.14
C GLU A 21 6.28 6.59 -3.15
N HIS A 22 5.28 5.80 -2.74
CA HIS A 22 4.09 5.59 -3.57
C HIS A 22 3.51 6.93 -4.03
N ASN A 23 3.46 7.88 -3.11
CA ASN A 23 3.03 9.24 -3.41
C ASN A 23 3.84 9.80 -4.58
N ALA A 24 5.15 9.81 -4.40
CA ALA A 24 6.08 10.30 -5.41
C ALA A 24 5.94 9.55 -6.74
N SER A 25 6.14 8.25 -6.70
CA SER A 25 6.23 7.42 -7.91
C SER A 25 4.96 7.49 -8.77
N ARG A 26 3.79 7.49 -8.14
CA ARG A 26 2.54 7.45 -8.90
C ARG A 26 1.99 8.85 -9.15
N LYS A 27 2.66 9.86 -8.59
CA LYS A 27 2.35 11.27 -8.86
C LYS A 27 0.96 11.64 -8.35
N LEU A 28 0.49 10.86 -7.39
CA LEU A 28 -0.79 11.13 -6.76
C LEU A 28 -0.57 11.97 -5.51
N ASP A 29 -1.56 12.01 -4.65
CA ASP A 29 -1.49 12.75 -3.41
C ASP A 29 -2.32 12.00 -2.39
N LEU A 30 -2.11 10.70 -2.38
CA LEU A 30 -2.90 9.80 -1.56
C LEU A 30 -2.51 9.93 -0.10
N SER A 31 -3.43 9.58 0.78
CA SER A 31 -3.14 9.53 2.20
C SER A 31 -2.97 8.07 2.59
N VAL A 32 -2.24 7.83 3.67
CA VAL A 32 -1.83 6.50 4.06
C VAL A 32 -2.96 5.47 4.02
N GLU A 33 -4.14 5.82 4.52
CA GLU A 33 -5.25 4.88 4.57
C GLU A 33 -5.44 4.20 3.20
N ASP A 34 -5.52 5.02 2.16
CA ASP A 34 -5.67 4.51 0.79
C ASP A 34 -4.52 3.60 0.40
N PHE A 35 -3.30 3.93 0.82
CA PHE A 35 -2.17 3.05 0.57
C PHE A 35 -2.41 1.73 1.24
N LEU A 36 -2.78 1.81 2.50
CA LEU A 36 -2.97 0.65 3.34
C LEU A 36 -4.05 -0.24 2.76
N MET A 37 -5.03 0.37 2.13
CA MET A 37 -6.08 -0.38 1.43
C MET A 37 -5.48 -1.15 0.25
N LEU A 38 -4.82 -0.43 -0.65
CA LEU A 38 -4.18 -1.03 -1.82
C LEU A 38 -3.28 -2.20 -1.43
N ARG A 39 -2.33 -1.93 -0.55
CA ARG A 39 -1.37 -2.95 -0.12
C ARG A 39 -2.08 -4.12 0.56
N HIS A 40 -3.05 -3.78 1.42
CA HIS A 40 -3.93 -4.77 2.01
C HIS A 40 -4.46 -5.72 0.97
N ARG A 41 -5.24 -5.19 0.05
CA ARG A 41 -6.01 -6.03 -0.86
C ARG A 41 -5.08 -6.93 -1.66
N ALA A 42 -3.99 -6.34 -2.14
CA ALA A 42 -3.01 -7.03 -2.94
C ALA A 42 -2.42 -8.24 -2.21
N ALA A 43 -2.04 -8.06 -0.95
CA ALA A 43 -1.47 -9.15 -0.18
C ALA A 43 -2.54 -10.07 0.40
N LEU A 44 -3.67 -9.50 0.81
CA LEU A 44 -4.71 -10.28 1.44
C LEU A 44 -5.38 -11.18 0.39
N GLY A 45 -6.24 -10.60 -0.44
CA GLY A 45 -6.76 -11.33 -1.58
C GLY A 45 -7.75 -10.54 -2.42
N ALA A 46 -7.98 -9.28 -2.05
CA ALA A 46 -8.95 -8.45 -2.73
C ALA A 46 -8.37 -7.84 -4.01
N ASP A 47 -9.07 -8.02 -5.10
CA ASP A 47 -8.59 -7.61 -6.42
C ASP A 47 -9.33 -6.39 -6.95
N ASP A 48 -9.63 -5.45 -6.07
CA ASP A 48 -10.20 -4.18 -6.49
C ASP A 48 -9.13 -3.39 -7.24
N ASN A 49 -9.42 -3.05 -8.50
CA ASN A 49 -8.46 -2.48 -9.43
C ASN A 49 -7.45 -1.48 -8.84
N ASP A 50 -7.87 -0.59 -7.94
CA ASP A 50 -6.92 0.38 -7.35
C ASP A 50 -5.79 -0.36 -6.65
N ALA A 51 -6.16 -1.46 -6.04
CA ALA A 51 -5.21 -2.34 -5.38
C ALA A 51 -4.40 -3.14 -6.38
N VAL A 52 -5.02 -3.52 -7.49
CA VAL A 52 -4.32 -4.37 -8.46
C VAL A 52 -3.31 -3.55 -9.24
N LYS A 53 -3.65 -2.29 -9.52
CA LYS A 53 -2.75 -1.38 -10.17
C LYS A 53 -1.63 -0.99 -9.21
N PHE A 54 -1.95 -0.97 -7.92
CA PHE A 54 -0.94 -0.81 -6.89
C PHE A 54 0.01 -1.96 -6.95
N ARG A 55 -0.56 -3.15 -6.89
CA ARG A 55 0.19 -4.40 -7.03
C ARG A 55 1.09 -4.36 -8.26
N SER A 56 0.46 -4.21 -9.42
CA SER A 56 1.15 -4.11 -10.70
C SER A 56 2.40 -3.22 -10.63
N TRP A 57 2.25 -2.01 -10.10
CA TRP A 57 3.34 -1.05 -10.02
C TRP A 57 4.31 -1.37 -8.89
N TRP A 58 3.77 -1.68 -7.72
CA TRP A 58 4.56 -1.86 -6.51
C TRP A 58 5.27 -3.20 -6.50
N ASN A 59 4.52 -4.29 -6.61
CA ASN A 59 5.11 -5.62 -6.78
C ASN A 59 6.05 -5.74 -7.98
N SER A 60 6.19 -4.70 -8.76
CA SER A 60 7.17 -4.70 -9.83
C SER A 60 8.49 -4.13 -9.33
N ARG A 61 8.42 -3.38 -8.24
CA ARG A 61 9.60 -2.72 -7.67
C ARG A 61 9.95 -3.31 -6.30
N THR A 62 9.02 -3.20 -5.38
CA THR A 62 9.24 -3.58 -3.99
C THR A 62 8.70 -4.96 -3.66
N LYS A 63 7.37 -5.08 -3.84
CA LYS A 63 6.62 -6.29 -3.53
C LYS A 63 6.32 -6.40 -2.04
N MET A 64 6.60 -5.30 -1.32
CA MET A 64 6.18 -5.08 0.08
C MET A 64 6.35 -6.27 1.01
N ALA A 65 5.69 -6.17 2.17
CA ALA A 65 5.67 -7.22 3.16
C ALA A 65 4.34 -7.23 3.87
N ASN A 66 3.37 -6.68 3.16
CA ASN A 66 2.02 -6.40 3.67
C ASN A 66 2.05 -5.62 4.99
N ASP A 67 2.47 -6.29 6.05
CA ASP A 67 2.47 -5.74 7.39
C ASP A 67 3.69 -6.25 8.16
N TYR A 68 4.51 -7.06 7.50
CA TYR A 68 5.61 -7.72 8.18
C TYR A 68 6.92 -6.95 7.99
N GLY A 2 -2.96 -9.16 10.28
CA GLY A 2 -2.24 -8.07 9.59
C GLY A 2 -2.43 -6.73 10.28
N THR A 3 -2.28 -5.65 9.52
CA THR A 3 -2.40 -4.31 10.06
C THR A 3 -3.86 -3.85 10.03
N TYR A 4 -4.05 -2.58 9.72
CA TYR A 4 -5.38 -1.97 9.74
C TYR A 4 -5.49 -0.96 8.63
N ARG A 5 -6.49 -0.10 8.72
CA ARG A 5 -6.60 1.06 7.86
C ARG A 5 -7.68 2.00 8.39
N GLY A 6 -7.28 3.21 8.74
CA GLY A 6 -8.23 4.17 9.25
C GLY A 6 -7.98 4.56 10.69
N ARG A 7 -7.72 3.55 11.51
CA ARG A 7 -7.61 3.72 12.95
C ARG A 7 -6.24 4.26 13.38
N GLY A 8 -5.85 5.41 12.85
CA GLY A 8 -4.57 5.98 13.20
C GLY A 8 -3.43 5.10 12.75
N VAL A 9 -3.67 4.35 11.69
CA VAL A 9 -2.73 3.37 11.18
C VAL A 9 -1.34 3.93 10.97
N ALA A 10 -0.38 3.13 11.35
CA ALA A 10 1.02 3.42 11.12
C ALA A 10 1.58 2.40 10.16
N LEU A 11 0.78 1.36 9.89
CA LEU A 11 1.13 0.31 8.94
C LEU A 11 2.45 -0.38 9.38
N THR A 12 2.85 -1.45 8.72
CA THR A 12 4.16 -2.03 9.00
C THR A 12 5.27 -0.99 8.72
N ASP A 13 6.46 -1.25 9.22
CA ASP A 13 7.49 -0.21 9.31
C ASP A 13 7.92 0.35 7.95
N ASP A 14 8.13 -0.52 6.97
CA ASP A 14 8.69 -0.11 5.69
C ASP A 14 7.63 0.51 4.78
N GLU A 15 6.63 -0.29 4.47
CA GLU A 15 5.54 0.10 3.56
C GLU A 15 4.96 1.49 3.81
N TYR A 16 4.87 1.90 5.06
CA TYR A 16 4.32 3.21 5.39
C TYR A 16 5.21 4.33 4.81
N ASP A 17 6.47 4.34 5.22
CA ASP A 17 7.47 5.25 4.64
C ASP A 17 7.50 5.11 3.12
N GLU A 18 7.41 3.87 2.65
CA GLU A 18 7.40 3.58 1.23
C GLU A 18 6.11 4.09 0.54
N TRP A 19 5.06 4.32 1.32
CA TRP A 19 3.85 4.95 0.80
C TRP A 19 4.13 6.39 0.42
N ARG A 20 5.01 7.01 1.19
CA ARG A 20 5.46 8.35 0.88
C ARG A 20 6.11 8.36 -0.51
N GLU A 21 6.79 7.27 -0.83
CA GLU A 21 7.35 7.08 -2.16
C GLU A 21 6.25 6.74 -3.17
N HIS A 22 5.28 5.94 -2.75
CA HIS A 22 4.09 5.65 -3.57
C HIS A 22 3.47 6.96 -4.06
N ASN A 23 3.40 7.94 -3.16
CA ASN A 23 2.91 9.28 -3.49
C ASN A 23 3.68 9.83 -4.69
N ALA A 24 5.00 9.74 -4.60
CA ALA A 24 5.90 10.22 -5.65
C ALA A 24 5.79 9.38 -6.92
N SER A 25 6.10 8.10 -6.81
CA SER A 25 6.26 7.21 -7.96
C SER A 25 5.01 7.11 -8.83
N ARG A 26 3.83 7.11 -8.22
CA ARG A 26 2.61 6.96 -9.00
C ARG A 26 2.00 8.31 -9.36
N LYS A 27 2.71 9.37 -8.95
CA LYS A 27 2.31 10.74 -9.24
C LYS A 27 0.88 11.00 -8.77
N LEU A 28 0.64 10.71 -7.51
CA LEU A 28 -0.68 10.85 -6.92
C LEU A 28 -0.54 11.48 -5.56
N ASP A 29 -1.62 11.60 -4.83
CA ASP A 29 -1.58 12.18 -3.51
C ASP A 29 -2.61 11.52 -2.62
N LEU A 30 -2.28 10.34 -2.17
CA LEU A 30 -3.16 9.57 -1.33
C LEU A 30 -2.68 9.57 0.09
N SER A 31 -3.60 9.36 0.99
CA SER A 31 -3.29 9.26 2.38
C SER A 31 -2.86 7.83 2.69
N VAL A 32 -2.30 7.59 3.85
CA VAL A 32 -1.74 6.29 4.13
C VAL A 32 -2.82 5.23 4.12
N GLU A 33 -3.95 5.55 4.73
CA GLU A 33 -5.08 4.63 4.78
C GLU A 33 -5.39 4.09 3.39
N ASP A 34 -5.51 4.98 2.42
CA ASP A 34 -5.76 4.57 1.05
C ASP A 34 -4.66 3.62 0.54
N PHE A 35 -3.41 3.89 0.91
CA PHE A 35 -2.31 3.00 0.58
C PHE A 35 -2.54 1.66 1.24
N LEU A 36 -2.80 1.72 2.54
CA LEU A 36 -2.98 0.54 3.36
C LEU A 36 -4.09 -0.31 2.81
N MET A 37 -5.10 0.32 2.21
CA MET A 37 -6.14 -0.40 1.49
C MET A 37 -5.56 -1.16 0.30
N LEU A 38 -4.91 -0.42 -0.59
CA LEU A 38 -4.26 -1.00 -1.77
C LEU A 38 -3.40 -2.20 -1.42
N ARG A 39 -2.47 -2.01 -0.49
CA ARG A 39 -1.57 -3.07 -0.09
C ARG A 39 -2.34 -4.20 0.57
N HIS A 40 -3.25 -3.83 1.46
CA HIS A 40 -4.16 -4.79 2.08
C HIS A 40 -4.75 -5.70 1.04
N ARG A 41 -5.53 -5.17 0.13
CA ARG A 41 -6.24 -6.00 -0.82
C ARG A 41 -5.27 -6.89 -1.59
N ALA A 42 -4.25 -6.25 -2.15
CA ALA A 42 -3.22 -6.94 -2.92
C ALA A 42 -2.54 -8.03 -2.09
N ALA A 43 -1.92 -7.64 -0.99
CA ALA A 43 -1.18 -8.57 -0.14
C ALA A 43 -2.06 -9.69 0.42
N LEU A 44 -3.33 -9.40 0.66
CA LEU A 44 -4.21 -10.39 1.27
C LEU A 44 -4.83 -11.29 0.19
N GLY A 45 -5.73 -10.72 -0.61
CA GLY A 45 -6.33 -11.49 -1.69
C GLY A 45 -7.56 -10.82 -2.29
N ALA A 46 -7.54 -9.50 -2.36
CA ALA A 46 -8.64 -8.73 -2.94
C ALA A 46 -8.12 -7.95 -4.14
N ASP A 47 -8.93 -7.87 -5.18
CA ASP A 47 -8.46 -7.30 -6.45
C ASP A 47 -9.28 -6.10 -6.89
N ASP A 48 -9.52 -5.18 -5.97
CA ASP A 48 -10.07 -3.88 -6.33
C ASP A 48 -9.03 -3.13 -7.16
N ASN A 49 -9.43 -2.66 -8.34
CA ASN A 49 -8.49 -2.12 -9.31
C ASN A 49 -7.44 -1.15 -8.75
N ASP A 50 -7.81 -0.30 -7.80
CA ASP A 50 -6.82 0.64 -7.25
C ASP A 50 -5.70 -0.15 -6.58
N ALA A 51 -6.12 -1.19 -5.88
CA ALA A 51 -5.21 -2.13 -5.26
C ALA A 51 -4.41 -2.92 -6.29
N VAL A 52 -5.00 -3.18 -7.44
CA VAL A 52 -4.29 -3.97 -8.45
C VAL A 52 -3.24 -3.12 -9.12
N LYS A 53 -3.58 -1.85 -9.35
CA LYS A 53 -2.63 -0.89 -9.89
C LYS A 53 -1.50 -0.67 -8.90
N PHE A 54 -1.83 -0.81 -7.63
CA PHE A 54 -0.83 -0.77 -6.59
C PHE A 54 0.09 -1.96 -6.74
N ARG A 55 -0.51 -3.14 -6.72
CA ARG A 55 0.21 -4.39 -6.89
C ARG A 55 1.10 -4.36 -8.13
N SER A 56 0.48 -4.19 -9.29
CA SER A 56 1.19 -4.18 -10.56
C SER A 56 2.45 -3.31 -10.54
N TRP A 57 2.34 -2.13 -9.95
CA TRP A 57 3.46 -1.19 -9.88
C TRP A 57 4.43 -1.56 -8.76
N TRP A 58 3.88 -1.78 -7.57
CA TRP A 58 4.67 -1.97 -6.37
C TRP A 58 5.34 -3.35 -6.33
N ASN A 59 4.77 -4.30 -7.06
CA ASN A 59 5.27 -5.67 -7.06
C ASN A 59 6.26 -5.90 -8.18
N SER A 60 6.50 -4.88 -8.97
CA SER A 60 7.53 -4.96 -9.99
C SER A 60 8.83 -4.41 -9.42
N ARG A 61 8.70 -3.69 -8.32
CA ARG A 61 9.82 -2.97 -7.72
C ARG A 61 10.16 -3.54 -6.35
N THR A 62 9.17 -3.49 -5.47
CA THR A 62 9.32 -3.88 -4.08
C THR A 62 8.75 -5.25 -3.81
N LYS A 63 7.46 -5.37 -4.10
CA LYS A 63 6.66 -6.53 -3.72
C LYS A 63 6.42 -6.50 -2.22
N MET A 64 6.45 -5.27 -1.70
CA MET A 64 6.04 -4.91 -0.33
C MET A 64 6.54 -5.85 0.77
N ALA A 65 5.93 -5.70 1.93
CA ALA A 65 6.26 -6.44 3.11
C ALA A 65 5.06 -6.45 4.04
N ASN A 66 4.06 -7.24 3.64
CA ASN A 66 2.72 -7.28 4.23
C ASN A 66 2.72 -6.89 5.72
N ASP A 67 3.51 -7.59 6.51
CA ASP A 67 3.74 -7.19 7.90
C ASP A 67 5.14 -7.59 8.32
N TYR A 68 6.00 -7.74 7.33
CA TYR A 68 7.35 -8.23 7.56
C TYR A 68 8.29 -7.07 7.84
N GLY A 2 -3.52 -8.86 9.40
CA GLY A 2 -3.13 -7.78 8.46
C GLY A 2 -2.78 -6.49 9.18
N THR A 3 -3.55 -5.44 8.92
CA THR A 3 -3.36 -4.17 9.59
C THR A 3 -4.72 -3.51 9.79
N TYR A 4 -4.77 -2.20 9.65
CA TYR A 4 -5.99 -1.44 9.87
C TYR A 4 -6.07 -0.31 8.86
N ARG A 5 -6.98 0.63 9.10
CA ARG A 5 -6.99 1.89 8.39
C ARG A 5 -7.71 2.96 9.21
N GLY A 6 -7.21 4.19 9.19
CA GLY A 6 -7.89 5.30 9.83
C GLY A 6 -7.65 5.37 11.32
N ARG A 7 -7.52 4.22 11.96
CA ARG A 7 -7.36 4.14 13.41
C ARG A 7 -5.96 4.51 13.87
N GLY A 8 -5.44 5.62 13.36
CA GLY A 8 -4.09 6.02 13.70
C GLY A 8 -3.08 5.07 13.12
N VAL A 9 -3.44 4.47 12.00
CA VAL A 9 -2.60 3.45 11.37
C VAL A 9 -1.19 3.92 11.13
N ALA A 10 -0.29 3.07 11.54
CA ALA A 10 1.12 3.26 11.30
C ALA A 10 1.58 2.24 10.29
N LEU A 11 0.69 1.27 10.02
CA LEU A 11 0.95 0.22 9.05
C LEU A 11 2.20 -0.57 9.49
N THR A 12 2.63 -1.58 8.77
CA THR A 12 3.91 -2.18 9.08
C THR A 12 5.04 -1.16 8.84
N ASP A 13 6.24 -1.48 9.23
CA ASP A 13 7.30 -0.47 9.27
C ASP A 13 7.69 0.05 7.89
N ASP A 14 7.76 -0.84 6.92
CA ASP A 14 8.34 -0.50 5.62
C ASP A 14 7.33 0.22 4.72
N GLU A 15 6.28 -0.50 4.35
CA GLU A 15 5.26 0.00 3.42
C GLU A 15 4.77 1.41 3.75
N TYR A 16 4.72 1.78 5.02
CA TYR A 16 4.25 3.10 5.41
C TYR A 16 5.19 4.19 4.85
N ASP A 17 6.45 4.11 5.23
CA ASP A 17 7.48 4.99 4.66
C ASP A 17 7.49 4.88 3.12
N GLU A 18 7.36 3.66 2.64
CA GLU A 18 7.33 3.41 1.20
C GLU A 18 6.08 4.00 0.54
N TRP A 19 5.04 4.23 1.32
CA TRP A 19 3.85 4.92 0.85
C TRP A 19 4.20 6.35 0.47
N ARG A 20 5.10 6.93 1.22
CA ARG A 20 5.58 8.26 0.92
C ARG A 20 6.24 8.27 -0.46
N GLU A 21 6.92 7.17 -0.79
CA GLU A 21 7.45 6.99 -2.15
C GLU A 21 6.31 6.73 -3.13
N HIS A 22 5.35 5.91 -2.73
CA HIS A 22 4.15 5.66 -3.53
C HIS A 22 3.52 6.97 -3.99
N ASN A 23 3.44 7.93 -3.08
CA ASN A 23 2.91 9.26 -3.38
C ASN A 23 3.67 9.88 -4.54
N ALA A 24 4.98 9.79 -4.45
CA ALA A 24 5.87 10.31 -5.49
C ALA A 24 5.73 9.52 -6.80
N SER A 25 6.02 8.23 -6.73
CA SER A 25 6.13 7.38 -7.92
C SER A 25 4.85 7.32 -8.75
N ARG A 26 3.69 7.35 -8.10
CA ARG A 26 2.44 7.18 -8.84
C ARG A 26 1.78 8.50 -9.19
N LYS A 27 2.47 9.59 -8.87
CA LYS A 27 2.01 10.94 -9.21
C LYS A 27 0.61 11.19 -8.68
N LEU A 28 0.43 11.01 -7.38
CA LEU A 28 -0.86 11.14 -6.75
C LEU A 28 -0.68 11.84 -5.42
N ASP A 29 -1.76 11.97 -4.69
CA ASP A 29 -1.75 12.61 -3.39
C ASP A 29 -2.65 11.82 -2.49
N LEU A 30 -2.19 10.63 -2.18
CA LEU A 30 -2.99 9.68 -1.46
C LEU A 30 -2.54 9.65 0.00
N SER A 31 -3.47 9.47 0.90
CA SER A 31 -3.14 9.39 2.30
C SER A 31 -2.75 7.96 2.64
N VAL A 32 -2.19 7.74 3.81
CA VAL A 32 -1.69 6.43 4.15
C VAL A 32 -2.80 5.40 4.11
N GLU A 33 -3.96 5.77 4.65
CA GLU A 33 -5.12 4.91 4.65
C GLU A 33 -5.32 4.24 3.30
N ASP A 34 -5.45 5.06 2.27
CA ASP A 34 -5.65 4.56 0.92
C ASP A 34 -4.51 3.65 0.45
N PHE A 35 -3.28 3.97 0.87
CA PHE A 35 -2.17 3.07 0.60
C PHE A 35 -2.43 1.74 1.26
N LEU A 36 -2.66 1.82 2.57
CA LEU A 36 -2.88 0.67 3.41
C LEU A 36 -3.99 -0.19 2.82
N MET A 37 -4.97 0.46 2.20
CA MET A 37 -6.04 -0.24 1.49
C MET A 37 -5.49 -1.03 0.29
N LEU A 38 -4.83 -0.30 -0.62
CA LEU A 38 -4.23 -0.91 -1.81
C LEU A 38 -3.37 -2.12 -1.45
N ARG A 39 -2.45 -1.94 -0.51
CA ARG A 39 -1.59 -3.03 -0.08
C ARG A 39 -2.41 -4.10 0.64
N HIS A 40 -3.33 -3.66 1.49
CA HIS A 40 -4.27 -4.54 2.16
C HIS A 40 -4.88 -5.52 1.19
N ARG A 41 -5.60 -5.03 0.21
CA ARG A 41 -6.32 -5.91 -0.71
C ARG A 41 -5.34 -6.88 -1.39
N ALA A 42 -4.23 -6.33 -1.85
CA ALA A 42 -3.18 -7.10 -2.51
C ALA A 42 -2.66 -8.21 -1.58
N ALA A 43 -2.17 -7.80 -0.41
CA ALA A 43 -1.65 -8.71 0.60
C ALA A 43 -2.69 -9.73 1.05
N LEU A 44 -3.89 -9.24 1.38
CA LEU A 44 -4.88 -10.08 2.02
C LEU A 44 -5.53 -11.01 1.00
N GLY A 45 -6.32 -10.45 0.09
CA GLY A 45 -6.84 -11.25 -1.00
C GLY A 45 -7.99 -10.58 -1.73
N ALA A 46 -7.93 -9.27 -1.87
CA ALA A 46 -8.96 -8.51 -2.57
C ALA A 46 -8.39 -7.87 -3.82
N ASP A 47 -9.16 -7.90 -4.89
CA ASP A 47 -8.68 -7.49 -6.19
C ASP A 47 -9.45 -6.30 -6.75
N ASP A 48 -9.57 -5.27 -5.95
CA ASP A 48 -10.06 -3.97 -6.45
C ASP A 48 -8.94 -3.32 -7.27
N ASN A 49 -9.29 -2.91 -8.49
CA ASN A 49 -8.32 -2.45 -9.47
C ASN A 49 -7.32 -1.40 -8.96
N ASP A 50 -7.71 -0.54 -8.03
CA ASP A 50 -6.76 0.42 -7.47
C ASP A 50 -5.66 -0.34 -6.76
N ALA A 51 -6.08 -1.31 -6.00
CA ALA A 51 -5.18 -2.21 -5.30
C ALA A 51 -4.37 -3.05 -6.27
N VAL A 52 -4.98 -3.46 -7.39
CA VAL A 52 -4.29 -4.34 -8.31
C VAL A 52 -3.23 -3.58 -9.11
N LYS A 53 -3.53 -2.33 -9.47
CA LYS A 53 -2.55 -1.50 -10.14
C LYS A 53 -1.48 -1.04 -9.17
N PHE A 54 -1.84 -0.92 -7.91
CA PHE A 54 -0.87 -0.73 -6.85
C PHE A 54 0.07 -1.92 -6.87
N ARG A 55 -0.51 -3.09 -6.79
CA ARG A 55 0.23 -4.35 -6.90
C ARG A 55 1.11 -4.36 -8.13
N SER A 56 0.52 -4.22 -9.30
CA SER A 56 1.25 -4.17 -10.57
C SER A 56 2.51 -3.30 -10.48
N TRP A 57 2.34 -2.05 -10.06
CA TRP A 57 3.46 -1.11 -9.97
C TRP A 57 4.42 -1.48 -8.85
N TRP A 58 3.88 -1.69 -7.66
CA TRP A 58 4.68 -1.88 -6.45
C TRP A 58 5.36 -3.25 -6.41
N ASN A 59 4.80 -4.22 -7.12
CA ASN A 59 5.32 -5.58 -7.11
C ASN A 59 6.28 -5.82 -8.24
N SER A 60 6.52 -4.80 -9.03
CA SER A 60 7.54 -4.89 -10.05
C SER A 60 8.85 -4.33 -9.49
N ARG A 61 8.71 -3.59 -8.40
CA ARG A 61 9.82 -2.86 -7.82
C ARG A 61 10.19 -3.42 -6.45
N THR A 62 9.23 -3.32 -5.54
CA THR A 62 9.41 -3.67 -4.15
C THR A 62 8.85 -5.05 -3.85
N LYS A 63 7.56 -5.19 -4.14
CA LYS A 63 6.79 -6.36 -3.81
C LYS A 63 6.48 -6.39 -2.32
N MET A 64 6.57 -5.19 -1.73
CA MET A 64 6.13 -4.88 -0.35
C MET A 64 6.53 -5.91 0.69
N ALA A 65 5.87 -5.81 1.83
CA ALA A 65 6.18 -6.60 3.00
C ALA A 65 5.00 -6.53 3.95
N ASN A 66 3.97 -7.33 3.65
CA ASN A 66 2.67 -7.31 4.33
C ASN A 66 2.80 -6.92 5.80
N ASP A 67 3.59 -7.68 6.54
CA ASP A 67 3.90 -7.34 7.92
C ASP A 67 5.29 -7.84 8.26
N TYR A 68 6.16 -7.81 7.25
CA TYR A 68 7.52 -8.30 7.39
C TYR A 68 8.46 -7.15 7.72
N GLY A 2 -1.75 -8.85 8.96
CA GLY A 2 -2.87 -7.88 8.81
C GLY A 2 -2.56 -6.53 9.43
N THR A 3 -3.44 -5.57 9.22
CA THR A 3 -3.29 -4.25 9.79
C THR A 3 -4.67 -3.61 9.87
N TYR A 4 -4.72 -2.30 9.71
CA TYR A 4 -5.95 -1.55 9.90
C TYR A 4 -6.05 -0.43 8.87
N ARG A 5 -6.99 0.48 9.09
CA ARG A 5 -7.04 1.73 8.34
C ARG A 5 -7.80 2.77 9.12
N GLY A 6 -7.34 4.02 9.05
CA GLY A 6 -8.06 5.12 9.68
C GLY A 6 -7.81 5.23 11.18
N ARG A 7 -7.61 4.10 11.83
CA ARG A 7 -7.48 4.07 13.29
C ARG A 7 -6.08 4.46 13.76
N GLY A 8 -5.58 5.56 13.23
CA GLY A 8 -4.24 5.99 13.58
C GLY A 8 -3.20 5.05 13.03
N VAL A 9 -3.55 4.41 11.92
CA VAL A 9 -2.67 3.42 11.31
C VAL A 9 -1.28 3.94 11.05
N ALA A 10 -0.33 3.14 11.47
CA ALA A 10 1.06 3.42 11.25
C ALA A 10 1.65 2.40 10.31
N LEU A 11 0.85 1.36 10.03
CA LEU A 11 1.25 0.29 9.11
C LEU A 11 2.59 -0.31 9.56
N THR A 12 3.22 -1.14 8.77
CA THR A 12 4.55 -1.58 9.15
C THR A 12 5.57 -0.47 8.87
N ASP A 13 6.77 -0.65 9.37
CA ASP A 13 7.80 0.39 9.27
C ASP A 13 8.07 0.74 7.82
N ASP A 14 8.39 -0.27 7.03
CA ASP A 14 8.79 -0.06 5.65
C ASP A 14 7.64 0.45 4.80
N GLU A 15 6.59 -0.37 4.66
CA GLU A 15 5.45 -0.06 3.78
C GLU A 15 4.88 1.35 3.98
N TYR A 16 4.80 1.82 5.22
CA TYR A 16 4.27 3.15 5.50
C TYR A 16 5.19 4.22 4.90
N ASP A 17 6.46 4.15 5.25
CA ASP A 17 7.49 4.98 4.62
C ASP A 17 7.43 4.85 3.10
N GLU A 18 7.25 3.63 2.63
CA GLU A 18 7.18 3.35 1.19
C GLU A 18 5.93 3.95 0.57
N TRP A 19 4.91 4.17 1.37
CA TRP A 19 3.70 4.87 0.92
C TRP A 19 4.05 6.28 0.51
N ARG A 20 4.95 6.89 1.26
CA ARG A 20 5.40 8.24 0.94
C ARG A 20 6.08 8.23 -0.43
N GLU A 21 6.74 7.13 -0.76
CA GLU A 21 7.33 6.96 -2.08
C GLU A 21 6.26 6.64 -3.13
N HIS A 22 5.28 5.81 -2.74
CA HIS A 22 4.11 5.54 -3.58
C HIS A 22 3.50 6.84 -4.07
N ASN A 23 3.43 7.82 -3.18
CA ASN A 23 2.96 9.15 -3.52
C ASN A 23 3.77 9.70 -4.69
N ALA A 24 5.09 9.66 -4.53
CA ALA A 24 6.01 10.16 -5.53
C ALA A 24 5.95 9.37 -6.84
N SER A 25 6.24 8.07 -6.75
CA SER A 25 6.38 7.23 -7.94
C SER A 25 5.13 7.22 -8.81
N ARG A 26 3.96 7.07 -8.21
CA ARG A 26 2.73 7.00 -8.98
C ARG A 26 2.19 8.39 -9.28
N LYS A 27 2.87 9.42 -8.76
CA LYS A 27 2.58 10.81 -9.06
C LYS A 27 1.16 11.19 -8.66
N LEU A 28 0.64 10.47 -7.68
CA LEU A 28 -0.70 10.69 -7.18
C LEU A 28 -0.66 11.45 -5.87
N ASP A 29 -1.79 11.50 -5.21
CA ASP A 29 -1.91 12.17 -3.93
C ASP A 29 -2.85 11.39 -3.05
N LEU A 30 -2.30 10.71 -2.08
CA LEU A 30 -3.09 9.85 -1.23
C LEU A 30 -2.64 9.97 0.20
N SER A 31 -3.51 9.57 1.09
CA SER A 31 -3.16 9.45 2.48
C SER A 31 -2.78 8.02 2.76
N VAL A 32 -2.35 7.72 3.97
CA VAL A 32 -1.83 6.42 4.26
C VAL A 32 -2.93 5.37 4.17
N GLU A 33 -4.11 5.71 4.65
CA GLU A 33 -5.25 4.82 4.58
C GLU A 33 -5.40 4.25 3.18
N ASP A 34 -5.37 5.14 2.19
CA ASP A 34 -5.44 4.74 0.79
C ASP A 34 -4.38 3.70 0.46
N PHE A 35 -3.15 3.96 0.89
CA PHE A 35 -2.07 3.02 0.66
C PHE A 35 -2.40 1.69 1.29
N LEU A 36 -2.75 1.77 2.56
CA LEU A 36 -3.00 0.61 3.37
C LEU A 36 -4.06 -0.26 2.74
N MET A 37 -5.03 0.37 2.10
CA MET A 37 -6.07 -0.36 1.36
C MET A 37 -5.49 -1.07 0.14
N LEU A 38 -4.87 -0.30 -0.76
CA LEU A 38 -4.24 -0.85 -1.96
C LEU A 38 -3.34 -2.03 -1.61
N ARG A 39 -2.44 -1.77 -0.68
CA ARG A 39 -1.53 -2.78 -0.18
C ARG A 39 -2.31 -3.94 0.42
N HIS A 40 -3.20 -3.63 1.37
CA HIS A 40 -4.07 -4.62 2.00
C HIS A 40 -4.60 -5.62 1.00
N ARG A 41 -5.36 -5.15 0.03
CA ARG A 41 -6.06 -6.06 -0.87
C ARG A 41 -5.07 -7.00 -1.56
N ALA A 42 -3.99 -6.42 -2.05
CA ALA A 42 -2.92 -7.20 -2.67
C ALA A 42 -2.31 -8.20 -1.69
N ALA A 43 -1.83 -7.69 -0.56
CA ALA A 43 -1.28 -8.51 0.51
C ALA A 43 -2.21 -9.63 0.93
N LEU A 44 -3.48 -9.31 1.08
CA LEU A 44 -4.45 -10.24 1.62
C LEU A 44 -4.98 -11.17 0.53
N GLY A 45 -5.87 -10.66 -0.31
CA GLY A 45 -6.39 -11.45 -1.41
C GLY A 45 -7.49 -10.77 -2.19
N ALA A 46 -7.67 -9.47 -2.00
CA ALA A 46 -8.69 -8.71 -2.71
C ALA A 46 -8.12 -8.07 -3.96
N ASP A 47 -8.89 -8.06 -5.03
CA ASP A 47 -8.43 -7.55 -6.31
C ASP A 47 -9.33 -6.44 -6.83
N ASP A 48 -9.63 -5.46 -5.99
CA ASP A 48 -10.29 -4.25 -6.44
C ASP A 48 -9.26 -3.37 -7.16
N ASN A 49 -9.60 -2.96 -8.37
CA ASN A 49 -8.67 -2.31 -9.31
C ASN A 49 -7.64 -1.35 -8.71
N ASP A 50 -8.03 -0.43 -7.82
CA ASP A 50 -7.07 0.54 -7.29
C ASP A 50 -5.92 -0.18 -6.61
N ALA A 51 -6.27 -1.25 -5.95
CA ALA A 51 -5.30 -2.12 -5.29
C ALA A 51 -4.50 -2.93 -6.30
N VAL A 52 -5.12 -3.30 -7.42
CA VAL A 52 -4.43 -4.15 -8.39
C VAL A 52 -3.40 -3.34 -9.15
N LYS A 53 -3.76 -2.09 -9.45
CA LYS A 53 -2.85 -1.17 -10.10
C LYS A 53 -1.68 -0.86 -9.17
N PHE A 54 -1.98 -0.83 -7.87
CA PHE A 54 -0.97 -0.68 -6.85
C PHE A 54 -0.01 -1.86 -6.92
N ARG A 55 -0.57 -3.04 -6.81
CA ARG A 55 0.17 -4.29 -6.94
C ARG A 55 1.06 -4.28 -8.18
N SER A 56 0.42 -4.16 -9.33
CA SER A 56 1.10 -4.16 -10.62
C SER A 56 2.32 -3.23 -10.67
N TRP A 57 2.25 -2.09 -10.00
CA TRP A 57 3.38 -1.16 -9.95
C TRP A 57 4.34 -1.51 -8.82
N TRP A 58 3.80 -1.73 -7.63
CA TRP A 58 4.61 -1.87 -6.43
C TRP A 58 5.32 -3.21 -6.37
N ASN A 59 4.81 -4.19 -7.10
CA ASN A 59 5.34 -5.55 -7.04
C ASN A 59 6.34 -5.79 -8.16
N SER A 60 6.57 -4.79 -8.97
CA SER A 60 7.61 -4.86 -9.97
C SER A 60 8.90 -4.31 -9.42
N ARG A 61 8.77 -3.56 -8.34
CA ARG A 61 9.88 -2.86 -7.75
C ARG A 61 10.22 -3.42 -6.38
N THR A 62 9.27 -3.23 -5.46
CA THR A 62 9.46 -3.58 -4.06
C THR A 62 8.89 -4.95 -3.74
N LYS A 63 7.58 -5.09 -3.98
CA LYS A 63 6.83 -6.26 -3.57
C LYS A 63 6.60 -6.25 -2.07
N MET A 64 6.60 -5.03 -1.51
CA MET A 64 6.22 -4.73 -0.12
C MET A 64 6.74 -5.71 0.93
N ALA A 65 6.11 -5.66 2.10
CA ALA A 65 6.51 -6.44 3.25
C ALA A 65 5.32 -6.59 4.16
N ASN A 66 4.36 -7.41 3.69
CA ASN A 66 3.04 -7.65 4.31
C ASN A 66 3.06 -7.51 5.83
N ASP A 67 3.00 -6.25 6.30
CA ASP A 67 3.06 -5.92 7.73
C ASP A 67 4.16 -6.70 8.45
N TYR A 68 5.28 -6.94 7.78
CA TYR A 68 6.43 -7.56 8.43
C TYR A 68 7.25 -6.50 9.15
N GLY A 2 -1.17 -8.22 11.19
CA GLY A 2 -1.34 -7.16 10.17
C GLY A 2 -1.86 -5.87 10.78
N THR A 3 -2.03 -4.85 9.95
CA THR A 3 -2.49 -3.57 10.42
C THR A 3 -3.95 -3.35 10.03
N TYR A 4 -4.30 -2.09 9.85
CA TYR A 4 -5.69 -1.69 9.64
C TYR A 4 -5.77 -0.63 8.54
N ARG A 5 -6.84 0.14 8.60
CA ARG A 5 -7.01 1.30 7.74
C ARG A 5 -8.20 2.09 8.25
N GLY A 6 -8.10 3.40 8.26
CA GLY A 6 -9.22 4.20 8.71
C GLY A 6 -9.19 4.48 10.20
N ARG A 7 -8.09 5.03 10.68
CA ARG A 7 -7.89 5.24 12.10
C ARG A 7 -6.57 5.91 12.39
N GLY A 8 -6.06 6.65 11.41
CA GLY A 8 -4.73 7.22 11.55
C GLY A 8 -3.69 6.14 11.56
N VAL A 9 -4.02 5.03 10.89
CA VAL A 9 -3.15 3.85 10.79
C VAL A 9 -1.68 4.18 10.65
N ALA A 10 -0.89 3.40 11.35
CA ALA A 10 0.55 3.55 11.30
C ALA A 10 1.15 2.49 10.38
N LEU A 11 0.33 1.49 10.02
CA LEU A 11 0.73 0.45 9.09
C LEU A 11 1.92 -0.33 9.69
N THR A 12 2.39 -1.38 9.03
CA THR A 12 3.65 -2.00 9.42
C THR A 12 4.80 -1.00 9.15
N ASP A 13 6.05 -1.45 9.23
CA ASP A 13 7.18 -0.53 9.14
C ASP A 13 7.43 -0.03 7.72
N ASP A 14 7.65 -0.95 6.78
CA ASP A 14 8.10 -0.56 5.44
C ASP A 14 7.05 0.23 4.66
N GLU A 15 5.93 -0.41 4.36
CA GLU A 15 4.88 0.18 3.51
C GLU A 15 4.52 1.61 3.86
N TYR A 16 4.60 1.99 5.14
CA TYR A 16 4.23 3.34 5.53
C TYR A 16 5.25 4.34 4.97
N ASP A 17 6.52 4.08 5.25
CA ASP A 17 7.62 4.82 4.64
C ASP A 17 7.53 4.74 3.11
N GLU A 18 7.30 3.54 2.62
CA GLU A 18 7.26 3.28 1.18
C GLU A 18 6.05 3.96 0.53
N TRP A 19 5.01 4.21 1.31
CA TRP A 19 3.84 4.94 0.84
C TRP A 19 4.23 6.36 0.47
N ARG A 20 5.13 6.93 1.26
CA ARG A 20 5.63 8.26 0.98
C ARG A 20 6.29 8.27 -0.40
N GLU A 21 6.97 7.18 -0.75
CA GLU A 21 7.53 7.02 -2.09
C GLU A 21 6.43 6.74 -3.11
N HIS A 22 5.46 5.92 -2.73
CA HIS A 22 4.25 5.71 -3.54
C HIS A 22 3.66 7.04 -4.00
N ASN A 23 3.68 8.03 -3.11
CA ASN A 23 3.23 9.37 -3.44
C ASN A 23 4.01 9.93 -4.60
N ALA A 24 5.32 9.84 -4.51
CA ALA A 24 6.22 10.34 -5.54
C ALA A 24 6.07 9.54 -6.83
N SER A 25 6.36 8.25 -6.75
CA SER A 25 6.41 7.38 -7.92
C SER A 25 5.11 7.37 -8.72
N ARG A 26 3.96 7.51 -8.06
CA ARG A 26 2.68 7.45 -8.76
C ARG A 26 2.10 8.83 -8.99
N LYS A 27 2.83 9.87 -8.56
CA LYS A 27 2.50 11.26 -8.86
C LYS A 27 1.13 11.65 -8.31
N LEU A 28 0.72 10.98 -7.25
CA LEU A 28 -0.55 11.26 -6.60
C LEU A 28 -0.31 11.98 -5.28
N ASP A 29 -1.34 12.05 -4.48
CA ASP A 29 -1.29 12.71 -3.17
C ASP A 29 -2.17 11.93 -2.21
N LEU A 30 -2.05 10.62 -2.31
CA LEU A 30 -2.89 9.71 -1.56
C LEU A 30 -2.47 9.68 -0.10
N SER A 31 -3.42 9.40 0.77
CA SER A 31 -3.10 9.29 2.18
C SER A 31 -2.68 7.88 2.50
N VAL A 32 -2.17 7.65 3.69
CA VAL A 32 -1.61 6.36 4.03
C VAL A 32 -2.69 5.31 4.00
N GLU A 33 -3.83 5.63 4.60
CA GLU A 33 -4.94 4.71 4.67
C GLU A 33 -5.31 4.18 3.29
N ASP A 34 -5.40 5.09 2.30
CA ASP A 34 -5.63 4.68 0.92
C ASP A 34 -4.57 3.69 0.45
N PHE A 35 -3.30 3.96 0.79
CA PHE A 35 -2.22 3.03 0.47
C PHE A 35 -2.48 1.69 1.12
N LEU A 36 -2.69 1.75 2.43
CA LEU A 36 -2.81 0.55 3.25
C LEU A 36 -3.91 -0.33 2.73
N MET A 37 -4.91 0.28 2.13
CA MET A 37 -5.97 -0.47 1.46
C MET A 37 -5.40 -1.24 0.28
N LEU A 38 -4.74 -0.51 -0.62
CA LEU A 38 -4.12 -1.10 -1.81
C LEU A 38 -3.26 -2.30 -1.46
N ARG A 39 -2.29 -2.10 -0.57
CA ARG A 39 -1.40 -3.18 -0.18
C ARG A 39 -2.15 -4.27 0.59
N HIS A 40 -3.01 -3.87 1.53
CA HIS A 40 -3.92 -4.80 2.21
C HIS A 40 -4.50 -5.78 1.22
N ARG A 41 -5.26 -5.27 0.26
CA ARG A 41 -6.00 -6.13 -0.64
C ARG A 41 -5.07 -7.09 -1.38
N ALA A 42 -3.95 -6.54 -1.84
CA ALA A 42 -2.94 -7.33 -2.54
C ALA A 42 -2.38 -8.44 -1.63
N ALA A 43 -1.83 -8.05 -0.48
CA ALA A 43 -1.30 -9.01 0.49
C ALA A 43 -2.34 -10.04 0.95
N LEU A 44 -3.55 -9.58 1.20
CA LEU A 44 -4.59 -10.43 1.75
C LEU A 44 -5.18 -11.33 0.68
N GLY A 45 -6.01 -10.77 -0.20
CA GLY A 45 -6.54 -11.54 -1.30
C GLY A 45 -7.61 -10.81 -2.10
N ALA A 46 -7.72 -9.51 -1.91
CA ALA A 46 -8.73 -8.73 -2.62
C ALA A 46 -8.13 -8.09 -3.86
N ASP A 47 -8.87 -8.17 -4.96
CA ASP A 47 -8.38 -7.68 -6.24
C ASP A 47 -9.22 -6.50 -6.73
N ASP A 48 -9.43 -5.54 -5.84
CA ASP A 48 -10.07 -4.29 -6.24
C ASP A 48 -9.06 -3.45 -7.02
N ASN A 49 -9.48 -2.98 -8.19
CA ASN A 49 -8.60 -2.33 -9.17
C ASN A 49 -7.53 -1.38 -8.61
N ASP A 50 -7.88 -0.50 -7.68
CA ASP A 50 -6.87 0.46 -7.18
C ASP A 50 -5.75 -0.29 -6.49
N ALA A 51 -6.13 -1.36 -5.83
CA ALA A 51 -5.19 -2.25 -5.19
C ALA A 51 -4.39 -3.05 -6.22
N VAL A 52 -5.04 -3.45 -7.31
CA VAL A 52 -4.36 -4.30 -8.30
C VAL A 52 -3.38 -3.47 -9.12
N LYS A 53 -3.78 -2.24 -9.45
CA LYS A 53 -2.90 -1.33 -10.15
C LYS A 53 -1.77 -0.86 -9.23
N PHE A 54 -2.05 -0.81 -7.94
CA PHE A 54 -1.00 -0.60 -6.95
C PHE A 54 -0.02 -1.74 -7.03
N ARG A 55 -0.57 -2.94 -6.90
CA ARG A 55 0.19 -4.18 -7.02
C ARG A 55 1.05 -4.17 -8.27
N SER A 56 0.40 -4.02 -9.42
CA SER A 56 1.07 -3.92 -10.71
C SER A 56 2.35 -3.05 -10.66
N TRP A 57 2.25 -1.88 -10.04
CA TRP A 57 3.38 -0.97 -9.95
C TRP A 57 4.35 -1.36 -8.82
N TRP A 58 3.80 -1.64 -7.65
CA TRP A 58 4.61 -1.82 -6.45
C TRP A 58 5.23 -3.21 -6.40
N ASN A 59 4.63 -4.17 -7.08
CA ASN A 59 5.10 -5.55 -7.03
C ASN A 59 6.05 -5.83 -8.16
N SER A 60 6.24 -4.84 -9.01
CA SER A 60 7.21 -4.96 -10.06
C SER A 60 8.54 -4.39 -9.59
N ARG A 61 8.47 -3.64 -8.50
CA ARG A 61 9.63 -2.95 -7.96
C ARG A 61 10.02 -3.54 -6.61
N THR A 62 9.10 -3.43 -5.67
CA THR A 62 9.32 -3.78 -4.28
C THR A 62 8.67 -5.10 -3.91
N LYS A 63 7.35 -5.12 -4.07
CA LYS A 63 6.51 -6.23 -3.60
C LYS A 63 6.37 -6.17 -2.09
N MET A 64 6.50 -4.95 -1.55
CA MET A 64 6.24 -4.62 -0.14
C MET A 64 6.88 -5.61 0.85
N ALA A 65 6.48 -5.47 2.10
CA ALA A 65 6.90 -6.34 3.17
C ALA A 65 5.72 -6.57 4.09
N ASN A 66 4.73 -7.28 3.53
CA ASN A 66 3.39 -7.50 4.12
C ASN A 66 3.29 -7.08 5.59
N ASP A 67 3.93 -7.83 6.47
CA ASP A 67 3.95 -7.49 7.87
C ASP A 67 5.35 -7.73 8.43
N TYR A 68 6.34 -7.68 7.55
CA TYR A 68 7.70 -8.01 7.92
C TYR A 68 8.49 -6.75 8.23
N GLY A 2 -0.89 -8.52 10.15
CA GLY A 2 -2.11 -7.81 9.69
C GLY A 2 -2.22 -6.42 10.29
N THR A 3 -2.86 -5.51 9.58
CA THR A 3 -3.01 -4.16 10.03
C THR A 3 -4.46 -3.73 9.99
N TYR A 4 -4.64 -2.43 9.94
CA TYR A 4 -5.93 -1.81 9.93
C TYR A 4 -5.97 -0.78 8.82
N ARG A 5 -6.94 0.12 8.90
CA ARG A 5 -6.96 1.30 8.06
C ARG A 5 -7.98 2.28 8.60
N GLY A 6 -7.56 3.52 8.84
CA GLY A 6 -8.46 4.51 9.40
C GLY A 6 -8.14 4.86 10.83
N ARG A 7 -7.87 3.84 11.62
CA ARG A 7 -7.68 3.98 13.06
C ARG A 7 -6.31 4.55 13.45
N GLY A 8 -5.90 5.62 12.78
CA GLY A 8 -4.60 6.19 13.04
C GLY A 8 -3.50 5.23 12.67
N VAL A 9 -3.80 4.38 11.70
CA VAL A 9 -2.87 3.34 11.24
C VAL A 9 -1.45 3.83 11.06
N ALA A 10 -0.54 3.04 11.57
CA ALA A 10 0.88 3.30 11.42
C ALA A 10 1.45 2.33 10.43
N LEU A 11 0.71 1.24 10.16
CA LEU A 11 1.07 0.27 9.15
C LEU A 11 2.41 -0.40 9.55
N THR A 12 2.87 -1.42 8.84
CA THR A 12 4.21 -1.92 9.09
C THR A 12 5.25 -0.83 8.80
N ASP A 13 6.42 -0.97 9.38
CA ASP A 13 7.42 0.10 9.33
C ASP A 13 7.78 0.50 7.90
N ASP A 14 7.97 -0.49 7.04
CA ASP A 14 8.47 -0.23 5.69
C ASP A 14 7.41 0.39 4.78
N GLU A 15 6.33 -0.35 4.51
CA GLU A 15 5.30 0.08 3.55
C GLU A 15 4.79 1.50 3.81
N TYR A 16 4.72 1.90 5.06
CA TYR A 16 4.23 3.24 5.41
C TYR A 16 5.15 4.31 4.83
N ASP A 17 6.42 4.26 5.21
CA ASP A 17 7.44 5.11 4.60
C ASP A 17 7.44 4.96 3.07
N GLU A 18 7.33 3.73 2.61
CA GLU A 18 7.29 3.44 1.17
C GLU A 18 6.05 4.04 0.51
N TRP A 19 4.99 4.26 1.29
CA TRP A 19 3.79 4.94 0.80
C TRP A 19 4.12 6.36 0.39
N ARG A 20 5.00 6.98 1.15
CA ARG A 20 5.44 8.32 0.82
C ARG A 20 6.10 8.33 -0.56
N GLU A 21 6.80 7.25 -0.88
CA GLU A 21 7.37 7.07 -2.22
C GLU A 21 6.26 6.69 -3.21
N HIS A 22 5.31 5.87 -2.77
CA HIS A 22 4.12 5.57 -3.58
C HIS A 22 3.48 6.85 -4.10
N ASN A 23 3.46 7.89 -3.25
CA ASN A 23 2.98 9.20 -3.65
C ASN A 23 3.74 9.70 -4.86
N ALA A 24 5.07 9.65 -4.75
CA ALA A 24 5.95 10.12 -5.81
C ALA A 24 5.87 9.25 -7.06
N SER A 25 6.22 7.97 -6.89
CA SER A 25 6.36 7.06 -8.02
C SER A 25 5.08 6.92 -8.85
N ARG A 26 3.93 6.94 -8.20
CA ARG A 26 2.67 6.78 -8.92
C ARG A 26 2.10 8.12 -9.34
N LYS A 27 2.77 9.19 -8.92
CA LYS A 27 2.40 10.55 -9.28
C LYS A 27 0.95 10.83 -8.89
N LEU A 28 0.63 10.57 -7.64
CA LEU A 28 -0.71 10.72 -7.13
C LEU A 28 -0.67 11.42 -5.80
N ASP A 29 -1.81 11.50 -5.14
CA ASP A 29 -1.89 12.10 -3.83
C ASP A 29 -2.87 11.32 -2.99
N LEU A 30 -2.34 10.56 -2.06
CA LEU A 30 -3.17 9.74 -1.20
C LEU A 30 -2.65 9.79 0.20
N SER A 31 -3.52 9.48 1.12
CA SER A 31 -3.14 9.39 2.51
C SER A 31 -2.79 7.95 2.82
N VAL A 32 -2.29 7.70 4.02
CA VAL A 32 -1.74 6.40 4.31
C VAL A 32 -2.82 5.33 4.27
N GLU A 33 -3.96 5.63 4.89
CA GLU A 33 -5.07 4.71 4.89
C GLU A 33 -5.34 4.18 3.48
N ASP A 34 -5.41 5.09 2.52
CA ASP A 34 -5.64 4.74 1.13
C ASP A 34 -4.57 3.78 0.62
N PHE A 35 -3.33 4.02 1.01
CA PHE A 35 -2.23 3.11 0.66
C PHE A 35 -2.49 1.75 1.28
N LEU A 36 -2.72 1.78 2.59
CA LEU A 36 -2.90 0.57 3.38
C LEU A 36 -4.05 -0.24 2.82
N MET A 37 -5.02 0.43 2.22
CA MET A 37 -6.11 -0.25 1.52
C MET A 37 -5.57 -1.05 0.35
N LEU A 38 -4.87 -0.37 -0.54
CA LEU A 38 -4.28 -0.98 -1.73
C LEU A 38 -3.43 -2.20 -1.38
N ARG A 39 -2.46 -2.01 -0.48
CA ARG A 39 -1.60 -3.12 -0.08
C ARG A 39 -2.40 -4.21 0.60
N HIS A 40 -3.28 -3.81 1.52
CA HIS A 40 -4.21 -4.71 2.17
C HIS A 40 -4.87 -5.64 1.18
N ARG A 41 -5.61 -5.09 0.24
CA ARG A 41 -6.41 -5.92 -0.65
C ARG A 41 -5.54 -6.97 -1.33
N ALA A 42 -4.44 -6.52 -1.90
CA ALA A 42 -3.47 -7.42 -2.52
C ALA A 42 -2.96 -8.46 -1.53
N ALA A 43 -2.44 -7.99 -0.39
CA ALA A 43 -1.92 -8.85 0.66
C ALA A 43 -2.95 -9.85 1.17
N LEU A 44 -4.20 -9.44 1.24
CA LEU A 44 -5.24 -10.25 1.84
C LEU A 44 -5.87 -11.16 0.79
N GLY A 45 -6.55 -10.58 -0.19
CA GLY A 45 -7.02 -11.37 -1.32
C GLY A 45 -8.02 -10.64 -2.20
N ALA A 46 -8.08 -9.31 -2.08
CA ALA A 46 -9.02 -8.51 -2.85
C ALA A 46 -8.34 -7.89 -4.07
N ASP A 47 -9.00 -7.95 -5.21
CA ASP A 47 -8.44 -7.45 -6.46
C ASP A 47 -9.24 -6.28 -6.98
N ASP A 48 -9.44 -5.30 -6.13
CA ASP A 48 -10.01 -4.02 -6.55
C ASP A 48 -8.95 -3.24 -7.34
N ASN A 49 -9.33 -2.76 -8.52
CA ASN A 49 -8.40 -2.12 -9.45
C ASN A 49 -7.37 -1.19 -8.81
N ASP A 50 -7.76 -0.34 -7.86
CA ASP A 50 -6.81 0.59 -7.26
C ASP A 50 -5.71 -0.18 -6.56
N ALA A 51 -6.13 -1.26 -5.94
CA ALA A 51 -5.23 -2.17 -5.26
C ALA A 51 -4.41 -2.99 -6.23
N VAL A 52 -4.98 -3.34 -7.38
CA VAL A 52 -4.26 -4.18 -8.32
C VAL A 52 -3.24 -3.35 -9.10
N LYS A 53 -3.60 -2.10 -9.40
CA LYS A 53 -2.69 -1.18 -10.05
C LYS A 53 -1.61 -0.74 -9.07
N PHE A 54 -1.92 -0.87 -7.78
CA PHE A 54 -0.92 -0.72 -6.74
C PHE A 54 0.02 -1.92 -6.81
N ARG A 55 -0.57 -3.10 -6.73
CA ARG A 55 0.16 -4.35 -6.82
C ARG A 55 1.09 -4.36 -8.03
N SER A 56 0.51 -4.25 -9.21
CA SER A 56 1.27 -4.23 -10.46
C SER A 56 2.52 -3.36 -10.37
N TRP A 57 2.33 -2.10 -10.03
CA TRP A 57 3.45 -1.16 -9.91
C TRP A 57 4.39 -1.54 -8.78
N TRP A 58 3.84 -1.76 -7.59
CA TRP A 58 4.64 -1.95 -6.38
C TRP A 58 5.39 -3.27 -6.42
N ASN A 59 4.88 -4.23 -7.18
CA ASN A 59 5.46 -5.56 -7.22
C ASN A 59 6.42 -5.71 -8.40
N SER A 60 6.60 -4.63 -9.12
CA SER A 60 7.59 -4.60 -10.17
C SER A 60 8.89 -4.06 -9.62
N ARG A 61 8.78 -3.38 -8.51
CA ARG A 61 9.90 -2.72 -7.88
C ARG A 61 10.24 -3.36 -6.54
N THR A 62 9.32 -3.21 -5.60
CA THR A 62 9.51 -3.64 -4.23
C THR A 62 8.97 -5.02 -3.99
N LYS A 63 7.67 -5.17 -4.27
CA LYS A 63 6.92 -6.38 -3.97
C LYS A 63 6.69 -6.47 -2.48
N MET A 64 6.74 -5.30 -1.85
CA MET A 64 6.40 -5.09 -0.43
C MET A 64 6.92 -6.15 0.53
N ALA A 65 6.38 -6.08 1.73
CA ALA A 65 6.70 -7.02 2.78
C ALA A 65 5.42 -7.52 3.39
N ASN A 66 4.39 -7.41 2.57
CA ASN A 66 3.01 -7.68 2.97
C ASN A 66 2.66 -6.93 4.24
N ASP A 67 3.06 -7.48 5.38
CA ASP A 67 2.83 -6.85 6.66
C ASP A 67 3.97 -7.22 7.61
N TYR A 68 5.13 -7.58 7.06
CA TYR A 68 6.26 -7.98 7.88
C TYR A 68 7.21 -6.80 8.09
N GLY A 2 -1.34 -8.40 8.56
CA GLY A 2 -2.61 -7.67 8.70
C GLY A 2 -2.42 -6.35 9.42
N THR A 3 -3.24 -5.36 9.07
CA THR A 3 -3.17 -4.06 9.68
C THR A 3 -4.56 -3.47 9.79
N TYR A 4 -4.64 -2.16 9.69
CA TYR A 4 -5.90 -1.44 9.86
C TYR A 4 -5.99 -0.31 8.84
N ARG A 5 -6.93 0.59 9.09
CA ARG A 5 -7.02 1.84 8.34
C ARG A 5 -7.79 2.88 9.13
N GLY A 6 -7.34 4.12 9.10
CA GLY A 6 -8.06 5.20 9.75
C GLY A 6 -7.82 5.31 11.24
N ARG A 7 -7.57 4.19 11.90
CA ARG A 7 -7.40 4.16 13.35
C ARG A 7 -6.02 4.64 13.78
N GLY A 8 -5.59 5.77 13.24
CA GLY A 8 -4.28 6.27 13.54
C GLY A 8 -3.21 5.33 13.02
N VAL A 9 -3.56 4.63 11.95
CA VAL A 9 -2.69 3.60 11.37
C VAL A 9 -1.28 4.07 11.14
N ALA A 10 -0.37 3.27 11.65
CA ALA A 10 1.04 3.51 11.42
C ALA A 10 1.54 2.51 10.41
N LEU A 11 0.73 1.47 10.19
CA LEU A 11 1.00 0.46 9.18
C LEU A 11 2.34 -0.25 9.50
N THR A 12 2.67 -1.34 8.82
CA THR A 12 3.99 -1.92 8.99
C THR A 12 5.07 -0.90 8.64
N ASP A 13 6.29 -1.13 9.09
CA ASP A 13 7.32 -0.11 9.03
C ASP A 13 7.66 0.32 7.61
N ASP A 14 7.98 -0.66 6.77
CA ASP A 14 8.41 -0.38 5.40
C ASP A 14 7.29 0.26 4.58
N GLU A 15 6.21 -0.49 4.39
CA GLU A 15 5.07 -0.07 3.57
C GLU A 15 4.63 1.38 3.83
N TYR A 16 4.61 1.82 5.08
CA TYR A 16 4.18 3.18 5.41
C TYR A 16 5.19 4.21 4.86
N ASP A 17 6.45 3.97 5.16
CA ASP A 17 7.55 4.78 4.61
C ASP A 17 7.52 4.73 3.08
N GLU A 18 7.28 3.54 2.56
CA GLU A 18 7.24 3.30 1.13
C GLU A 18 5.99 3.92 0.51
N TRP A 19 4.97 4.16 1.32
CA TRP A 19 3.77 4.88 0.87
C TRP A 19 4.13 6.29 0.48
N ARG A 20 5.05 6.87 1.23
CA ARG A 20 5.54 8.20 0.95
C ARG A 20 6.21 8.21 -0.43
N GLU A 21 6.90 7.13 -0.76
CA GLU A 21 7.47 6.96 -2.09
C GLU A 21 6.38 6.65 -3.12
N HIS A 22 5.38 5.86 -2.71
CA HIS A 22 4.21 5.58 -3.53
C HIS A 22 3.59 6.88 -4.01
N ASN A 23 3.53 7.87 -3.11
CA ASN A 23 3.06 9.20 -3.45
C ASN A 23 3.84 9.77 -4.63
N ALA A 24 5.16 9.71 -4.52
CA ALA A 24 6.05 10.18 -5.57
C ALA A 24 5.91 9.35 -6.85
N SER A 25 6.18 8.06 -6.75
CA SER A 25 6.27 7.19 -7.92
C SER A 25 4.97 7.10 -8.71
N ARG A 26 3.83 7.28 -8.05
CA ARG A 26 2.55 7.23 -8.74
C ARG A 26 2.00 8.63 -9.02
N LYS A 27 2.76 9.65 -8.63
CA LYS A 27 2.46 11.04 -8.96
C LYS A 27 1.09 11.46 -8.46
N LEU A 28 0.65 10.80 -7.39
CA LEU A 28 -0.62 11.09 -6.76
C LEU A 28 -0.39 11.82 -5.45
N ASP A 29 -1.44 12.00 -4.71
CA ASP A 29 -1.37 12.70 -3.43
C ASP A 29 -2.28 11.97 -2.46
N LEU A 30 -2.04 10.68 -2.35
CA LEU A 30 -2.89 9.79 -1.60
C LEU A 30 -2.50 9.81 -0.13
N SER A 31 -3.47 9.61 0.74
CA SER A 31 -3.18 9.49 2.15
C SER A 31 -2.88 8.05 2.49
N VAL A 32 -2.40 7.78 3.69
CA VAL A 32 -1.91 6.46 4.02
C VAL A 32 -3.03 5.44 3.96
N GLU A 33 -4.19 5.82 4.47
CA GLU A 33 -5.34 4.93 4.52
C GLU A 33 -5.56 4.23 3.18
N ASP A 34 -5.67 5.02 2.11
CA ASP A 34 -5.82 4.49 0.76
C ASP A 34 -4.69 3.52 0.42
N PHE A 35 -3.46 3.87 0.78
CA PHE A 35 -2.32 2.99 0.54
C PHE A 35 -2.53 1.68 1.26
N LEU A 36 -2.81 1.79 2.55
CA LEU A 36 -3.00 0.65 3.42
C LEU A 36 -4.05 -0.27 2.84
N MET A 37 -5.06 0.31 2.21
CA MET A 37 -6.07 -0.47 1.49
C MET A 37 -5.44 -1.22 0.33
N LEU A 38 -4.82 -0.48 -0.57
CA LEU A 38 -4.13 -1.04 -1.74
C LEU A 38 -3.26 -2.22 -1.36
N ARG A 39 -2.36 -2.01 -0.41
CA ARG A 39 -1.43 -3.06 0.01
C ARG A 39 -2.20 -4.19 0.69
N HIS A 40 -3.16 -3.80 1.53
CA HIS A 40 -4.06 -4.75 2.16
C HIS A 40 -4.64 -5.70 1.12
N ARG A 41 -5.42 -5.19 0.20
CA ARG A 41 -6.12 -6.05 -0.75
C ARG A 41 -5.13 -6.91 -1.50
N ALA A 42 -4.10 -6.25 -1.99
CA ALA A 42 -3.04 -6.89 -2.77
C ALA A 42 -2.44 -8.10 -2.05
N ALA A 43 -1.94 -7.89 -0.83
CA ALA A 43 -1.28 -8.97 -0.11
C ALA A 43 -2.27 -9.95 0.51
N LEU A 44 -3.45 -9.48 0.90
CA LEU A 44 -4.40 -10.35 1.57
C LEU A 44 -5.07 -11.27 0.57
N GLY A 45 -5.99 -10.73 -0.21
CA GLY A 45 -6.60 -11.51 -1.27
C GLY A 45 -7.77 -10.81 -1.93
N ALA A 46 -7.67 -9.49 -2.05
CA ALA A 46 -8.70 -8.71 -2.71
C ALA A 46 -8.10 -7.99 -3.91
N ASP A 47 -8.83 -7.97 -5.01
CA ASP A 47 -8.27 -7.44 -6.25
C ASP A 47 -9.11 -6.33 -6.83
N ASP A 48 -9.45 -5.35 -6.00
CA ASP A 48 -10.08 -4.12 -6.48
C ASP A 48 -9.03 -3.31 -7.23
N ASN A 49 -9.39 -2.79 -8.40
CA ASN A 49 -8.44 -2.19 -9.32
C ASN A 49 -7.44 -1.22 -8.72
N ASP A 50 -7.83 -0.39 -7.75
CA ASP A 50 -6.86 0.55 -7.17
C ASP A 50 -5.73 -0.24 -6.50
N ALA A 51 -6.14 -1.29 -5.81
CA ALA A 51 -5.22 -2.19 -5.16
C ALA A 51 -4.40 -2.98 -6.16
N VAL A 52 -4.98 -3.30 -7.33
CA VAL A 52 -4.26 -4.10 -8.28
C VAL A 52 -3.26 -3.23 -9.05
N LYS A 53 -3.64 -2.00 -9.34
CA LYS A 53 -2.74 -1.07 -9.98
C LYS A 53 -1.66 -0.63 -9.01
N PHE A 54 -1.94 -0.80 -7.72
CA PHE A 54 -0.93 -0.68 -6.70
C PHE A 54 0.00 -1.87 -6.79
N ARG A 55 -0.61 -3.05 -6.67
CA ARG A 55 0.10 -4.32 -6.76
C ARG A 55 1.03 -4.36 -7.96
N SER A 56 0.46 -4.26 -9.15
CA SER A 56 1.23 -4.26 -10.39
C SER A 56 2.46 -3.33 -10.31
N TRP A 57 2.24 -2.05 -10.02
CA TRP A 57 3.32 -1.09 -9.91
C TRP A 57 4.32 -1.48 -8.81
N TRP A 58 3.80 -1.74 -7.62
CA TRP A 58 4.63 -1.95 -6.44
C TRP A 58 5.35 -3.29 -6.49
N ASN A 59 4.78 -4.25 -7.21
CA ASN A 59 5.33 -5.60 -7.26
C ASN A 59 6.27 -5.77 -8.43
N SER A 60 6.47 -4.69 -9.16
CA SER A 60 7.46 -4.69 -10.22
C SER A 60 8.78 -4.17 -9.68
N ARG A 61 8.69 -3.49 -8.55
CA ARG A 61 9.83 -2.83 -7.96
C ARG A 61 10.18 -3.46 -6.62
N THR A 62 9.28 -3.28 -5.67
CA THR A 62 9.47 -3.73 -4.30
C THR A 62 8.90 -5.10 -4.07
N LYS A 63 7.60 -5.22 -4.33
CA LYS A 63 6.83 -6.41 -4.03
C LYS A 63 6.56 -6.51 -2.54
N MET A 64 6.65 -5.34 -1.89
CA MET A 64 6.30 -5.13 -0.48
C MET A 64 6.76 -6.24 0.46
N ALA A 65 6.19 -6.24 1.65
CA ALA A 65 6.50 -7.21 2.66
C ALA A 65 5.31 -7.43 3.55
N ASN A 66 4.15 -7.33 2.95
CA ASN A 66 2.86 -7.41 3.63
C ASN A 66 2.87 -6.60 4.93
N ASP A 67 3.25 -7.25 6.03
CA ASP A 67 3.40 -6.57 7.31
C ASP A 67 4.65 -7.05 8.02
N TYR A 68 5.67 -7.41 7.24
CA TYR A 68 6.91 -7.92 7.80
C TYR A 68 8.00 -6.85 7.73
N GLY A 2 -2.21 -8.13 7.56
CA GLY A 2 -3.00 -6.89 7.32
C GLY A 2 -2.85 -5.89 8.45
N THR A 3 -2.42 -4.68 8.13
CA THR A 3 -2.23 -3.67 9.16
C THR A 3 -3.34 -2.62 9.18
N TYR A 4 -4.57 -3.06 9.44
CA TYR A 4 -5.71 -2.16 9.71
C TYR A 4 -5.88 -1.06 8.66
N ARG A 5 -6.68 -0.06 9.01
CA ARG A 5 -6.76 1.17 8.23
C ARG A 5 -7.60 2.19 8.98
N GLY A 6 -7.13 3.44 9.01
CA GLY A 6 -7.92 4.51 9.60
C GLY A 6 -7.81 4.57 11.12
N ARG A 7 -7.57 3.43 11.76
CA ARG A 7 -7.51 3.37 13.21
C ARG A 7 -6.16 3.83 13.75
N GLY A 8 -5.74 5.01 13.32
CA GLY A 8 -4.46 5.52 13.73
C GLY A 8 -3.34 4.72 13.13
N VAL A 9 -3.60 4.14 11.97
CA VAL A 9 -2.66 3.24 11.33
C VAL A 9 -1.30 3.85 11.10
N ALA A 10 -0.32 3.10 11.55
CA ALA A 10 1.06 3.43 11.30
C ALA A 10 1.61 2.42 10.31
N LEU A 11 0.79 1.39 10.04
CA LEU A 11 1.11 0.37 9.04
C LEU A 11 2.41 -0.35 9.46
N THR A 12 2.78 -1.42 8.77
CA THR A 12 4.07 -2.02 9.03
C THR A 12 5.19 -1.00 8.74
N ASP A 13 6.41 -1.33 9.12
CA ASP A 13 7.48 -0.33 9.19
C ASP A 13 7.85 0.25 7.83
N ASP A 14 8.18 -0.60 6.87
CA ASP A 14 8.73 -0.13 5.60
C ASP A 14 7.65 0.48 4.71
N GLU A 15 6.60 -0.31 4.44
CA GLU A 15 5.51 0.09 3.54
C GLU A 15 4.98 1.51 3.81
N TYR A 16 4.88 1.90 5.07
CA TYR A 16 4.35 3.21 5.42
C TYR A 16 5.27 4.31 4.86
N ASP A 17 6.53 4.27 5.27
CA ASP A 17 7.55 5.14 4.69
C ASP A 17 7.52 5.07 3.17
N GLU A 18 7.36 3.86 2.66
CA GLU A 18 7.33 3.63 1.23
C GLU A 18 6.05 4.16 0.58
N TRP A 19 5.01 4.37 1.38
CA TRP A 19 3.80 5.01 0.91
C TRP A 19 4.10 6.45 0.51
N ARG A 20 5.00 7.07 1.26
CA ARG A 20 5.43 8.41 0.95
C ARG A 20 6.15 8.43 -0.39
N GLU A 21 6.83 7.32 -0.71
CA GLU A 21 7.42 7.16 -2.04
C GLU A 21 6.34 6.79 -3.06
N HIS A 22 5.36 5.99 -2.64
CA HIS A 22 4.19 5.69 -3.46
C HIS A 22 3.56 7.00 -3.95
N ASN A 23 3.51 7.98 -3.06
CA ASN A 23 3.08 9.34 -3.38
C ASN A 23 3.86 9.85 -4.59
N ALA A 24 5.17 9.77 -4.49
CA ALA A 24 6.07 10.22 -5.55
C ALA A 24 5.94 9.37 -6.81
N SER A 25 6.23 8.07 -6.68
CA SER A 25 6.35 7.18 -7.83
C SER A 25 5.06 7.09 -8.64
N ARG A 26 3.91 7.21 -7.99
CA ARG A 26 2.64 7.12 -8.71
C ARG A 26 2.10 8.50 -9.06
N LYS A 27 2.83 9.54 -8.67
CA LYS A 27 2.51 10.93 -9.02
C LYS A 27 1.16 11.33 -8.45
N LEU A 28 0.72 10.63 -7.43
CA LEU A 28 -0.52 10.95 -6.74
C LEU A 28 -0.19 11.66 -5.44
N ASP A 29 -1.17 11.80 -4.59
CA ASP A 29 -0.99 12.40 -3.29
C ASP A 29 -1.96 11.76 -2.33
N LEU A 30 -1.97 10.45 -2.40
CA LEU A 30 -2.88 9.63 -1.64
C LEU A 30 -2.52 9.63 -0.16
N SER A 31 -3.50 9.42 0.70
CA SER A 31 -3.26 9.32 2.12
C SER A 31 -2.89 7.88 2.48
N VAL A 32 -2.40 7.65 3.70
CA VAL A 32 -1.87 6.35 4.04
C VAL A 32 -2.96 5.30 4.01
N GLU A 33 -4.12 5.61 4.57
CA GLU A 33 -5.21 4.67 4.62
C GLU A 33 -5.45 4.07 3.23
N ASP A 34 -5.54 4.94 2.23
CA ASP A 34 -5.69 4.50 0.85
C ASP A 34 -4.58 3.53 0.44
N PHE A 35 -3.34 3.85 0.80
CA PHE A 35 -2.20 2.97 0.52
C PHE A 35 -2.42 1.63 1.19
N LEU A 36 -2.68 1.70 2.49
CA LEU A 36 -2.85 0.53 3.32
C LEU A 36 -3.94 -0.35 2.75
N MET A 37 -4.96 0.27 2.16
CA MET A 37 -6.01 -0.48 1.45
C MET A 37 -5.44 -1.19 0.23
N LEU A 38 -4.84 -0.41 -0.66
CA LEU A 38 -4.21 -0.94 -1.87
C LEU A 38 -3.33 -2.14 -1.56
N ARG A 39 -2.45 -1.98 -0.59
CA ARG A 39 -1.54 -3.05 -0.22
C ARG A 39 -2.29 -4.16 0.52
N HIS A 40 -3.22 -3.76 1.38
CA HIS A 40 -4.12 -4.68 2.07
C HIS A 40 -4.71 -5.68 1.10
N ARG A 41 -5.49 -5.19 0.15
CA ARG A 41 -6.21 -6.08 -0.75
C ARG A 41 -5.26 -7.04 -1.45
N ALA A 42 -4.21 -6.47 -2.02
CA ALA A 42 -3.17 -7.24 -2.67
C ALA A 42 -2.58 -8.29 -1.73
N ALA A 43 -2.15 -7.87 -0.55
CA ALA A 43 -1.58 -8.75 0.45
C ALA A 43 -2.58 -9.79 0.96
N LEU A 44 -3.82 -9.37 1.19
CA LEU A 44 -4.80 -10.23 1.82
C LEU A 44 -5.44 -11.16 0.79
N GLY A 45 -6.28 -10.60 -0.08
CA GLY A 45 -6.83 -11.40 -1.16
C GLY A 45 -7.98 -10.70 -1.89
N ALA A 46 -7.90 -9.38 -1.99
CA ALA A 46 -8.94 -8.61 -2.67
C ALA A 46 -8.37 -7.97 -3.93
N ASP A 47 -9.14 -7.96 -5.00
CA ASP A 47 -8.64 -7.54 -6.29
C ASP A 47 -9.41 -6.34 -6.85
N ASP A 48 -9.63 -5.34 -6.02
CA ASP A 48 -10.18 -4.08 -6.51
C ASP A 48 -9.11 -3.30 -7.25
N ASN A 49 -9.47 -2.77 -8.41
CA ASN A 49 -8.52 -2.16 -9.35
C ASN A 49 -7.47 -1.24 -8.73
N ASP A 50 -7.84 -0.39 -7.79
CA ASP A 50 -6.86 0.55 -7.24
C ASP A 50 -5.75 -0.23 -6.54
N ALA A 51 -6.16 -1.28 -5.88
CA ALA A 51 -5.25 -2.22 -5.25
C ALA A 51 -4.46 -3.02 -6.26
N VAL A 52 -5.07 -3.37 -7.38
CA VAL A 52 -4.38 -4.22 -8.34
C VAL A 52 -3.37 -3.40 -9.12
N LYS A 53 -3.71 -2.15 -9.41
CA LYS A 53 -2.80 -1.23 -10.07
C LYS A 53 -1.72 -0.76 -9.11
N PHE A 54 -2.01 -0.91 -7.82
CA PHE A 54 -1.00 -0.74 -6.80
C PHE A 54 -0.06 -1.92 -6.86
N ARG A 55 -0.63 -3.11 -6.82
CA ARG A 55 0.11 -4.35 -6.92
C ARG A 55 1.03 -4.34 -8.13
N SER A 56 0.46 -4.20 -9.31
CA SER A 56 1.23 -4.17 -10.55
C SER A 56 2.44 -3.23 -10.47
N TRP A 57 2.24 -2.03 -9.92
CA TRP A 57 3.33 -1.07 -9.77
C TRP A 57 4.30 -1.50 -8.67
N TRP A 58 3.78 -1.71 -7.48
CA TRP A 58 4.58 -1.93 -6.28
C TRP A 58 5.31 -3.27 -6.34
N ASN A 59 4.75 -4.22 -7.07
CA ASN A 59 5.30 -5.57 -7.09
C ASN A 59 6.25 -5.77 -8.25
N SER A 60 6.45 -4.73 -9.03
CA SER A 60 7.44 -4.80 -10.09
C SER A 60 8.76 -4.27 -9.56
N ARG A 61 8.67 -3.59 -8.45
CA ARG A 61 9.81 -2.93 -7.85
C ARG A 61 10.13 -3.54 -6.50
N THR A 62 9.20 -3.36 -5.57
CA THR A 62 9.38 -3.77 -4.18
C THR A 62 8.80 -5.15 -3.91
N LYS A 63 7.49 -5.25 -4.13
CA LYS A 63 6.70 -6.42 -3.79
C LYS A 63 6.42 -6.46 -2.30
N MET A 64 6.38 -5.24 -1.75
CA MET A 64 5.99 -4.98 -0.36
C MET A 64 6.70 -5.84 0.67
N ALA A 65 6.13 -5.74 1.86
CA ALA A 65 6.56 -6.43 3.05
C ALA A 65 5.36 -6.53 3.97
N ASN A 66 4.29 -7.09 3.39
CA ASN A 66 2.95 -7.19 3.97
C ASN A 66 2.85 -6.69 5.41
N ASP A 67 3.30 -7.49 6.35
CA ASP A 67 3.33 -7.07 7.74
C ASP A 67 4.66 -7.44 8.37
N TYR A 68 5.72 -7.40 7.56
CA TYR A 68 7.04 -7.75 8.04
C TYR A 68 7.72 -6.55 8.68
N GLY A 2 -1.66 -8.62 8.23
CA GLY A 2 -2.87 -7.75 8.25
C GLY A 2 -2.65 -6.54 9.12
N THR A 3 -3.32 -5.44 8.78
CA THR A 3 -3.20 -4.21 9.52
C THR A 3 -4.58 -3.59 9.69
N TYR A 4 -4.65 -2.28 9.65
CA TYR A 4 -5.89 -1.57 9.84
C TYR A 4 -6.00 -0.43 8.84
N ARG A 5 -6.98 0.43 9.04
CA ARG A 5 -7.03 1.72 8.38
C ARG A 5 -7.79 2.72 9.25
N GLY A 6 -7.37 3.99 9.22
CA GLY A 6 -8.11 5.05 9.90
C GLY A 6 -7.84 5.14 11.39
N ARG A 7 -7.56 4.00 12.01
CA ARG A 7 -7.37 3.95 13.47
C ARG A 7 -5.99 4.42 13.88
N GLY A 8 -5.56 5.56 13.35
CA GLY A 8 -4.24 6.05 13.63
C GLY A 8 -3.19 5.14 13.07
N VAL A 9 -3.54 4.48 11.98
CA VAL A 9 -2.68 3.47 11.37
C VAL A 9 -1.27 3.94 11.14
N ALA A 10 -0.36 3.14 11.65
CA ALA A 10 1.05 3.36 11.44
C ALA A 10 1.56 2.34 10.43
N LEU A 11 0.73 1.32 10.20
CA LEU A 11 1.00 0.31 9.20
C LEU A 11 2.30 -0.45 9.58
N THR A 12 2.70 -1.47 8.84
CA THR A 12 4.00 -2.07 9.07
C THR A 12 5.10 -1.04 8.81
N ASP A 13 6.34 -1.40 9.09
CA ASP A 13 7.43 -0.43 9.11
C ASP A 13 7.72 0.15 7.73
N ASP A 14 8.02 -0.71 6.77
CA ASP A 14 8.44 -0.25 5.44
C ASP A 14 7.31 0.43 4.69
N GLU A 15 6.26 -0.34 4.39
CA GLU A 15 5.17 0.11 3.52
C GLU A 15 4.65 1.52 3.83
N TYR A 16 4.59 1.90 5.09
CA TYR A 16 4.10 3.24 5.45
C TYR A 16 5.05 4.28 4.88
N ASP A 17 6.31 4.14 5.21
CA ASP A 17 7.37 4.98 4.67
C ASP A 17 7.39 4.89 3.14
N GLU A 18 7.19 3.69 2.64
CA GLU A 18 7.18 3.43 1.21
C GLU A 18 5.94 4.01 0.55
N TRP A 19 4.91 4.28 1.35
CA TRP A 19 3.73 4.98 0.85
C TRP A 19 4.10 6.40 0.48
N ARG A 20 4.99 6.99 1.25
CA ARG A 20 5.52 8.31 0.93
C ARG A 20 6.15 8.28 -0.46
N GLU A 21 6.87 7.19 -0.76
CA GLU A 21 7.43 7.00 -2.10
C GLU A 21 6.32 6.68 -3.10
N HIS A 22 5.36 5.86 -2.70
CA HIS A 22 4.18 5.57 -3.52
C HIS A 22 3.55 6.87 -4.02
N ASN A 23 3.47 7.85 -3.12
CA ASN A 23 2.96 9.17 -3.45
C ASN A 23 3.73 9.76 -4.61
N ALA A 24 5.05 9.68 -4.52
CA ALA A 24 5.94 10.19 -5.56
C ALA A 24 5.83 9.37 -6.84
N SER A 25 6.12 8.08 -6.73
CA SER A 25 6.23 7.20 -7.89
C SER A 25 4.94 7.11 -8.72
N ARG A 26 3.79 7.15 -8.06
CA ARG A 26 2.52 7.04 -8.79
C ARG A 26 1.94 8.41 -9.13
N LYS A 27 2.70 9.45 -8.80
CA LYS A 27 2.37 10.82 -9.17
C LYS A 27 0.98 11.23 -8.66
N LEU A 28 0.60 10.65 -7.54
CA LEU A 28 -0.66 10.97 -6.90
C LEU A 28 -0.39 11.71 -5.60
N ASP A 29 -1.41 11.85 -4.80
CA ASP A 29 -1.29 12.49 -3.50
C ASP A 29 -2.25 11.80 -2.56
N LEU A 30 -2.04 10.52 -2.41
CA LEU A 30 -2.93 9.67 -1.67
C LEU A 30 -2.53 9.65 -0.19
N SER A 31 -3.49 9.47 0.68
CA SER A 31 -3.21 9.37 2.09
C SER A 31 -2.85 7.94 2.46
N VAL A 32 -2.34 7.74 3.67
CA VAL A 32 -1.84 6.44 4.06
C VAL A 32 -2.94 5.40 4.03
N GLU A 33 -4.09 5.78 4.57
CA GLU A 33 -5.24 4.89 4.63
C GLU A 33 -5.47 4.22 3.28
N ASP A 34 -5.57 5.05 2.24
CA ASP A 34 -5.72 4.57 0.88
C ASP A 34 -4.64 3.56 0.53
N PHE A 35 -3.40 3.89 0.84
CA PHE A 35 -2.27 3.00 0.59
C PHE A 35 -2.49 1.68 1.28
N LEU A 36 -2.72 1.78 2.59
CA LEU A 36 -2.87 0.63 3.46
C LEU A 36 -3.93 -0.29 2.90
N MET A 37 -4.97 0.28 2.30
CA MET A 37 -5.99 -0.52 1.63
C MET A 37 -5.43 -1.20 0.40
N LEU A 38 -4.81 -0.41 -0.49
CA LEU A 38 -4.18 -0.93 -1.70
C LEU A 38 -3.29 -2.14 -1.39
N ARG A 39 -2.36 -1.96 -0.46
CA ARG A 39 -1.44 -3.02 -0.08
C ARG A 39 -2.19 -4.17 0.59
N HIS A 40 -3.11 -3.80 1.47
CA HIS A 40 -4.01 -4.75 2.11
C HIS A 40 -4.59 -5.72 1.10
N ARG A 41 -5.34 -5.21 0.14
CA ARG A 41 -6.05 -6.06 -0.80
C ARG A 41 -5.07 -6.95 -1.57
N ALA A 42 -4.00 -6.34 -2.04
CA ALA A 42 -2.95 -7.04 -2.75
C ALA A 42 -2.35 -8.15 -1.88
N ALA A 43 -1.85 -7.78 -0.71
CA ALA A 43 -1.28 -8.72 0.25
C ALA A 43 -2.28 -9.79 0.68
N LEU A 44 -3.48 -9.37 1.07
CA LEU A 44 -4.42 -10.28 1.69
C LEU A 44 -5.09 -11.15 0.63
N GLY A 45 -5.96 -10.56 -0.18
CA GLY A 45 -6.55 -11.29 -1.28
C GLY A 45 -7.78 -10.61 -1.86
N ALA A 46 -7.69 -9.31 -2.11
CA ALA A 46 -8.77 -8.58 -2.75
C ALA A 46 -8.25 -7.88 -4.00
N ASP A 47 -9.05 -7.86 -5.05
CA ASP A 47 -8.58 -7.37 -6.34
C ASP A 47 -9.32 -6.12 -6.81
N ASP A 48 -9.54 -5.19 -5.90
CA ASP A 48 -10.04 -3.87 -6.28
C ASP A 48 -8.98 -3.15 -7.11
N ASN A 49 -9.38 -2.67 -8.28
CA ASN A 49 -8.46 -2.13 -9.27
C ASN A 49 -7.43 -1.14 -8.75
N ASP A 50 -7.77 -0.31 -7.76
CA ASP A 50 -6.78 0.61 -7.20
C ASP A 50 -5.66 -0.18 -6.57
N ALA A 51 -6.07 -1.22 -5.87
CA ALA A 51 -5.15 -2.16 -5.24
C ALA A 51 -4.38 -2.97 -6.27
N VAL A 52 -5.01 -3.29 -7.41
CA VAL A 52 -4.34 -4.13 -8.39
C VAL A 52 -3.30 -3.31 -9.14
N LYS A 53 -3.62 -2.04 -9.40
CA LYS A 53 -2.68 -1.12 -10.01
C LYS A 53 -1.59 -0.73 -9.03
N PHE A 54 -1.91 -0.85 -7.74
CA PHE A 54 -0.90 -0.73 -6.71
C PHE A 54 0.04 -1.91 -6.81
N ARG A 55 -0.55 -3.08 -6.77
CA ARG A 55 0.19 -4.33 -6.90
C ARG A 55 1.09 -4.34 -8.12
N SER A 56 0.50 -4.20 -9.30
CA SER A 56 1.25 -4.20 -10.56
C SER A 56 2.50 -3.30 -10.50
N TRP A 57 2.33 -2.09 -10.00
CA TRP A 57 3.43 -1.14 -9.90
C TRP A 57 4.40 -1.52 -8.78
N TRP A 58 3.88 -1.78 -7.60
CA TRP A 58 4.69 -2.00 -6.41
C TRP A 58 5.39 -3.36 -6.44
N ASN A 59 4.80 -4.31 -7.15
CA ASN A 59 5.33 -5.68 -7.19
C ASN A 59 6.29 -5.87 -8.33
N SER A 60 6.49 -4.84 -9.12
CA SER A 60 7.48 -4.89 -10.17
C SER A 60 8.79 -4.29 -9.66
N ARG A 61 8.67 -3.58 -8.54
CA ARG A 61 9.80 -2.86 -7.99
C ARG A 61 10.21 -3.43 -6.64
N THR A 62 9.27 -3.40 -5.72
CA THR A 62 9.51 -3.76 -4.33
C THR A 62 8.94 -5.12 -3.99
N LYS A 63 7.63 -5.23 -4.18
CA LYS A 63 6.86 -6.41 -3.79
C LYS A 63 6.65 -6.42 -2.29
N MET A 64 6.68 -5.21 -1.75
CA MET A 64 6.37 -4.90 -0.36
C MET A 64 7.06 -5.78 0.66
N ALA A 65 6.53 -5.63 1.86
CA ALA A 65 6.92 -6.36 3.03
C ALA A 65 5.68 -6.54 3.86
N ASN A 66 4.62 -6.94 3.14
CA ASN A 66 3.24 -7.04 3.62
C ASN A 66 3.04 -6.49 5.01
N ASP A 67 3.30 -7.31 6.03
CA ASP A 67 3.29 -6.83 7.40
C ASP A 67 4.47 -7.43 8.14
N TYR A 68 5.58 -7.59 7.42
CA TYR A 68 6.77 -8.20 7.97
C TYR A 68 7.70 -7.17 8.58
N GLY A 2 -4.44 -8.23 8.50
CA GLY A 2 -3.76 -7.12 7.79
C GLY A 2 -3.57 -5.93 8.69
N THR A 3 -2.68 -5.02 8.31
CA THR A 3 -2.35 -3.87 9.16
C THR A 3 -3.39 -2.76 9.08
N TYR A 4 -4.63 -3.09 9.40
CA TYR A 4 -5.69 -2.12 9.68
C TYR A 4 -5.85 -1.03 8.60
N ARG A 5 -6.68 -0.05 8.94
CA ARG A 5 -6.73 1.24 8.27
C ARG A 5 -7.56 2.21 9.09
N GLY A 6 -7.13 3.48 9.13
CA GLY A 6 -7.91 4.51 9.78
C GLY A 6 -7.77 4.54 11.28
N ARG A 7 -7.50 3.39 11.89
CA ARG A 7 -7.39 3.29 13.34
C ARG A 7 -6.06 3.82 13.86
N GLY A 8 -5.68 4.99 13.39
CA GLY A 8 -4.39 5.53 13.75
C GLY A 8 -3.28 4.71 13.16
N VAL A 9 -3.56 4.13 11.99
CA VAL A 9 -2.60 3.25 11.34
C VAL A 9 -1.24 3.86 11.16
N ALA A 10 -0.26 3.12 11.60
CA ALA A 10 1.11 3.45 11.39
C ALA A 10 1.71 2.49 10.40
N LEU A 11 0.94 1.43 10.12
CA LEU A 11 1.31 0.43 9.13
C LEU A 11 2.63 -0.24 9.54
N THR A 12 3.07 -1.30 8.87
CA THR A 12 4.38 -1.85 9.14
C THR A 12 5.48 -0.82 8.78
N ASP A 13 6.72 -1.18 9.01
CA ASP A 13 7.83 -0.22 8.95
C ASP A 13 8.07 0.32 7.54
N ASP A 14 8.32 -0.57 6.60
CA ASP A 14 8.74 -0.17 5.26
C ASP A 14 7.59 0.47 4.48
N GLU A 15 6.52 -0.28 4.29
CA GLU A 15 5.36 0.16 3.49
C GLU A 15 4.90 1.59 3.78
N TYR A 16 4.89 1.99 5.05
CA TYR A 16 4.42 3.32 5.40
C TYR A 16 5.36 4.40 4.84
N ASP A 17 6.63 4.29 5.20
CA ASP A 17 7.68 5.12 4.60
C ASP A 17 7.63 5.03 3.06
N GLU A 18 7.37 3.84 2.57
CA GLU A 18 7.32 3.61 1.14
C GLU A 18 6.03 4.16 0.52
N TRP A 19 5.01 4.36 1.34
CA TRP A 19 3.79 5.02 0.89
C TRP A 19 4.09 6.45 0.50
N ARG A 20 5.01 7.05 1.24
CA ARG A 20 5.45 8.38 0.93
C ARG A 20 6.06 8.39 -0.46
N GLU A 21 6.83 7.34 -0.78
CA GLU A 21 7.37 7.17 -2.13
C GLU A 21 6.25 6.83 -3.12
N HIS A 22 5.29 6.03 -2.68
CA HIS A 22 4.10 5.72 -3.50
C HIS A 22 3.47 7.01 -4.00
N ASN A 23 3.41 8.03 -3.14
CA ASN A 23 2.91 9.34 -3.53
C ASN A 23 3.71 9.87 -4.71
N ALA A 24 5.02 9.81 -4.59
CA ALA A 24 5.93 10.29 -5.62
C ALA A 24 5.82 9.45 -6.89
N SER A 25 6.10 8.16 -6.77
CA SER A 25 6.21 7.27 -7.92
C SER A 25 4.91 7.16 -8.72
N ARG A 26 3.76 7.15 -8.04
CA ARG A 26 2.49 7.06 -8.74
C ARG A 26 1.90 8.44 -9.02
N LYS A 27 2.62 9.48 -8.61
CA LYS A 27 2.29 10.86 -8.94
C LYS A 27 0.90 11.25 -8.45
N LEU A 28 0.48 10.61 -7.38
CA LEU A 28 -0.78 10.91 -6.73
C LEU A 28 -0.51 11.60 -5.39
N ASP A 29 -1.55 11.75 -4.61
CA ASP A 29 -1.46 12.43 -3.33
C ASP A 29 -2.36 11.69 -2.35
N LEU A 30 -2.17 10.39 -2.34
CA LEU A 30 -3.03 9.50 -1.59
C LEU A 30 -2.63 9.48 -0.11
N SER A 31 -3.59 9.26 0.77
CA SER A 31 -3.29 9.17 2.18
C SER A 31 -2.85 7.76 2.52
N VAL A 32 -2.31 7.56 3.71
CA VAL A 32 -1.78 6.27 4.07
C VAL A 32 -2.86 5.22 4.05
N GLU A 33 -4.01 5.56 4.62
CA GLU A 33 -5.14 4.66 4.65
C GLU A 33 -5.40 4.07 3.26
N ASP A 34 -5.47 4.94 2.26
CA ASP A 34 -5.64 4.52 0.88
C ASP A 34 -4.57 3.52 0.48
N PHE A 35 -3.32 3.81 0.84
CA PHE A 35 -2.21 2.90 0.56
C PHE A 35 -2.45 1.58 1.24
N LEU A 36 -2.69 1.66 2.55
CA LEU A 36 -2.85 0.49 3.39
C LEU A 36 -3.94 -0.41 2.84
N MET A 37 -4.94 0.20 2.19
CA MET A 37 -5.98 -0.56 1.50
C MET A 37 -5.44 -1.24 0.23
N LEU A 38 -4.87 -0.45 -0.67
CA LEU A 38 -4.26 -0.98 -1.89
C LEU A 38 -3.35 -2.15 -1.57
N ARG A 39 -2.44 -1.89 -0.64
CA ARG A 39 -1.53 -2.90 -0.12
C ARG A 39 -2.29 -4.08 0.43
N HIS A 40 -3.16 -3.78 1.38
CA HIS A 40 -4.07 -4.77 1.98
C HIS A 40 -4.61 -5.75 0.96
N ARG A 41 -5.34 -5.25 -0.02
CA ARG A 41 -6.04 -6.12 -0.95
C ARG A 41 -5.05 -7.02 -1.70
N ALA A 42 -3.92 -6.44 -2.08
CA ALA A 42 -2.84 -7.19 -2.70
C ALA A 42 -2.30 -8.27 -1.76
N ALA A 43 -1.91 -7.84 -0.56
CA ALA A 43 -1.45 -8.74 0.48
C ALA A 43 -2.47 -9.82 0.85
N LEU A 44 -3.70 -9.40 1.09
CA LEU A 44 -4.71 -10.29 1.64
C LEU A 44 -5.31 -11.18 0.56
N GLY A 45 -6.10 -10.60 -0.34
CA GLY A 45 -6.57 -11.37 -1.48
C GLY A 45 -7.74 -10.72 -2.20
N ALA A 46 -7.74 -9.39 -2.29
CA ALA A 46 -8.81 -8.68 -2.96
C ALA A 46 -8.27 -7.95 -4.19
N ASP A 47 -9.08 -7.89 -5.23
CA ASP A 47 -8.63 -7.34 -6.51
C ASP A 47 -9.42 -6.12 -6.92
N ASP A 48 -9.59 -5.18 -6.00
CA ASP A 48 -10.11 -3.87 -6.35
C ASP A 48 -9.06 -3.14 -7.20
N ASN A 49 -9.48 -2.67 -8.37
CA ASN A 49 -8.56 -2.09 -9.35
C ASN A 49 -7.46 -1.19 -8.77
N ASP A 50 -7.78 -0.29 -7.84
CA ASP A 50 -6.75 0.62 -7.34
C ASP A 50 -5.67 -0.16 -6.62
N ALA A 51 -6.11 -1.21 -5.96
CA ALA A 51 -5.21 -2.15 -5.32
C ALA A 51 -4.42 -2.95 -6.35
N VAL A 52 -5.05 -3.29 -7.48
CA VAL A 52 -4.35 -4.11 -8.46
C VAL A 52 -3.31 -3.27 -9.20
N LYS A 53 -3.65 -2.01 -9.44
CA LYS A 53 -2.71 -1.07 -10.03
C LYS A 53 -1.57 -0.80 -9.07
N PHE A 54 -1.89 -0.75 -7.78
CA PHE A 54 -0.89 -0.63 -6.75
C PHE A 54 0.04 -1.81 -6.81
N ARG A 55 -0.54 -2.99 -6.76
CA ARG A 55 0.18 -4.24 -6.88
C ARG A 55 1.07 -4.24 -8.12
N SER A 56 0.45 -4.09 -9.28
CA SER A 56 1.16 -4.04 -10.56
C SER A 56 2.43 -3.18 -10.50
N TRP A 57 2.33 -2.01 -9.88
CA TRP A 57 3.46 -1.09 -9.79
C TRP A 57 4.41 -1.48 -8.65
N TRP A 58 3.85 -1.74 -7.48
CA TRP A 58 4.63 -1.93 -6.27
C TRP A 58 5.27 -3.32 -6.22
N ASN A 59 4.68 -4.27 -6.93
CA ASN A 59 5.15 -5.64 -6.90
C ASN A 59 6.11 -5.94 -8.03
N SER A 60 6.37 -4.93 -8.84
CA SER A 60 7.38 -5.06 -9.85
C SER A 60 8.70 -4.53 -9.30
N ARG A 61 8.59 -3.79 -8.19
CA ARG A 61 9.74 -3.12 -7.60
C ARG A 61 10.06 -3.72 -6.23
N THR A 62 9.09 -3.63 -5.33
CA THR A 62 9.24 -4.04 -3.95
C THR A 62 8.62 -5.39 -3.69
N LYS A 63 7.31 -5.45 -3.94
CA LYS A 63 6.48 -6.59 -3.62
C LYS A 63 6.17 -6.60 -2.13
N MET A 64 6.37 -5.43 -1.53
CA MET A 64 5.98 -5.10 -0.15
C MET A 64 6.32 -6.18 0.89
N ALA A 65 5.68 -6.03 2.04
CA ALA A 65 5.89 -6.87 3.18
C ALA A 65 4.57 -7.00 3.90
N ASN A 66 3.73 -7.86 3.31
CA ASN A 66 2.34 -8.10 3.70
C ASN A 66 1.98 -7.61 5.11
N ASP A 67 2.75 -8.02 6.10
CA ASP A 67 2.69 -7.42 7.42
C ASP A 67 3.91 -7.83 8.23
N TYR A 68 5.06 -7.78 7.57
CA TYR A 68 6.33 -8.13 8.19
C TYR A 68 7.00 -6.88 8.73
N GLY A 2 -2.16 -8.89 10.00
CA GLY A 2 -2.64 -7.78 9.14
C GLY A 2 -2.58 -6.45 9.86
N THR A 3 -3.11 -5.41 9.22
CA THR A 3 -3.09 -4.08 9.80
C THR A 3 -4.50 -3.51 9.83
N TYR A 4 -4.60 -2.20 9.73
CA TYR A 4 -5.86 -1.50 9.90
C TYR A 4 -5.95 -0.34 8.92
N ARG A 5 -6.93 0.51 9.14
CA ARG A 5 -7.03 1.77 8.44
C ARG A 5 -7.93 2.73 9.21
N GLY A 6 -7.62 4.02 9.15
CA GLY A 6 -8.42 5.02 9.82
C GLY A 6 -8.52 4.78 11.31
N ARG A 7 -7.39 4.49 11.94
CA ARG A 7 -7.35 4.23 13.37
C ARG A 7 -5.98 4.55 13.94
N GLY A 8 -5.41 5.65 13.46
CA GLY A 8 -4.06 6.00 13.86
C GLY A 8 -3.06 5.06 13.24
N VAL A 9 -3.42 4.51 12.08
CA VAL A 9 -2.57 3.53 11.41
C VAL A 9 -1.20 4.06 11.12
N ALA A 10 -0.23 3.27 11.55
CA ALA A 10 1.15 3.52 11.24
C ALA A 10 1.62 2.47 10.27
N LEU A 11 0.75 1.48 10.03
CA LEU A 11 0.97 0.43 9.06
C LEU A 11 2.26 -0.34 9.43
N THR A 12 2.59 -1.43 8.75
CA THR A 12 3.88 -2.06 8.98
C THR A 12 5.01 -1.09 8.63
N ASP A 13 6.24 -1.47 8.92
CA ASP A 13 7.36 -0.53 8.88
C ASP A 13 7.67 -0.03 7.46
N ASP A 14 7.95 -0.95 6.55
CA ASP A 14 8.37 -0.58 5.20
C ASP A 14 7.28 0.17 4.45
N GLU A 15 6.18 -0.52 4.24
CA GLU A 15 5.04 -0.03 3.44
C GLU A 15 4.63 1.41 3.77
N TYR A 16 4.61 1.80 5.03
CA TYR A 16 4.16 3.16 5.38
C TYR A 16 5.12 4.21 4.81
N ASP A 17 6.38 4.10 5.21
CA ASP A 17 7.44 4.93 4.62
C ASP A 17 7.40 4.89 3.10
N GLU A 18 7.32 3.70 2.56
CA GLU A 18 7.32 3.50 1.13
C GLU A 18 6.01 3.97 0.49
N TRP A 19 4.97 4.16 1.29
CA TRP A 19 3.75 4.84 0.84
C TRP A 19 4.08 6.26 0.44
N ARG A 20 4.97 6.89 1.21
CA ARG A 20 5.42 8.23 0.91
C ARG A 20 6.10 8.26 -0.46
N GLU A 21 6.79 7.17 -0.77
CA GLU A 21 7.37 6.99 -2.10
C GLU A 21 6.29 6.65 -3.13
N HIS A 22 5.31 5.87 -2.69
CA HIS A 22 4.12 5.58 -3.51
C HIS A 22 3.48 6.88 -3.98
N ASN A 23 3.43 7.87 -3.10
CA ASN A 23 2.97 9.21 -3.45
C ASN A 23 3.73 9.74 -4.66
N ALA A 24 5.04 9.69 -4.55
CA ALA A 24 5.91 10.16 -5.62
C ALA A 24 5.76 9.32 -6.89
N SER A 25 6.03 8.03 -6.78
CA SER A 25 6.15 7.15 -7.94
C SER A 25 4.84 6.99 -8.71
N ARG A 26 3.70 7.14 -8.04
CA ARG A 26 2.43 6.95 -8.72
C ARG A 26 1.79 8.27 -9.12
N LYS A 27 2.49 9.36 -8.83
CA LYS A 27 2.05 10.71 -9.20
C LYS A 27 0.65 10.97 -8.67
N LEU A 28 0.51 10.87 -7.37
CA LEU A 28 -0.76 11.05 -6.70
C LEU A 28 -0.50 11.70 -5.35
N ASP A 29 -1.56 11.93 -4.61
CA ASP A 29 -1.46 12.59 -3.32
C ASP A 29 -2.36 11.86 -2.35
N LEU A 30 -2.22 10.56 -2.39
CA LEU A 30 -3.03 9.66 -1.60
C LEU A 30 -2.57 9.69 -0.15
N SER A 31 -3.51 9.50 0.76
CA SER A 31 -3.18 9.40 2.16
C SER A 31 -2.85 7.96 2.51
N VAL A 32 -2.35 7.71 3.70
CA VAL A 32 -1.87 6.39 4.04
C VAL A 32 -3.01 5.38 4.03
N GLU A 33 -4.14 5.80 4.58
CA GLU A 33 -5.31 4.93 4.67
C GLU A 33 -5.61 4.29 3.31
N ASP A 34 -5.66 5.10 2.27
CA ASP A 34 -5.83 4.62 0.91
C ASP A 34 -4.76 3.58 0.54
N PHE A 35 -3.50 3.90 0.84
CA PHE A 35 -2.39 2.98 0.57
C PHE A 35 -2.63 1.67 1.28
N LEU A 36 -2.89 1.78 2.57
CA LEU A 36 -3.06 0.64 3.44
C LEU A 36 -4.10 -0.30 2.87
N MET A 37 -5.11 0.28 2.22
CA MET A 37 -6.14 -0.51 1.53
C MET A 37 -5.53 -1.26 0.35
N LEU A 38 -4.92 -0.49 -0.57
CA LEU A 38 -4.28 -1.06 -1.76
C LEU A 38 -3.38 -2.23 -1.40
N ARG A 39 -2.46 -1.98 -0.50
CA ARG A 39 -1.52 -2.99 -0.05
C ARG A 39 -2.25 -4.14 0.63
N HIS A 40 -3.13 -3.81 1.58
CA HIS A 40 -4.00 -4.80 2.21
C HIS A 40 -4.54 -5.79 1.20
N ARG A 41 -5.26 -5.31 0.20
CA ARG A 41 -5.95 -6.19 -0.72
C ARG A 41 -4.96 -7.12 -1.43
N ALA A 42 -3.84 -6.55 -1.85
CA ALA A 42 -2.76 -7.32 -2.47
C ALA A 42 -2.22 -8.38 -1.50
N ALA A 43 -1.80 -7.94 -0.32
CA ALA A 43 -1.32 -8.83 0.73
C ALA A 43 -2.34 -9.91 1.08
N LEU A 44 -3.58 -9.50 1.27
CA LEU A 44 -4.60 -10.40 1.77
C LEU A 44 -5.15 -11.29 0.66
N GLY A 45 -5.91 -10.71 -0.25
CA GLY A 45 -6.40 -11.46 -1.39
C GLY A 45 -7.60 -10.79 -2.05
N ALA A 46 -7.49 -9.50 -2.30
CA ALA A 46 -8.57 -8.75 -2.91
C ALA A 46 -8.05 -7.95 -4.10
N ASP A 47 -8.88 -7.79 -5.12
CA ASP A 47 -8.42 -7.21 -6.38
C ASP A 47 -9.24 -5.99 -6.80
N ASP A 48 -9.45 -5.06 -5.88
CA ASP A 48 -9.97 -3.75 -6.24
C ASP A 48 -8.95 -3.01 -7.10
N ASN A 49 -9.38 -2.47 -8.23
CA ASN A 49 -8.47 -1.91 -9.22
C ASN A 49 -7.36 -1.03 -8.66
N ASP A 50 -7.64 -0.14 -7.71
CA ASP A 50 -6.60 0.74 -7.20
C ASP A 50 -5.54 -0.09 -6.49
N ALA A 51 -6.02 -1.12 -5.84
CA ALA A 51 -5.14 -2.10 -5.22
C ALA A 51 -4.37 -2.90 -6.25
N VAL A 52 -4.99 -3.16 -7.41
CA VAL A 52 -4.32 -3.97 -8.42
C VAL A 52 -3.24 -3.15 -9.13
N LYS A 53 -3.55 -1.88 -9.38
CA LYS A 53 -2.59 -0.96 -9.95
C LYS A 53 -1.44 -0.75 -8.98
N PHE A 54 -1.77 -0.73 -7.70
CA PHE A 54 -0.77 -0.66 -6.66
C PHE A 54 0.12 -1.87 -6.74
N ARG A 55 -0.51 -3.04 -6.67
CA ARG A 55 0.18 -4.31 -6.79
C ARG A 55 1.08 -4.34 -8.00
N SER A 56 0.51 -4.18 -9.18
CA SER A 56 1.27 -4.23 -10.42
C SER A 56 2.51 -3.33 -10.40
N TRP A 57 2.33 -2.10 -9.98
CA TRP A 57 3.44 -1.14 -9.89
C TRP A 57 4.43 -1.53 -8.80
N TRP A 58 3.91 -1.78 -7.61
CA TRP A 58 4.75 -2.01 -6.43
C TRP A 58 5.41 -3.38 -6.46
N ASN A 59 4.82 -4.32 -7.18
CA ASN A 59 5.33 -5.69 -7.21
C ASN A 59 6.30 -5.90 -8.35
N SER A 60 6.52 -4.87 -9.12
CA SER A 60 7.53 -4.94 -10.15
C SER A 60 8.84 -4.38 -9.62
N ARG A 61 8.72 -3.65 -8.50
CA ARG A 61 9.85 -2.93 -7.92
C ARG A 61 10.25 -3.51 -6.57
N THR A 62 9.33 -3.43 -5.63
CA THR A 62 9.56 -3.84 -4.25
C THR A 62 8.98 -5.21 -3.97
N LYS A 63 7.67 -5.31 -4.23
CA LYS A 63 6.88 -6.47 -3.89
C LYS A 63 6.63 -6.51 -2.39
N MET A 64 6.73 -5.33 -1.78
CA MET A 64 6.38 -5.06 -0.38
C MET A 64 6.88 -6.11 0.62
N ALA A 65 6.33 -6.05 1.82
CA ALA A 65 6.69 -6.92 2.91
C ALA A 65 5.47 -7.19 3.77
N ASN A 66 4.42 -7.65 3.08
CA ASN A 66 3.10 -7.97 3.66
C ASN A 66 2.89 -7.39 5.05
N ASP A 67 3.41 -8.06 6.06
CA ASP A 67 3.44 -7.47 7.39
C ASP A 67 4.68 -7.96 8.13
N TYR A 68 5.78 -8.04 7.39
CA TYR A 68 7.05 -8.48 7.95
C TYR A 68 7.86 -7.29 8.44
N GLY A 2 -1.25 -8.43 10.68
CA GLY A 2 -2.36 -7.71 10.03
C GLY A 2 -2.50 -6.30 10.57
N THR A 3 -2.96 -5.38 9.72
CA THR A 3 -3.11 -4.01 10.11
C THR A 3 -4.55 -3.56 9.93
N TYR A 4 -4.73 -2.27 9.78
CA TYR A 4 -6.06 -1.66 9.80
C TYR A 4 -6.13 -0.53 8.78
N ARG A 5 -7.15 0.29 8.92
CA ARG A 5 -7.23 1.54 8.19
C ARG A 5 -8.22 2.47 8.88
N GLY A 6 -7.96 3.76 8.82
CA GLY A 6 -8.88 4.72 9.41
C GLY A 6 -8.96 4.62 10.92
N ARG A 7 -7.84 4.31 11.55
CA ARG A 7 -7.80 4.18 13.00
C ARG A 7 -6.46 4.66 13.54
N GLY A 8 -5.91 5.71 12.94
CA GLY A 8 -4.62 6.18 13.31
C GLY A 8 -3.55 5.21 12.88
N VAL A 9 -3.84 4.49 11.81
CA VAL A 9 -2.92 3.48 11.27
C VAL A 9 -1.53 4.02 11.04
N ALA A 10 -0.58 3.27 11.52
CA ALA A 10 0.81 3.57 11.30
C ALA A 10 1.40 2.53 10.38
N LEU A 11 0.59 1.51 10.08
CA LEU A 11 0.96 0.45 9.16
C LEU A 11 2.24 -0.24 9.63
N THR A 12 2.80 -1.14 8.85
CA THR A 12 4.10 -1.67 9.16
C THR A 12 5.15 -0.63 8.75
N ASP A 13 6.34 -0.77 9.30
CA ASP A 13 7.35 0.27 9.25
C ASP A 13 7.73 0.65 7.81
N ASP A 14 8.17 -0.32 7.03
CA ASP A 14 8.65 -0.06 5.68
C ASP A 14 7.51 0.45 4.79
N GLU A 15 6.46 -0.34 4.67
CA GLU A 15 5.31 -0.03 3.81
C GLU A 15 4.82 1.41 3.97
N TYR A 16 4.74 1.89 5.20
CA TYR A 16 4.22 3.24 5.48
C TYR A 16 5.17 4.29 4.89
N ASP A 17 6.44 4.18 5.25
CA ASP A 17 7.49 5.01 4.63
C ASP A 17 7.44 4.90 3.10
N GLU A 18 7.29 3.69 2.61
CA GLU A 18 7.23 3.43 1.18
C GLU A 18 5.95 3.98 0.54
N TRP A 19 4.93 4.23 1.37
CA TRP A 19 3.72 4.91 0.90
C TRP A 19 4.06 6.31 0.47
N ARG A 20 4.95 6.93 1.20
CA ARG A 20 5.41 8.27 0.87
C ARG A 20 6.11 8.26 -0.48
N GLU A 21 6.80 7.15 -0.77
CA GLU A 21 7.38 6.97 -2.10
C GLU A 21 6.30 6.64 -3.13
N HIS A 22 5.33 5.81 -2.72
CA HIS A 22 4.16 5.52 -3.56
C HIS A 22 3.51 6.79 -4.07
N ASN A 23 3.37 7.78 -3.19
CA ASN A 23 2.80 9.06 -3.55
C ASN A 23 3.61 9.70 -4.68
N ALA A 24 4.94 9.65 -4.51
CA ALA A 24 5.86 10.18 -5.49
C ALA A 24 5.82 9.39 -6.81
N SER A 25 6.15 8.11 -6.73
CA SER A 25 6.31 7.26 -7.91
C SER A 25 5.05 7.22 -8.78
N ARG A 26 3.89 7.03 -8.17
CA ARG A 26 2.65 6.91 -8.92
C ARG A 26 2.08 8.27 -9.27
N LYS A 27 2.73 9.32 -8.78
CA LYS A 27 2.39 10.70 -9.13
C LYS A 27 0.95 11.03 -8.78
N LEU A 28 0.47 10.42 -7.71
CA LEU A 28 -0.88 10.64 -7.24
C LEU A 28 -0.86 11.42 -5.94
N ASP A 29 -1.99 11.45 -5.27
CA ASP A 29 -2.12 12.12 -3.99
C ASP A 29 -3.01 11.28 -3.10
N LEU A 30 -2.42 10.64 -2.12
CA LEU A 30 -3.18 9.78 -1.22
C LEU A 30 -2.69 9.89 0.19
N SER A 31 -3.55 9.52 1.09
CA SER A 31 -3.19 9.42 2.49
C SER A 31 -2.76 7.99 2.77
N VAL A 32 -2.35 7.71 3.99
CA VAL A 32 -1.80 6.41 4.27
C VAL A 32 -2.89 5.36 4.22
N GLU A 33 -4.05 5.69 4.74
CA GLU A 33 -5.20 4.80 4.74
C GLU A 33 -5.42 4.23 3.35
N ASP A 34 -5.42 5.12 2.35
CA ASP A 34 -5.55 4.74 0.96
C ASP A 34 -4.47 3.74 0.55
N PHE A 35 -3.23 3.98 0.97
CA PHE A 35 -2.14 3.05 0.69
C PHE A 35 -2.44 1.71 1.31
N LEU A 36 -2.76 1.76 2.59
CA LEU A 36 -2.96 0.59 3.41
C LEU A 36 -4.02 -0.29 2.79
N MET A 37 -4.99 0.33 2.13
CA MET A 37 -6.02 -0.40 1.40
C MET A 37 -5.42 -1.16 0.23
N LEU A 38 -4.77 -0.43 -0.68
CA LEU A 38 -4.13 -1.02 -1.85
C LEU A 38 -3.24 -2.20 -1.47
N ARG A 39 -2.33 -1.92 -0.56
CA ARG A 39 -1.44 -2.95 -0.03
C ARG A 39 -2.23 -4.10 0.58
N HIS A 40 -3.12 -3.76 1.52
CA HIS A 40 -4.02 -4.72 2.15
C HIS A 40 -4.59 -5.68 1.12
N ARG A 41 -5.35 -5.16 0.18
CA ARG A 41 -6.11 -6.01 -0.74
C ARG A 41 -5.18 -6.96 -1.47
N ALA A 42 -4.07 -6.43 -1.97
CA ALA A 42 -3.06 -7.21 -2.66
C ALA A 42 -2.50 -8.30 -1.74
N ALA A 43 -2.01 -7.88 -0.57
CA ALA A 43 -1.47 -8.80 0.43
C ALA A 43 -2.47 -9.85 0.87
N LEU A 44 -3.72 -9.45 1.02
CA LEU A 44 -4.75 -10.34 1.53
C LEU A 44 -5.30 -11.22 0.42
N GLY A 45 -6.07 -10.64 -0.47
CA GLY A 45 -6.53 -11.37 -1.64
C GLY A 45 -7.61 -10.64 -2.42
N ALA A 46 -7.81 -9.37 -2.12
CA ALA A 46 -8.84 -8.58 -2.77
C ALA A 46 -8.31 -7.90 -4.02
N ASP A 47 -9.09 -7.93 -5.09
CA ASP A 47 -8.65 -7.42 -6.38
C ASP A 47 -9.42 -6.18 -6.81
N ASP A 48 -9.59 -5.25 -5.88
CA ASP A 48 -10.05 -3.91 -6.25
C ASP A 48 -9.03 -3.30 -7.20
N ASN A 49 -9.38 -2.31 -7.99
CA ASN A 49 -8.50 -2.00 -9.09
C ASN A 49 -7.33 -1.16 -8.64
N ASP A 50 -7.56 -0.23 -7.74
CA ASP A 50 -6.49 0.64 -7.26
C ASP A 50 -5.46 -0.20 -6.57
N ALA A 51 -5.92 -1.29 -5.99
CA ALA A 51 -5.06 -2.25 -5.34
C ALA A 51 -4.30 -3.09 -6.37
N VAL A 52 -4.97 -3.48 -7.45
CA VAL A 52 -4.30 -4.32 -8.44
C VAL A 52 -3.31 -3.49 -9.24
N LYS A 53 -3.65 -2.23 -9.47
CA LYS A 53 -2.75 -1.30 -10.13
C LYS A 53 -1.60 -0.93 -9.19
N PHE A 54 -1.90 -0.88 -7.90
CA PHE A 54 -0.86 -0.73 -6.87
C PHE A 54 0.09 -1.90 -6.96
N ARG A 55 -0.49 -3.09 -6.89
CA ARG A 55 0.24 -4.34 -7.04
C ARG A 55 1.08 -4.32 -8.31
N SER A 56 0.41 -4.14 -9.43
CA SER A 56 1.08 -4.04 -10.75
C SER A 56 2.36 -3.21 -10.69
N TRP A 57 2.27 -2.02 -10.13
CA TRP A 57 3.42 -1.13 -10.03
C TRP A 57 4.38 -1.55 -8.93
N TRP A 58 3.86 -1.76 -7.73
CA TRP A 58 4.68 -1.94 -6.54
C TRP A 58 5.35 -3.31 -6.53
N ASN A 59 4.78 -4.27 -7.24
CA ASN A 59 5.28 -5.63 -7.21
C ASN A 59 6.30 -5.87 -8.30
N SER A 60 6.50 -4.86 -9.10
CA SER A 60 7.52 -4.93 -10.13
C SER A 60 8.83 -4.37 -9.62
N ARG A 61 8.72 -3.64 -8.53
CA ARG A 61 9.86 -2.95 -7.95
C ARG A 61 10.20 -3.52 -6.59
N THR A 62 9.27 -3.37 -5.66
CA THR A 62 9.49 -3.70 -4.26
C THR A 62 8.83 -5.01 -3.86
N LYS A 63 7.51 -5.06 -4.07
CA LYS A 63 6.68 -6.19 -3.69
C LYS A 63 6.43 -6.21 -2.20
N MET A 64 6.60 -5.03 -1.60
CA MET A 64 6.34 -4.79 -0.18
C MET A 64 6.82 -5.94 0.72
N ALA A 65 5.87 -6.47 1.48
CA ALA A 65 6.10 -7.29 2.63
C ALA A 65 4.79 -7.36 3.36
N ASN A 66 4.04 -8.42 3.10
CA ASN A 66 2.67 -8.56 3.61
C ASN A 66 2.66 -8.60 5.14
N ASP A 67 2.83 -7.43 5.75
CA ASP A 67 2.79 -7.25 7.19
C ASP A 67 4.01 -7.91 7.85
N TYR A 68 5.06 -8.12 7.06
CA TYR A 68 6.30 -8.66 7.59
C TYR A 68 7.19 -7.52 8.07
N GLY A 2 -2.07 -8.71 10.89
CA GLY A 2 -2.58 -7.71 9.95
C GLY A 2 -2.60 -6.32 10.54
N THR A 3 -2.85 -5.32 9.72
CA THR A 3 -2.90 -3.95 10.17
C THR A 3 -4.33 -3.45 10.14
N TYR A 4 -4.47 -2.15 9.97
CA TYR A 4 -5.77 -1.51 10.03
C TYR A 4 -5.90 -0.43 8.98
N ARG A 5 -6.91 0.40 9.15
CA ARG A 5 -7.09 1.60 8.36
C ARG A 5 -8.17 2.46 9.01
N GLY A 6 -8.16 3.75 8.72
CA GLY A 6 -9.15 4.66 9.30
C GLY A 6 -8.93 4.83 10.80
N ARG A 7 -7.72 4.54 11.24
CA ARG A 7 -7.34 4.67 12.63
C ARG A 7 -5.93 5.24 12.70
N GLY A 8 -5.31 5.18 13.87
CA GLY A 8 -3.93 5.59 14.00
C GLY A 8 -3.00 4.59 13.35
N VAL A 9 -3.23 4.33 12.07
CA VAL A 9 -2.43 3.36 11.33
C VAL A 9 -1.03 3.86 11.06
N ALA A 10 -0.11 3.04 11.49
CA ALA A 10 1.30 3.23 11.20
C ALA A 10 1.72 2.20 10.18
N LEU A 11 0.76 1.34 9.86
CA LEU A 11 0.92 0.29 8.88
C LEU A 11 2.11 -0.60 9.23
N THR A 12 3.22 -0.36 8.58
CA THR A 12 4.40 -1.12 8.80
C THR A 12 5.57 -0.18 9.07
N ASP A 13 6.75 -0.71 9.22
CA ASP A 13 7.92 0.14 9.23
C ASP A 13 8.29 0.50 7.80
N ASP A 14 8.15 -0.46 6.90
CA ASP A 14 8.62 -0.33 5.53
C ASP A 14 7.58 0.33 4.62
N GLU A 15 6.45 -0.34 4.45
CA GLU A 15 5.43 0.08 3.52
C GLU A 15 4.90 1.48 3.79
N TYR A 16 4.77 1.83 5.06
CA TYR A 16 4.30 3.17 5.42
C TYR A 16 5.26 4.22 4.85
N ASP A 17 6.53 4.12 5.24
CA ASP A 17 7.61 4.88 4.58
C ASP A 17 7.49 4.82 3.06
N GLU A 18 7.27 3.63 2.54
CA GLU A 18 7.21 3.42 1.09
C GLU A 18 5.92 3.98 0.48
N TRP A 19 4.91 4.20 1.31
CA TRP A 19 3.70 4.90 0.88
C TRP A 19 4.06 6.31 0.46
N ARG A 20 4.98 6.90 1.20
CA ARG A 20 5.45 8.24 0.92
C ARG A 20 6.12 8.26 -0.46
N GLU A 21 6.83 7.18 -0.80
CA GLU A 21 7.40 7.04 -2.13
C GLU A 21 6.30 6.72 -3.15
N HIS A 22 5.29 5.98 -2.71
CA HIS A 22 4.12 5.71 -3.53
C HIS A 22 3.48 7.02 -3.99
N ASN A 23 3.52 8.02 -3.10
CA ASN A 23 3.04 9.36 -3.43
C ASN A 23 3.81 9.90 -4.63
N ALA A 24 5.12 9.81 -4.55
CA ALA A 24 6.00 10.26 -5.62
C ALA A 24 5.83 9.45 -6.90
N SER A 25 6.09 8.16 -6.80
CA SER A 25 6.19 7.30 -7.97
C SER A 25 4.88 7.22 -8.76
N ARG A 26 3.75 7.10 -8.06
CA ARG A 26 2.47 6.96 -8.75
C ARG A 26 1.85 8.30 -9.08
N LYS A 27 2.60 9.36 -8.79
CA LYS A 27 2.22 10.73 -9.11
C LYS A 27 0.84 11.07 -8.55
N LEU A 28 0.69 10.89 -7.26
CA LEU A 28 -0.57 11.12 -6.57
C LEU A 28 -0.28 11.71 -5.21
N ASP A 29 -1.31 11.94 -4.44
CA ASP A 29 -1.18 12.57 -3.14
C ASP A 29 -2.06 11.83 -2.18
N LEU A 30 -2.10 10.52 -2.38
CA LEU A 30 -2.94 9.63 -1.62
C LEU A 30 -2.53 9.66 -0.15
N SER A 31 -3.51 9.51 0.72
CA SER A 31 -3.24 9.43 2.13
C SER A 31 -2.83 8.01 2.51
N VAL A 32 -2.50 7.77 3.75
CA VAL A 32 -1.95 6.49 4.14
C VAL A 32 -3.01 5.42 4.09
N GLU A 33 -4.19 5.72 4.63
CA GLU A 33 -5.29 4.78 4.63
C GLU A 33 -5.49 4.19 3.23
N ASP A 34 -5.50 5.06 2.23
CA ASP A 34 -5.60 4.64 0.84
C ASP A 34 -4.51 3.65 0.46
N PHE A 35 -3.27 3.93 0.86
CA PHE A 35 -2.18 2.99 0.62
C PHE A 35 -2.50 1.67 1.26
N LEU A 36 -2.87 1.74 2.53
CA LEU A 36 -3.10 0.58 3.35
C LEU A 36 -4.23 -0.26 2.75
N MET A 37 -5.12 0.38 2.01
CA MET A 37 -6.16 -0.33 1.27
C MET A 37 -5.54 -1.17 0.16
N LEU A 38 -4.85 -0.46 -0.74
CA LEU A 38 -4.20 -1.08 -1.90
C LEU A 38 -3.32 -2.25 -1.49
N ARG A 39 -2.48 -1.99 -0.49
CA ARG A 39 -1.58 -3.01 0.04
C ARG A 39 -2.37 -4.17 0.62
N HIS A 40 -3.19 -3.87 1.62
CA HIS A 40 -4.05 -4.86 2.26
C HIS A 40 -4.70 -5.78 1.24
N ARG A 41 -5.43 -5.21 0.29
CA ARG A 41 -6.23 -6.02 -0.62
C ARG A 41 -5.35 -7.02 -1.35
N ALA A 42 -4.27 -6.53 -1.93
CA ALA A 42 -3.29 -7.36 -2.61
C ALA A 42 -2.72 -8.44 -1.68
N ALA A 43 -2.22 -8.02 -0.52
CA ALA A 43 -1.67 -8.93 0.47
C ALA A 43 -2.67 -9.98 0.93
N LEU A 44 -3.93 -9.59 1.04
CA LEU A 44 -4.95 -10.48 1.58
C LEU A 44 -5.55 -11.35 0.49
N GLY A 45 -6.40 -10.75 -0.34
CA GLY A 45 -6.98 -11.48 -1.46
C GLY A 45 -8.09 -10.71 -2.13
N ALA A 46 -7.94 -9.39 -2.21
CA ALA A 46 -8.94 -8.52 -2.81
C ALA A 46 -8.37 -7.82 -4.03
N ASP A 47 -9.12 -7.83 -5.12
CA ASP A 47 -8.63 -7.31 -6.38
C ASP A 47 -9.40 -6.07 -6.82
N ASP A 48 -9.55 -5.14 -5.89
CA ASP A 48 -10.04 -3.81 -6.23
C ASP A 48 -8.97 -3.12 -7.07
N ASN A 49 -9.34 -2.68 -8.27
CA ASN A 49 -8.38 -2.20 -9.26
C ASN A 49 -7.32 -1.27 -8.72
N ASP A 50 -7.65 -0.39 -7.78
CA ASP A 50 -6.65 0.55 -7.27
C ASP A 50 -5.55 -0.25 -6.58
N ALA A 51 -6.00 -1.26 -5.86
CA ALA A 51 -5.11 -2.18 -5.18
C ALA A 51 -4.33 -3.03 -6.17
N VAL A 52 -4.95 -3.40 -7.30
CA VAL A 52 -4.27 -4.28 -8.24
C VAL A 52 -3.25 -3.49 -9.04
N LYS A 53 -3.55 -2.24 -9.34
CA LYS A 53 -2.61 -1.37 -10.01
C LYS A 53 -1.50 -0.96 -9.06
N PHE A 54 -1.84 -0.87 -7.77
CA PHE A 54 -0.84 -0.73 -6.73
C PHE A 54 0.09 -1.92 -6.80
N ARG A 55 -0.50 -3.10 -6.72
CA ARG A 55 0.22 -4.35 -6.88
C ARG A 55 1.09 -4.34 -8.12
N SER A 56 0.46 -4.17 -9.27
CA SER A 56 1.15 -4.12 -10.56
C SER A 56 2.40 -3.24 -10.51
N TRP A 57 2.26 -2.02 -10.01
CA TRP A 57 3.36 -1.08 -9.93
C TRP A 57 4.35 -1.46 -8.83
N TRP A 58 3.85 -1.68 -7.64
CA TRP A 58 4.68 -1.89 -6.46
C TRP A 58 5.39 -3.23 -6.49
N ASN A 59 4.76 -4.20 -7.13
CA ASN A 59 5.30 -5.55 -7.16
C ASN A 59 6.31 -5.71 -8.28
N SER A 60 6.54 -4.66 -9.01
CA SER A 60 7.55 -4.69 -10.05
C SER A 60 8.86 -4.17 -9.47
N ARG A 61 8.74 -3.52 -8.32
CA ARG A 61 9.84 -2.84 -7.71
C ARG A 61 10.19 -3.47 -6.38
N THR A 62 9.27 -3.36 -5.44
CA THR A 62 9.48 -3.78 -4.06
C THR A 62 8.75 -5.06 -3.72
N LYS A 63 7.44 -5.05 -3.95
CA LYS A 63 6.55 -6.18 -3.66
C LYS A 63 6.25 -6.28 -2.18
N MET A 64 6.62 -5.22 -1.45
CA MET A 64 6.34 -5.07 -0.02
C MET A 64 6.61 -6.36 0.78
N ALA A 65 5.95 -6.45 1.92
CA ALA A 65 6.05 -7.57 2.82
C ALA A 65 4.68 -7.80 3.41
N ASN A 66 3.84 -8.43 2.59
CA ASN A 66 2.39 -8.61 2.83
C ASN A 66 1.97 -8.55 4.29
N ASP A 67 2.63 -9.32 5.13
CA ASP A 67 2.35 -9.28 6.57
C ASP A 67 3.58 -9.70 7.34
N TYR A 68 4.74 -9.47 6.74
CA TYR A 68 6.00 -9.92 7.32
C TYR A 68 6.76 -8.72 7.89
#